data_3BTO
#
_entry.id   3BTO
#
_cell.length_a   49.930
_cell.length_b   180.200
_cell.length_c   86.800
_cell.angle_alpha   90.00
_cell.angle_beta   106.00
_cell.angle_gamma   90.00
#
_symmetry.space_group_name_H-M   'P 1 21 1'
#
loop_
_entity.id
_entity.type
_entity.pdbx_description
1 polymer 'LIVER ALCOHOL DEHYDROGENASE'
2 non-polymer 'ZINC ION'
3 non-polymer NICOTINAMIDE-ADENINE-DINUCLEOTIDE
4 non-polymer '3-BUTYLTHIOLANE 1-OXIDE'
5 water water
#
_entity_poly.entity_id   1
_entity_poly.type   'polypeptide(L)'
_entity_poly.pdbx_seq_one_letter_code
;STAGKVIKCKAAVLWEEKKPFSIEEVEVAPPKAHEVRIKMVATGICRSDDHVVSGTLVTPLPVIAGHEAAGIVESIGEGV
TTVRPGDKVIPLFTPQCGKCRVCKHPEGNFCLKNDLSMPRGTMQDGTSRFTCRGKPIHHFLGTSTFSQYTVVDEISVAKI
DAASPLEKVCLIGCGFSTGYGSAVKVAKVTQGSTCAVFGLGGVGLSVIMGCKAAGAARIIGVDINKDKFAKAKEVGATEC
VNPQDYKKPIQEVLTEMSNGGVDFSFEVIGRLDTMVTALSCCQEAYGVSVIVGVPPDSQNLSMNPMLLLSGRTWKGAIFG
GFKSKDSVPKLVADFMAKKFALDPLITHVLPFEKINEGFDLLRSGESIRTILTF
;
_entity_poly.pdbx_strand_id   A,B,C,D
#
loop_
_chem_comp.id
_chem_comp.type
_chem_comp.name
_chem_comp.formula
NAD non-polymer NICOTINAMIDE-ADENINE-DINUCLEOTIDE 'C21 H27 N7 O14 P2'
SSB non-polymer '3-BUTYLTHIOLANE 1-OXIDE' 'C8 H16 O S'
ZN non-polymer 'ZINC ION' 'Zn 2'
#
# COMPACT_ATOMS: atom_id res chain seq x y z
N SER A 1 -13.87 32.47 47.15
CA SER A 1 -13.08 33.74 47.02
C SER A 1 -12.72 34.03 45.57
N THR A 2 -12.20 33.00 44.88
CA THR A 2 -11.95 33.12 43.45
C THR A 2 -13.09 32.49 42.66
N ALA A 3 -14.07 31.90 43.32
CA ALA A 3 -15.14 31.21 42.62
C ALA A 3 -15.87 32.14 41.65
N GLY A 4 -16.16 31.66 40.43
CA GLY A 4 -16.87 32.52 39.49
C GLY A 4 -16.02 33.59 38.83
N LYS A 5 -14.78 33.78 39.20
CA LYS A 5 -13.87 34.75 38.67
C LYS A 5 -12.75 34.17 37.83
N VAL A 6 -12.28 35.00 36.92
CA VAL A 6 -11.05 34.73 36.19
C VAL A 6 -9.90 34.77 37.18
N ILE A 7 -9.04 33.75 37.18
CA ILE A 7 -7.83 33.75 37.99
C ILE A 7 -6.61 34.13 37.20
N LYS A 8 -5.81 35.07 37.73
CA LYS A 8 -4.50 35.33 37.18
C LYS A 8 -3.50 34.54 37.99
N CYS A 9 -2.66 33.76 37.31
CA CYS A 9 -1.69 32.92 38.00
C CYS A 9 -0.53 32.59 37.10
N LYS A 10 0.51 31.96 37.61
CA LYS A 10 1.68 31.57 36.84
C LYS A 10 1.45 30.17 36.21
N ALA A 11 1.92 30.08 34.98
CA ALA A 11 1.91 28.74 34.33
C ALA A 11 3.17 28.66 33.50
N ALA A 12 3.61 27.45 33.14
CA ALA A 12 4.78 27.25 32.31
C ALA A 12 4.27 27.05 30.88
N VAL A 13 4.37 28.07 30.05
CA VAL A 13 3.80 28.03 28.70
C VAL A 13 4.91 27.61 27.73
N LEU A 14 4.54 26.68 26.83
CA LEU A 14 5.48 26.25 25.80
C LEU A 14 5.08 26.87 24.47
N TRP A 15 5.79 27.94 24.07
CA TRP A 15 5.34 28.68 22.89
C TRP A 15 5.76 28.00 21.60
N GLU A 16 6.93 27.37 21.63
CA GLU A 16 7.50 26.74 20.45
C GLU A 16 8.21 25.44 20.80
N GLU A 17 8.37 24.55 19.80
CA GLU A 17 9.19 23.37 20.05
C GLU A 17 10.64 23.68 20.36
N LYS A 18 11.30 22.83 21.14
CA LYS A 18 12.70 22.85 21.40
C LYS A 18 13.15 24.14 22.08
N LYS A 19 12.30 24.70 22.92
CA LYS A 19 12.61 25.90 23.67
C LYS A 19 12.23 25.64 25.12
N PRO A 20 12.84 26.38 26.00
CA PRO A 20 12.55 26.28 27.43
C PRO A 20 11.10 26.69 27.64
N PHE A 21 10.50 26.20 28.72
CA PHE A 21 9.19 26.66 29.13
C PHE A 21 9.34 28.13 29.56
N SER A 22 8.28 28.87 29.36
CA SER A 22 8.28 30.27 29.79
C SER A 22 7.30 30.38 30.95
N ILE A 23 7.85 30.70 32.14
CA ILE A 23 7.00 30.88 33.31
C ILE A 23 6.33 32.26 33.23
N GLU A 24 5.04 32.31 32.95
CA GLU A 24 4.46 33.66 32.82
C GLU A 24 3.09 33.71 33.47
N GLU A 25 2.54 34.95 33.44
CA GLU A 25 1.18 35.10 33.92
C GLU A 25 0.18 34.62 32.89
N VAL A 26 -0.79 33.81 33.33
CA VAL A 26 -1.89 33.42 32.46
C VAL A 26 -3.22 33.73 33.13
N GLU A 27 -4.31 33.75 32.38
CA GLU A 27 -5.64 33.94 32.88
C GLU A 27 -6.42 32.61 32.71
N VAL A 28 -6.91 32.17 33.86
CA VAL A 28 -7.67 30.90 33.85
C VAL A 28 -9.13 31.16 34.02
N ALA A 29 -9.97 30.88 33.03
CA ALA A 29 -11.41 31.13 33.17
C ALA A 29 -12.06 30.25 34.21
N PRO A 30 -13.15 30.66 34.83
CA PRO A 30 -13.96 29.81 35.68
C PRO A 30 -14.54 28.65 34.89
N PRO A 31 -14.80 27.55 35.61
CA PRO A 31 -15.40 26.38 35.01
C PRO A 31 -16.79 26.59 34.49
N LYS A 32 -17.08 26.06 33.29
CA LYS A 32 -18.41 26.01 32.75
C LYS A 32 -19.09 24.72 33.25
N ALA A 33 -20.29 24.50 32.75
CA ALA A 33 -21.05 23.33 33.20
C ALA A 33 -20.20 22.07 33.00
N HIS A 34 -20.22 21.24 34.03
CA HIS A 34 -19.52 19.94 34.01
C HIS A 34 -18.02 20.10 33.91
N GLU A 35 -17.46 21.19 34.40
CA GLU A 35 -16.03 21.42 34.42
C GLU A 35 -15.58 21.69 35.87
N VAL A 36 -14.32 21.48 36.11
CA VAL A 36 -13.76 21.57 37.47
C VAL A 36 -12.47 22.34 37.43
N ARG A 37 -12.35 23.40 38.29
CA ARG A 37 -11.11 24.15 38.34
C ARG A 37 -10.33 23.73 39.59
N ILE A 38 -9.10 23.35 39.30
CA ILE A 38 -8.17 22.79 40.27
C ILE A 38 -6.97 23.68 40.54
N LYS A 39 -6.73 23.81 41.87
CA LYS A 39 -5.50 24.38 42.35
C LYS A 39 -4.40 23.31 42.44
N MET A 40 -3.38 23.41 41.60
CA MET A 40 -2.35 22.37 41.57
C MET A 40 -1.50 22.38 42.85
N VAL A 41 -1.24 21.17 43.33
CA VAL A 41 -0.37 21.01 44.52
C VAL A 41 0.96 20.43 44.14
N ALA A 42 0.97 19.44 43.21
CA ALA A 42 2.22 18.90 42.74
C ALA A 42 2.12 18.26 41.27
N THR A 43 3.25 18.32 40.64
CA THR A 43 3.13 17.68 39.28
C THR A 43 4.51 17.16 39.02
N GLY A 44 4.47 15.93 38.36
CA GLY A 44 5.73 15.29 38.04
C GLY A 44 6.14 15.55 36.58
N ILE A 45 7.42 15.45 36.36
CA ILE A 45 7.89 15.62 34.98
C ILE A 45 8.05 14.25 34.31
N CYS A 46 7.13 13.93 33.41
CA CYS A 46 7.14 12.64 32.69
C CYS A 46 7.85 12.87 31.37
N ARG A 47 8.54 11.80 30.86
CA ARG A 47 9.16 11.94 29.54
C ARG A 47 8.17 12.36 28.48
N SER A 48 6.89 12.02 28.56
CA SER A 48 5.94 12.47 27.52
C SER A 48 5.81 14.01 27.49
N ASP A 49 6.01 14.67 28.65
CA ASP A 49 5.96 16.14 28.53
C ASP A 49 7.18 16.66 27.81
N ASP A 50 8.32 16.03 27.97
CA ASP A 50 9.52 16.31 27.22
C ASP A 50 9.34 16.02 25.72
N HIS A 51 8.59 14.96 25.41
CA HIS A 51 8.24 14.66 24.03
C HIS A 51 7.45 15.80 23.35
N VAL A 52 6.66 16.56 24.11
CA VAL A 52 5.96 17.71 23.55
C VAL A 52 7.02 18.77 23.18
N VAL A 53 8.02 19.02 23.99
CA VAL A 53 9.09 19.95 23.70
C VAL A 53 9.93 19.52 22.51
N SER A 54 10.25 18.20 22.39
CA SER A 54 11.13 17.79 21.30
C SER A 54 10.37 17.61 20.00
N GLY A 55 9.05 17.60 19.98
CA GLY A 55 8.28 17.32 18.79
C GLY A 55 8.07 15.81 18.54
N THR A 56 8.48 15.01 19.52
CA THR A 56 8.21 13.54 19.41
C THR A 56 6.74 13.27 19.53
N LEU A 57 6.06 13.97 20.45
CA LEU A 57 4.64 13.84 20.67
C LEU A 57 3.99 15.16 20.22
N VAL A 58 3.24 15.10 19.14
CA VAL A 58 2.63 16.27 18.53
C VAL A 58 1.30 16.59 19.11
N THR A 59 1.21 17.90 19.57
CA THR A 59 -0.05 18.44 20.10
C THR A 59 -0.01 19.96 19.77
N PRO A 60 -1.13 20.56 19.61
CA PRO A 60 -1.17 21.99 19.19
C PRO A 60 -0.43 22.90 20.13
N LEU A 61 0.37 23.81 19.60
CA LEU A 61 1.12 24.80 20.38
C LEU A 61 0.48 26.15 20.07
N PRO A 62 0.63 27.14 20.94
CA PRO A 62 1.32 27.06 22.21
C PRO A 62 0.48 26.22 23.17
N VAL A 63 1.11 25.72 24.23
CA VAL A 63 0.36 24.83 25.13
C VAL A 63 0.88 24.97 26.58
N ILE A 64 -0.04 24.63 27.46
CA ILE A 64 0.35 24.36 28.86
C ILE A 64 0.42 22.79 28.96
N ALA A 65 1.63 22.31 28.99
CA ALA A 65 1.75 20.81 29.12
C ALA A 65 1.62 20.39 30.58
N GLY A 66 2.12 19.19 30.89
CA GLY A 66 1.86 18.63 32.21
C GLY A 66 0.61 17.81 32.24
N HIS A 67 0.77 16.53 32.72
CA HIS A 67 -0.34 15.61 32.80
C HIS A 67 -0.32 14.61 33.98
N GLU A 68 0.69 14.68 34.76
CA GLU A 68 0.93 13.77 35.93
C GLU A 68 0.87 14.70 37.21
N ALA A 69 -0.28 14.73 37.82
CA ALA A 69 -0.37 15.75 38.93
C ALA A 69 -1.41 15.36 39.93
N ALA A 70 -1.50 16.25 40.97
CA ALA A 70 -2.57 16.20 41.91
C ALA A 70 -2.83 17.63 42.52
N GLY A 71 -4.12 17.80 42.81
CA GLY A 71 -4.41 19.14 43.38
C GLY A 71 -5.71 19.05 44.16
N ILE A 72 -6.20 20.29 44.44
CA ILE A 72 -7.40 20.48 45.26
C ILE A 72 -8.43 21.29 44.48
N VAL A 73 -9.65 20.87 44.48
CA VAL A 73 -10.70 21.50 43.68
C VAL A 73 -10.93 22.94 44.23
N GLU A 74 -10.81 23.93 43.37
CA GLU A 74 -11.04 25.35 43.77
C GLU A 74 -12.50 25.66 43.60
N SER A 75 -13.17 25.19 42.54
CA SER A 75 -14.55 25.38 42.25
C SER A 75 -15.02 24.42 41.14
N ILE A 76 -16.30 24.26 41.10
CA ILE A 76 -16.99 23.41 40.15
C ILE A 76 -18.02 24.20 39.37
N GLY A 77 -18.23 23.78 38.11
CA GLY A 77 -19.29 24.33 37.28
C GLY A 77 -20.61 23.64 37.62
N GLU A 78 -21.69 24.17 37.06
CA GLU A 78 -23.03 23.64 37.22
C GLU A 78 -23.08 22.19 36.75
N GLY A 79 -23.80 21.38 37.50
CA GLY A 79 -24.03 20.00 37.08
C GLY A 79 -22.93 19.05 37.56
N VAL A 80 -21.78 19.51 38.04
CA VAL A 80 -20.75 18.57 38.50
C VAL A 80 -21.30 17.82 39.70
N THR A 81 -21.11 16.48 39.71
CA THR A 81 -21.62 15.70 40.83
C THR A 81 -20.53 14.89 41.51
N THR A 82 -19.38 14.68 40.87
CA THR A 82 -18.42 13.71 41.38
C THR A 82 -17.32 14.25 42.22
N VAL A 83 -17.17 15.61 42.33
CA VAL A 83 -16.12 16.20 43.12
C VAL A 83 -16.78 17.50 43.68
N ARG A 84 -16.21 17.99 44.74
CA ARG A 84 -16.70 19.23 45.35
C ARG A 84 -15.50 20.06 45.71
N PRO A 85 -15.71 21.38 45.89
CA PRO A 85 -14.65 22.27 46.27
C PRO A 85 -13.98 21.75 47.53
N GLY A 86 -12.67 21.73 47.58
CA GLY A 86 -11.91 21.26 48.71
C GLY A 86 -11.47 19.80 48.59
N ASP A 87 -12.08 19.09 47.64
CA ASP A 87 -11.64 17.69 47.47
C ASP A 87 -10.25 17.60 46.88
N LYS A 88 -9.48 16.55 47.23
CA LYS A 88 -8.22 16.26 46.57
C LYS A 88 -8.53 15.45 45.30
N VAL A 89 -7.79 15.78 44.23
CA VAL A 89 -8.13 15.17 42.92
C VAL A 89 -6.86 14.95 42.13
N ILE A 90 -6.97 14.01 41.15
CA ILE A 90 -5.87 13.74 40.23
C ILE A 90 -6.53 13.83 38.83
N PRO A 91 -6.06 14.78 38.04
CA PRO A 91 -6.54 14.92 36.65
C PRO A 91 -6.25 13.60 35.87
N LEU A 92 -7.14 13.29 34.96
CA LEU A 92 -6.98 12.04 34.18
C LEU A 92 -6.69 12.36 32.68
N PHE A 93 -5.49 12.07 32.25
CA PHE A 93 -5.14 12.41 30.86
C PHE A 93 -5.84 11.47 29.91
N THR A 94 -6.29 10.33 30.41
CA THR A 94 -7.24 9.49 29.63
C THR A 94 -8.54 9.62 30.38
N PRO A 95 -9.58 10.14 29.79
CA PRO A 95 -10.86 10.33 30.41
C PRO A 95 -11.57 8.98 30.62
N GLN A 96 -12.62 9.08 31.41
CA GLN A 96 -13.59 7.97 31.54
C GLN A 96 -15.00 8.51 31.52
N CYS A 97 -15.56 8.62 30.31
CA CYS A 97 -16.90 9.15 30.14
C CYS A 97 -17.93 8.19 30.69
N GLY A 98 -17.61 6.88 30.70
CA GLY A 98 -18.56 5.90 31.21
C GLY A 98 -19.67 5.56 30.24
N LYS A 99 -19.78 6.15 29.08
CA LYS A 99 -20.94 5.96 28.20
C LYS A 99 -20.58 5.35 26.86
N CYS A 100 -19.31 5.45 26.49
CA CYS A 100 -18.92 5.04 25.13
C CYS A 100 -18.71 3.51 25.08
N ARG A 101 -18.53 3.05 23.83
CA ARG A 101 -18.37 1.58 23.69
C ARG A 101 -17.13 1.07 24.35
N VAL A 102 -16.06 1.87 24.44
CA VAL A 102 -14.82 1.47 25.11
C VAL A 102 -15.02 1.47 26.62
N CYS A 103 -15.65 2.56 27.12
CA CYS A 103 -15.84 2.64 28.58
C CYS A 103 -16.71 1.49 29.06
N LYS A 104 -17.66 1.08 28.25
CA LYS A 104 -18.53 -0.04 28.63
C LYS A 104 -17.86 -1.40 28.36
N HIS A 105 -16.75 -1.46 27.67
CA HIS A 105 -16.10 -2.78 27.45
C HIS A 105 -15.29 -3.16 28.66
N PRO A 106 -15.31 -4.43 29.04
CA PRO A 106 -14.61 -4.92 30.22
C PRO A 106 -13.12 -4.68 30.20
N GLU A 107 -12.48 -4.69 29.03
CA GLU A 107 -11.04 -4.49 28.95
C GLU A 107 -10.60 -3.14 28.37
N GLY A 108 -11.50 -2.36 27.85
CA GLY A 108 -11.03 -1.12 27.18
C GLY A 108 -10.82 -0.02 28.22
N ASN A 109 -9.81 0.81 27.99
CA ASN A 109 -9.74 2.04 28.79
C ASN A 109 -9.51 3.27 27.94
N PHE A 110 -9.34 3.17 26.62
CA PHE A 110 -9.01 4.35 25.80
C PHE A 110 -10.28 5.00 25.31
N CYS A 111 -10.93 5.66 26.30
CA CYS A 111 -12.22 6.31 26.16
C CYS A 111 -12.25 7.15 24.89
N LEU A 112 -13.35 7.09 24.20
CA LEU A 112 -13.46 7.79 22.92
C LEU A 112 -13.53 9.29 23.05
N LYS A 113 -13.66 9.78 24.29
CA LYS A 113 -13.56 11.26 24.44
C LYS A 113 -12.15 11.74 24.63
N ASN A 114 -11.13 10.86 24.49
CA ASN A 114 -9.75 11.29 24.62
C ASN A 114 -9.35 12.38 23.65
N ASP A 115 -8.30 13.10 24.01
CA ASP A 115 -7.69 14.12 23.15
C ASP A 115 -6.30 13.68 22.75
N LEU A 116 -6.11 12.35 22.73
CA LEU A 116 -4.78 11.80 22.42
C LEU A 116 -4.66 11.46 20.93
N SER A 117 -5.66 10.81 20.35
CA SER A 117 -5.57 10.37 18.94
C SER A 117 -5.43 11.41 17.88
N MET A 118 -6.27 12.44 17.93
CA MET A 118 -6.38 13.55 16.99
C MET A 118 -6.47 14.82 17.88
N PRO A 119 -5.35 15.20 18.42
CA PRO A 119 -5.31 16.20 19.49
C PRO A 119 -5.81 17.56 19.07
N ARG A 120 -6.78 18.11 19.79
CA ARG A 120 -7.32 19.43 19.54
C ARG A 120 -6.67 20.42 20.54
N GLY A 121 -6.26 19.88 21.68
CA GLY A 121 -5.69 20.78 22.73
C GLY A 121 -6.75 21.66 23.35
N THR A 122 -7.96 21.24 23.49
CA THR A 122 -9.07 21.99 24.02
C THR A 122 -9.71 21.29 25.21
N MET A 123 -10.73 21.96 25.78
CA MET A 123 -11.70 21.32 26.63
C MET A 123 -12.61 20.40 25.81
N GLN A 124 -13.54 19.64 26.38
CA GLN A 124 -14.44 18.84 25.56
C GLN A 124 -15.27 19.68 24.61
N ASP A 125 -15.67 20.90 25.01
CA ASP A 125 -16.47 21.76 24.14
C ASP A 125 -15.69 22.44 23.04
N GLY A 126 -14.42 22.18 22.85
CA GLY A 126 -13.68 22.74 21.75
C GLY A 126 -13.13 24.12 21.95
N THR A 127 -13.18 24.63 23.18
CA THR A 127 -12.57 25.93 23.50
C THR A 127 -11.55 25.81 24.65
N SER A 128 -10.77 26.86 24.91
CA SER A 128 -9.72 26.87 25.88
C SER A 128 -10.16 27.68 27.11
N ARG A 129 -9.63 27.31 28.25
CA ARG A 129 -9.87 28.17 29.44
C ARG A 129 -8.66 29.01 29.74
N PHE A 130 -7.63 29.02 28.94
CA PHE A 130 -6.37 29.68 29.18
C PHE A 130 -6.12 30.83 28.20
N THR A 131 -5.69 31.96 28.75
CA THR A 131 -5.27 33.06 27.86
C THR A 131 -3.90 33.50 28.31
N CYS A 132 -2.96 33.89 27.46
CA CYS A 132 -1.68 34.39 27.87
C CYS A 132 -1.22 35.41 26.83
N ARG A 133 -0.76 36.57 27.33
CA ARG A 133 -0.49 37.66 26.40
C ARG A 133 -1.67 37.98 25.52
N GLY A 134 -2.93 37.83 25.88
CA GLY A 134 -4.08 38.06 25.05
C GLY A 134 -4.45 36.99 24.04
N LYS A 135 -3.68 35.90 23.99
CA LYS A 135 -3.92 34.79 23.07
C LYS A 135 -4.44 33.55 23.82
N PRO A 136 -5.32 32.82 23.20
CA PRO A 136 -5.76 31.51 23.69
C PRO A 136 -4.60 30.51 23.68
N ILE A 137 -4.52 29.67 24.73
CA ILE A 137 -3.38 28.75 24.88
C ILE A 137 -4.01 27.35 24.92
N HIS A 138 -3.38 26.41 24.20
CA HIS A 138 -4.05 25.09 24.21
C HIS A 138 -3.85 24.36 25.56
N HIS A 139 -4.85 23.51 25.77
CA HIS A 139 -4.67 22.50 26.84
C HIS A 139 -3.93 21.29 26.28
N PHE A 140 -3.55 20.40 27.23
CA PHE A 140 -2.84 19.16 26.81
C PHE A 140 -3.52 17.97 27.45
N LEU A 141 -4.13 17.10 26.63
CA LEU A 141 -4.83 15.91 27.06
C LEU A 141 -5.88 16.16 28.11
N GLY A 142 -6.59 17.30 28.05
CA GLY A 142 -7.67 17.59 28.99
C GLY A 142 -7.04 17.74 30.40
N THR A 143 -5.79 18.07 30.56
CA THR A 143 -5.23 18.15 31.91
C THR A 143 -4.47 19.48 32.04
N SER A 144 -3.30 19.65 31.52
CA SER A 144 -2.53 20.89 31.57
C SER A 144 -2.15 21.27 33.02
N THR A 145 -1.27 20.47 33.58
CA THR A 145 -0.95 20.59 34.99
C THR A 145 0.26 21.44 35.27
N PHE A 146 0.90 22.06 34.29
CA PHE A 146 2.05 22.94 34.50
C PHE A 146 1.58 24.39 34.65
N SER A 147 0.68 24.52 35.63
CA SER A 147 0.03 25.81 35.93
C SER A 147 -0.42 25.74 37.38
N GLN A 148 -0.33 26.90 38.07
CA GLN A 148 -0.93 26.94 39.41
C GLN A 148 -2.38 26.59 39.43
N TYR A 149 -3.22 26.86 38.45
CA TYR A 149 -4.59 26.49 38.33
C TYR A 149 -4.90 25.94 36.92
N THR A 150 -5.75 24.92 36.90
CA THR A 150 -6.18 24.42 35.57
C THR A 150 -7.62 24.11 35.66
N VAL A 151 -8.30 23.92 34.52
CA VAL A 151 -9.70 23.62 34.41
C VAL A 151 -9.81 22.33 33.53
N VAL A 152 -10.57 21.38 34.05
CA VAL A 152 -10.66 20.09 33.35
C VAL A 152 -12.12 19.71 33.28
N ASP A 153 -12.49 18.89 32.29
CA ASP A 153 -13.83 18.33 32.25
C ASP A 153 -13.99 17.28 33.37
N GLU A 154 -15.25 17.11 33.76
CA GLU A 154 -15.57 16.21 34.88
C GLU A 154 -15.11 14.78 34.56
N ILE A 155 -15.24 14.38 33.30
CA ILE A 155 -14.81 12.99 32.98
C ILE A 155 -13.31 12.85 33.07
N SER A 156 -12.51 13.90 33.23
CA SER A 156 -11.08 13.92 33.32
C SER A 156 -10.53 14.33 34.73
N VAL A 157 -11.34 13.95 35.72
CA VAL A 157 -10.83 14.12 37.09
C VAL A 157 -11.45 13.06 38.00
N ALA A 158 -10.64 12.64 38.97
CA ALA A 158 -11.08 11.69 39.98
C ALA A 158 -10.84 12.31 41.37
N LYS A 159 -11.83 12.06 42.21
CA LYS A 159 -11.71 12.43 43.63
C LYS A 159 -10.88 11.37 44.36
N ILE A 160 -9.88 11.77 45.10
CA ILE A 160 -9.09 10.77 45.85
C ILE A 160 -9.22 11.00 47.37
N ASP A 161 -8.68 10.05 48.11
CA ASP A 161 -8.69 10.20 49.59
C ASP A 161 -8.25 11.58 50.05
N ALA A 162 -9.06 12.09 51.00
CA ALA A 162 -8.84 13.38 51.62
C ALA A 162 -7.53 13.46 52.36
N ALA A 163 -6.97 12.34 52.86
CA ALA A 163 -5.70 12.41 53.55
C ALA A 163 -4.53 12.03 52.71
N SER A 164 -4.68 11.86 51.37
CA SER A 164 -3.46 11.44 50.66
C SER A 164 -2.40 12.48 50.56
N PRO A 165 -1.13 12.17 50.44
CA PRO A 165 -0.01 13.06 50.26
C PRO A 165 0.13 13.37 48.76
N LEU A 166 -0.34 14.57 48.39
CA LEU A 166 -0.36 14.86 46.93
C LEU A 166 1.00 15.00 46.30
N GLU A 167 2.08 15.25 47.03
CA GLU A 167 3.41 15.34 46.47
C GLU A 167 4.00 13.95 46.07
N LYS A 168 3.38 12.90 46.57
CA LYS A 168 3.63 11.54 46.14
C LYS A 168 2.58 11.02 45.17
N VAL A 169 1.28 11.05 45.47
CA VAL A 169 0.26 10.39 44.69
C VAL A 169 0.00 11.07 43.32
N CYS A 170 0.67 12.16 43.00
CA CYS A 170 0.60 12.69 41.64
C CYS A 170 1.20 11.67 40.66
N LEU A 171 2.16 10.86 41.09
CA LEU A 171 2.67 9.80 40.20
C LEU A 171 1.67 8.78 39.81
N ILE A 172 0.55 8.66 40.48
CA ILE A 172 -0.51 7.74 40.11
C ILE A 172 -1.24 8.29 38.87
N GLY A 173 -1.05 9.59 38.63
CA GLY A 173 -1.65 10.28 37.52
C GLY A 173 -0.97 9.86 36.22
N CYS A 174 0.22 9.29 36.27
CA CYS A 174 0.75 8.76 35.00
C CYS A 174 1.76 7.65 35.22
N GLY A 175 2.97 7.98 35.57
CA GLY A 175 4.09 7.05 35.50
C GLY A 175 3.92 5.76 36.26
N PHE A 176 3.48 5.83 37.53
CA PHE A 176 3.38 4.61 38.31
C PHE A 176 2.26 3.73 37.80
N SER A 177 1.08 4.25 37.53
CA SER A 177 -0.10 3.52 37.12
C SER A 177 0.20 2.86 35.74
N THR A 178 0.84 3.68 34.90
CA THR A 178 1.12 3.14 33.54
C THR A 178 2.02 1.90 33.69
N GLY A 179 3.17 2.07 34.33
CA GLY A 179 4.10 0.91 34.39
C GLY A 179 3.46 -0.28 35.08
N TYR A 180 2.90 0.00 36.28
CA TYR A 180 2.35 -1.09 37.09
C TYR A 180 1.26 -1.81 36.39
N GLY A 181 0.32 -1.11 35.76
CA GLY A 181 -0.81 -1.70 35.07
C GLY A 181 -0.31 -2.42 33.77
N SER A 182 0.78 -1.94 33.21
CA SER A 182 1.26 -2.57 31.97
C SER A 182 1.69 -4.01 32.30
N ALA A 183 2.27 -4.17 33.51
CA ALA A 183 2.65 -5.57 33.92
C ALA A 183 1.46 -6.32 34.44
N VAL A 184 0.72 -5.76 35.41
CA VAL A 184 -0.31 -6.54 36.09
C VAL A 184 -1.60 -6.72 35.33
N LYS A 185 -2.01 -5.76 34.48
CA LYS A 185 -3.28 -5.81 33.82
C LYS A 185 -3.12 -6.15 32.32
N VAL A 186 -2.19 -5.44 31.70
CA VAL A 186 -2.07 -5.56 30.22
C VAL A 186 -1.30 -6.87 29.91
N ALA A 187 -0.10 -7.01 30.35
CA ALA A 187 0.66 -8.25 30.13
C ALA A 187 0.03 -9.38 30.92
N LYS A 188 -0.52 -9.12 32.10
CA LYS A 188 -0.98 -10.17 33.01
C LYS A 188 0.17 -11.12 33.36
N VAL A 189 1.26 -10.57 33.82
CA VAL A 189 2.44 -11.31 34.23
C VAL A 189 2.08 -12.38 35.25
N THR A 190 2.70 -13.55 35.05
CA THR A 190 2.29 -14.72 35.88
C THR A 190 3.38 -15.05 36.89
N GLN A 191 2.92 -15.80 37.91
CA GLN A 191 3.87 -16.19 38.98
C GLN A 191 4.91 -17.14 38.44
N GLY A 192 6.19 -16.89 38.72
CA GLY A 192 7.28 -17.75 38.29
C GLY A 192 7.85 -17.46 36.91
N SER A 193 7.28 -16.42 36.28
CA SER A 193 7.71 -16.06 34.93
C SER A 193 8.98 -15.26 34.86
N THR A 194 9.51 -15.09 33.64
CA THR A 194 10.69 -14.28 33.39
C THR A 194 10.26 -13.06 32.54
N CYS A 195 10.62 -11.88 33.04
CA CYS A 195 10.31 -10.63 32.35
C CYS A 195 11.56 -9.88 31.95
N ALA A 196 11.47 -9.13 30.81
CA ALA A 196 12.51 -8.21 30.39
C ALA A 196 11.94 -6.77 30.23
N VAL A 197 12.52 -5.83 30.95
CA VAL A 197 11.98 -4.43 30.92
C VAL A 197 12.96 -3.50 30.32
N PHE A 198 12.63 -2.95 29.10
CA PHE A 198 13.55 -2.12 28.35
C PHE A 198 13.32 -0.63 28.72
N GLY A 199 14.25 -0.06 29.45
CA GLY A 199 14.03 1.37 29.85
C GLY A 199 13.72 1.36 31.35
N LEU A 200 14.66 2.00 32.10
CA LEU A 200 14.57 1.97 33.55
C LEU A 200 14.39 3.36 34.18
N GLY A 201 13.55 4.14 33.53
CA GLY A 201 13.12 5.43 34.09
C GLY A 201 11.94 5.17 34.98
N GLY A 202 11.20 6.27 35.31
CA GLY A 202 10.09 6.07 36.23
C GLY A 202 9.09 5.03 35.84
N VAL A 203 8.77 5.03 34.50
CA VAL A 203 7.75 4.10 34.07
C VAL A 203 8.35 2.65 34.01
N GLY A 204 9.56 2.54 33.61
CA GLY A 204 10.15 1.16 33.52
C GLY A 204 10.33 0.57 34.92
N LEU A 205 10.63 1.48 35.89
CA LEU A 205 10.76 0.98 37.28
C LEU A 205 9.41 0.57 37.80
N SER A 206 8.33 1.29 37.39
CA SER A 206 7.00 0.88 37.80
C SER A 206 6.60 -0.48 37.23
N VAL A 207 6.94 -0.66 35.95
CA VAL A 207 6.80 -1.98 35.32
C VAL A 207 7.49 -3.06 36.20
N ILE A 208 8.72 -2.80 36.57
CA ILE A 208 9.41 -3.78 37.45
C ILE A 208 8.58 -4.04 38.69
N MET A 209 8.13 -2.93 39.36
CA MET A 209 7.31 -3.17 40.55
C MET A 209 6.15 -4.07 40.29
N GLY A 210 5.43 -3.92 39.12
CA GLY A 210 4.24 -4.70 38.88
C GLY A 210 4.70 -6.18 38.56
N CYS A 211 5.81 -6.35 37.93
CA CYS A 211 6.27 -7.72 37.60
C CYS A 211 6.60 -8.48 38.90
N LYS A 212 7.22 -7.74 39.84
CA LYS A 212 7.49 -8.33 41.17
C LYS A 212 6.24 -8.66 41.96
N ALA A 213 5.28 -7.73 41.99
CA ALA A 213 3.99 -7.93 42.61
C ALA A 213 3.25 -9.11 42.00
N ALA A 214 3.41 -9.34 40.68
CA ALA A 214 2.74 -10.48 40.03
C ALA A 214 3.49 -11.80 40.33
N GLY A 215 4.65 -11.74 40.97
CA GLY A 215 5.31 -13.00 41.36
C GLY A 215 6.27 -13.49 40.28
N ALA A 216 6.68 -12.62 39.35
CA ALA A 216 7.73 -13.01 38.40
C ALA A 216 8.95 -13.52 39.17
N ALA A 217 9.59 -14.57 38.61
CA ALA A 217 10.81 -15.09 39.23
C ALA A 217 12.04 -14.33 38.83
N ARG A 218 12.13 -13.84 37.59
CA ARG A 218 13.31 -13.17 37.07
C ARG A 218 12.81 -11.91 36.33
N ILE A 219 13.46 -10.80 36.59
CA ILE A 219 13.03 -9.53 35.98
C ILE A 219 14.32 -8.88 35.52
N ILE A 220 14.59 -8.87 34.21
CA ILE A 220 15.83 -8.42 33.66
C ILE A 220 15.65 -6.97 33.15
N GLY A 221 16.33 -6.06 33.83
CA GLY A 221 16.24 -4.64 33.44
C GLY A 221 17.23 -4.34 32.36
N VAL A 222 16.85 -3.61 31.30
CA VAL A 222 17.74 -3.30 30.19
C VAL A 222 17.80 -1.77 30.02
N ASP A 223 18.97 -1.19 29.99
CA ASP A 223 19.13 0.24 29.82
C ASP A 223 20.55 0.45 29.31
N ILE A 224 20.77 1.47 28.50
CA ILE A 224 22.07 1.88 28.06
C ILE A 224 22.76 2.78 29.10
N ASN A 225 22.02 3.24 30.10
CA ASN A 225 22.61 4.04 31.17
C ASN A 225 22.76 3.17 32.41
N LYS A 226 23.97 2.70 32.69
CA LYS A 226 24.18 1.80 33.83
C LYS A 226 23.99 2.44 35.18
N ASP A 227 23.82 3.76 35.24
CA ASP A 227 23.46 4.44 36.49
C ASP A 227 22.03 4.16 36.90
N LYS A 228 21.21 3.56 36.02
CA LYS A 228 19.84 3.25 36.35
C LYS A 228 19.67 1.90 37.03
N PHE A 229 20.73 1.06 37.03
CA PHE A 229 20.62 -0.30 37.52
C PHE A 229 20.37 -0.50 39.00
N ALA A 230 21.05 0.31 39.82
CA ALA A 230 20.92 0.16 41.28
C ALA A 230 19.50 0.28 41.75
N LYS A 231 18.76 1.30 41.26
CA LYS A 231 17.37 1.51 41.69
C LYS A 231 16.49 0.42 41.09
N ALA A 232 16.79 0.01 39.86
CA ALA A 232 16.02 -1.08 39.25
C ALA A 232 16.17 -2.34 40.09
N LYS A 233 17.36 -2.65 40.57
CA LYS A 233 17.45 -3.82 41.47
C LYS A 233 16.76 -3.60 42.80
N GLU A 234 16.75 -2.34 43.33
CA GLU A 234 16.04 -2.11 44.59
C GLU A 234 14.54 -2.38 44.47
N VAL A 235 13.91 -2.10 43.31
CA VAL A 235 12.48 -2.33 43.23
C VAL A 235 12.13 -3.68 42.58
N GLY A 236 13.14 -4.53 42.35
CA GLY A 236 12.81 -5.89 41.93
C GLY A 236 13.62 -6.50 40.79
N ALA A 237 14.44 -5.74 40.07
CA ALA A 237 15.13 -6.38 38.95
C ALA A 237 16.10 -7.42 39.56
N THR A 238 16.12 -8.62 38.97
CA THR A 238 17.02 -9.65 39.52
C THR A 238 18.35 -9.56 38.82
N GLU A 239 18.38 -9.04 37.58
CA GLU A 239 19.56 -8.75 36.79
C GLU A 239 19.36 -7.49 35.93
N CYS A 240 20.44 -6.83 35.57
CA CYS A 240 20.38 -5.71 34.64
C CYS A 240 21.46 -5.86 33.57
N VAL A 241 21.13 -5.55 32.30
CA VAL A 241 22.10 -5.67 31.21
C VAL A 241 22.16 -4.37 30.43
N ASN A 242 23.34 -3.93 30.06
CA ASN A 242 23.45 -2.77 29.19
C ASN A 242 23.82 -3.29 27.81
N PRO A 243 23.03 -3.05 26.80
CA PRO A 243 23.29 -3.41 25.43
C PRO A 243 24.66 -3.02 24.92
N GLN A 244 25.27 -1.95 25.38
CA GLN A 244 26.57 -1.48 24.93
C GLN A 244 27.75 -2.34 25.39
N ASP A 245 27.53 -3.17 26.40
CA ASP A 245 28.53 -4.07 26.92
C ASP A 245 28.65 -5.37 26.10
N TYR A 246 27.73 -5.62 25.20
CA TYR A 246 27.74 -6.86 24.42
C TYR A 246 28.06 -6.66 22.95
N LYS A 247 28.73 -7.66 22.35
CA LYS A 247 29.00 -7.63 20.92
C LYS A 247 27.81 -8.04 20.08
N LYS A 248 26.89 -8.84 20.60
CA LYS A 248 25.71 -9.25 19.85
C LYS A 248 24.47 -8.49 20.31
N PRO A 249 23.50 -8.37 19.41
CA PRO A 249 22.26 -7.65 19.63
C PRO A 249 21.64 -8.09 20.95
N ILE A 250 21.00 -7.16 21.67
CA ILE A 250 20.50 -7.54 23.00
C ILE A 250 19.40 -8.57 22.92
N GLN A 251 18.62 -8.69 21.83
CA GLN A 251 17.57 -9.69 21.80
C GLN A 251 18.22 -11.10 21.81
N GLU A 252 19.39 -11.22 21.26
CA GLU A 252 20.10 -12.51 21.31
C GLU A 252 20.54 -12.90 22.71
N VAL A 253 21.15 -11.92 23.38
CA VAL A 253 21.61 -12.03 24.76
C VAL A 253 20.45 -12.41 25.66
N LEU A 254 19.34 -11.65 25.55
CA LEU A 254 18.18 -11.97 26.39
C LEU A 254 17.57 -13.33 26.11
N THR A 255 17.50 -13.69 24.82
CA THR A 255 17.02 -15.03 24.46
C THR A 255 17.89 -16.12 25.08
N GLU A 256 19.19 -15.93 25.12
CA GLU A 256 20.10 -16.91 25.70
C GLU A 256 19.99 -16.98 27.22
N MET A 257 19.95 -15.79 27.84
CA MET A 257 19.83 -15.70 29.29
C MET A 257 18.56 -16.35 29.79
N SER A 258 17.49 -16.28 29.00
CA SER A 258 16.22 -16.87 29.39
C SER A 258 15.96 -18.24 28.79
N ASN A 259 17.00 -18.85 28.25
CA ASN A 259 16.98 -20.23 27.76
C ASN A 259 15.92 -20.45 26.71
N GLY A 260 15.84 -19.48 25.79
CA GLY A 260 14.92 -19.54 24.67
C GLY A 260 13.96 -18.37 24.50
N GLY A 261 14.05 -17.33 25.34
CA GLY A 261 13.16 -16.15 25.21
C GLY A 261 12.32 -15.95 26.47
N VAL A 262 12.05 -14.67 26.81
CA VAL A 262 11.32 -14.38 28.03
C VAL A 262 9.84 -14.56 27.87
N ASP A 263 9.11 -14.63 29.01
CA ASP A 263 7.69 -14.79 29.02
C ASP A 263 7.03 -13.48 28.58
N PHE A 264 7.51 -12.42 29.24
CA PHE A 264 6.89 -11.09 29.03
C PHE A 264 7.98 -10.08 28.78
N SER A 265 7.87 -9.16 27.78
CA SER A 265 8.87 -8.15 27.55
C SER A 265 8.08 -6.80 27.36
N PHE A 266 8.74 -5.76 27.76
CA PHE A 266 8.12 -4.43 27.85
C PHE A 266 9.03 -3.40 27.25
N GLU A 267 8.58 -2.59 26.25
CA GLU A 267 9.37 -1.52 25.70
C GLU A 267 8.84 -0.23 26.39
N VAL A 268 9.74 0.34 27.17
CA VAL A 268 9.36 1.48 28.03
C VAL A 268 10.35 2.60 27.78
N ILE A 269 10.64 2.85 26.49
CA ILE A 269 11.61 3.84 26.08
C ILE A 269 10.96 4.85 25.11
N GLY A 270 10.65 4.35 23.92
CA GLY A 270 9.94 5.08 22.87
C GLY A 270 10.78 5.06 21.59
N ARG A 271 11.36 3.91 21.27
CA ARG A 271 12.14 3.81 20.03
C ARG A 271 11.58 2.68 19.14
N LEU A 272 11.52 2.98 17.82
CA LEU A 272 11.00 1.90 16.97
C LEU A 272 11.91 0.67 17.09
N ASP A 273 13.20 0.83 17.10
CA ASP A 273 14.13 -0.32 17.09
C ASP A 273 14.07 -1.13 18.36
N THR A 274 13.79 -0.52 19.53
CA THR A 274 13.66 -1.32 20.74
C THR A 274 12.31 -1.99 20.76
N MET A 275 11.29 -1.40 20.09
CA MET A 275 9.98 -2.03 20.08
C MET A 275 10.15 -3.42 19.40
N VAL A 276 10.80 -3.39 18.24
CA VAL A 276 11.04 -4.70 17.57
C VAL A 276 11.96 -5.60 18.37
N THR A 277 13.05 -5.08 18.92
CA THR A 277 13.94 -5.90 19.76
C THR A 277 13.22 -6.56 20.92
N ALA A 278 12.36 -5.75 21.59
CA ALA A 278 11.60 -6.26 22.70
C ALA A 278 10.66 -7.36 22.27
N LEU A 279 10.01 -7.23 21.12
CA LEU A 279 9.14 -8.29 20.62
C LEU A 279 9.99 -9.54 20.31
N SER A 280 11.13 -9.27 19.72
CA SER A 280 11.93 -10.48 19.34
C SER A 280 12.36 -11.27 20.56
N CYS A 281 12.71 -10.61 21.68
CA CYS A 281 13.27 -11.34 22.83
C CYS A 281 12.26 -12.13 23.60
N CYS A 282 10.97 -12.04 23.41
CA CYS A 282 9.99 -12.86 24.10
C CYS A 282 9.86 -14.20 23.34
N GLN A 283 9.53 -15.22 24.13
CA GLN A 283 9.65 -16.59 23.51
C GLN A 283 8.76 -16.63 22.28
N GLU A 284 9.29 -17.27 21.19
CA GLU A 284 8.54 -17.23 19.94
C GLU A 284 7.20 -17.85 19.93
N ALA A 285 6.91 -18.91 20.75
CA ALA A 285 5.62 -19.56 20.70
C ALA A 285 4.57 -19.03 21.68
N TYR A 286 5.03 -18.47 22.80
CA TYR A 286 3.99 -18.03 23.77
C TYR A 286 4.38 -16.72 24.47
N GLY A 287 5.44 -16.08 24.05
CA GLY A 287 5.87 -14.80 24.64
C GLY A 287 4.87 -13.70 24.34
N VAL A 288 4.88 -12.71 25.27
CA VAL A 288 3.98 -11.55 25.14
C VAL A 288 4.86 -10.32 25.27
N SER A 289 4.66 -9.33 24.38
CA SER A 289 5.49 -8.12 24.48
C SER A 289 4.56 -6.90 24.47
N VAL A 290 4.78 -6.00 25.45
CA VAL A 290 3.89 -4.81 25.59
C VAL A 290 4.66 -3.54 25.30
N ILE A 291 4.12 -2.75 24.37
CA ILE A 291 4.70 -1.44 24.01
C ILE A 291 4.06 -0.40 24.99
N VAL A 292 5.02 0.23 25.65
CA VAL A 292 4.58 1.33 26.57
C VAL A 292 5.25 2.65 26.13
N GLY A 293 6.43 2.67 25.57
CA GLY A 293 7.13 3.85 25.06
C GLY A 293 6.36 4.54 23.94
N VAL A 294 6.49 5.89 23.93
CA VAL A 294 5.84 6.68 22.88
C VAL A 294 6.88 7.02 21.80
N PRO A 295 6.60 6.53 20.59
CA PRO A 295 7.52 6.67 19.47
C PRO A 295 7.32 8.00 18.75
N PRO A 296 8.31 8.39 18.00
CA PRO A 296 8.32 9.65 17.25
C PRO A 296 7.12 9.72 16.33
N ASP A 297 6.40 10.85 16.38
CA ASP A 297 5.15 10.99 15.68
C ASP A 297 5.17 10.61 14.17
N SER A 298 4.16 9.88 13.79
CA SER A 298 3.91 9.52 12.39
C SER A 298 4.98 8.62 11.80
N GLN A 299 5.84 7.97 12.56
CA GLN A 299 6.89 7.16 11.99
C GLN A 299 6.53 5.65 12.14
N ASN A 300 6.78 4.94 11.03
CA ASN A 300 6.48 3.52 11.04
C ASN A 300 7.71 2.69 11.36
N LEU A 301 7.45 1.55 12.02
CA LEU A 301 8.49 0.55 12.19
C LEU A 301 8.32 -0.52 11.07
N SER A 302 9.41 -1.26 10.93
CA SER A 302 9.42 -2.40 9.98
C SER A 302 9.72 -3.68 10.75
N MET A 303 8.88 -4.71 10.52
CA MET A 303 9.17 -5.95 11.25
C MET A 303 8.73 -7.14 10.38
N ASN A 304 9.28 -8.29 10.77
CA ASN A 304 8.95 -9.53 10.05
C ASN A 304 7.82 -10.26 10.77
N PRO A 305 6.71 -10.45 10.12
CA PRO A 305 5.46 -10.96 10.67
C PRO A 305 5.63 -12.45 11.09
N MET A 306 6.74 -13.07 10.68
CA MET A 306 7.03 -14.40 11.23
C MET A 306 7.27 -14.37 12.75
N LEU A 307 7.63 -13.20 13.29
CA LEU A 307 7.75 -13.11 14.76
C LEU A 307 6.41 -13.36 15.41
N LEU A 308 5.30 -12.98 14.78
CA LEU A 308 3.99 -13.16 15.31
C LEU A 308 3.46 -14.56 14.94
N LEU A 309 3.67 -14.99 13.69
CA LEU A 309 3.06 -16.26 13.27
C LEU A 309 3.48 -17.47 14.09
N SER A 310 4.65 -17.44 14.68
CA SER A 310 5.09 -18.52 15.55
C SER A 310 4.29 -18.56 16.86
N GLY A 311 3.64 -17.44 17.25
CA GLY A 311 2.78 -17.53 18.43
C GLY A 311 2.95 -16.29 19.36
N ARG A 312 3.86 -15.40 19.03
CA ARG A 312 3.97 -14.23 19.97
C ARG A 312 2.71 -13.39 19.95
N THR A 313 2.56 -12.66 21.07
CA THR A 313 1.44 -11.70 21.24
C THR A 313 2.11 -10.33 21.43
N TRP A 314 1.63 -9.35 20.65
CA TRP A 314 2.21 -8.00 20.73
C TRP A 314 1.05 -7.07 21.08
N LYS A 315 1.25 -6.25 22.11
CA LYS A 315 0.16 -5.32 22.42
C LYS A 315 0.75 -4.02 23.00
N GLY A 316 -0.19 -3.07 23.04
CA GLY A 316 0.30 -1.80 23.66
C GLY A 316 -0.83 -1.34 24.59
N ALA A 317 -0.54 -0.24 25.33
CA ALA A 317 -1.65 0.36 26.11
C ALA A 317 -1.20 1.79 26.56
N ILE A 318 -2.27 2.50 26.89
CA ILE A 318 -2.11 3.84 27.47
C ILE A 318 -2.49 3.67 28.96
N PHE A 319 -1.69 4.33 29.80
CA PHE A 319 -2.09 4.40 31.23
C PHE A 319 -2.24 2.99 31.83
N GLY A 320 -1.35 2.08 31.44
CA GLY A 320 -1.37 0.71 31.99
C GLY A 320 -2.68 0.01 31.87
N GLY A 321 -3.55 0.34 30.91
CA GLY A 321 -4.82 -0.32 30.70
C GLY A 321 -5.90 -0.10 31.75
N PHE A 322 -5.62 0.88 32.65
CA PHE A 322 -6.66 1.16 33.66
C PHE A 322 -7.77 2.11 33.22
N LYS A 323 -9.01 1.78 33.49
CA LYS A 323 -10.15 2.66 33.33
C LYS A 323 -9.90 3.77 34.37
N SER A 324 -9.66 5.00 33.94
CA SER A 324 -8.92 5.94 34.75
C SER A 324 -9.74 6.41 35.96
N LYS A 325 -10.99 6.72 35.81
CA LYS A 325 -11.72 7.32 36.96
C LYS A 325 -12.20 6.25 37.95
N ASP A 326 -12.35 5.00 37.48
CA ASP A 326 -12.58 3.94 38.46
C ASP A 326 -11.28 3.63 39.18
N SER A 327 -10.15 3.58 38.50
CA SER A 327 -8.93 3.01 39.03
C SER A 327 -8.13 3.89 39.94
N VAL A 328 -8.06 5.21 39.57
CA VAL A 328 -7.19 6.11 40.29
C VAL A 328 -7.49 6.23 41.82
N PRO A 329 -8.72 6.32 42.20
CA PRO A 329 -9.02 6.44 43.64
C PRO A 329 -8.68 5.12 44.37
N LYS A 330 -8.87 4.00 43.66
CA LYS A 330 -8.48 2.71 44.27
C LYS A 330 -7.00 2.59 44.39
N LEU A 331 -6.20 3.03 43.40
CA LEU A 331 -4.77 3.04 43.47
C LEU A 331 -4.25 3.88 44.65
N VAL A 332 -4.92 5.06 44.79
CA VAL A 332 -4.53 5.92 45.92
C VAL A 332 -4.90 5.15 47.22
N ALA A 333 -6.04 4.55 47.26
CA ALA A 333 -6.40 3.80 48.51
C ALA A 333 -5.34 2.78 48.83
N ASP A 334 -4.97 1.97 47.80
CA ASP A 334 -3.91 0.98 47.96
C ASP A 334 -2.59 1.55 48.35
N PHE A 335 -2.19 2.73 47.88
CA PHE A 335 -0.94 3.36 48.23
C PHE A 335 -0.99 3.74 49.74
N MET A 336 -2.19 4.20 50.14
CA MET A 336 -2.32 4.62 51.55
C MET A 336 -2.30 3.38 52.47
N ALA A 337 -2.69 2.22 51.98
CA ALA A 337 -2.53 0.97 52.73
C ALA A 337 -1.16 0.34 52.52
N LYS A 338 -0.25 1.00 51.86
CA LYS A 338 1.10 0.63 51.59
C LYS A 338 1.18 -0.66 50.75
N LYS A 339 0.22 -0.82 49.85
CA LYS A 339 0.32 -1.98 48.92
C LYS A 339 1.44 -1.83 47.92
N PHE A 340 1.83 -0.62 47.54
CA PHE A 340 2.98 -0.37 46.70
C PHE A 340 3.69 0.87 47.20
N ALA A 341 4.88 1.16 46.76
CA ALA A 341 5.69 2.29 47.12
C ALA A 341 5.75 3.28 45.95
N LEU A 342 5.88 4.57 46.22
CA LEU A 342 6.11 5.61 45.21
C LEU A 342 7.41 6.31 45.40
N ASP A 343 7.94 6.32 46.69
CA ASP A 343 9.22 6.95 46.94
C ASP A 343 10.42 6.56 46.13
N PRO A 344 10.60 5.29 45.74
CA PRO A 344 11.71 4.90 44.88
C PRO A 344 11.75 5.56 43.50
N LEU A 345 10.63 6.08 43.04
CA LEU A 345 10.52 6.82 41.78
C LEU A 345 10.88 8.29 41.91
N ILE A 346 10.83 8.79 43.18
CA ILE A 346 11.10 10.23 43.32
C ILE A 346 12.54 10.51 43.69
N THR A 347 13.32 11.15 42.84
CA THR A 347 14.72 11.37 43.07
C THR A 347 14.97 12.83 43.45
N HIS A 348 14.06 13.68 43.00
CA HIS A 348 14.26 15.13 43.09
C HIS A 348 12.92 15.82 43.34
N VAL A 349 12.94 16.86 44.17
CA VAL A 349 11.75 17.68 44.45
C VAL A 349 12.20 19.13 44.25
N LEU A 350 11.47 19.89 43.45
CA LEU A 350 11.81 21.29 43.17
C LEU A 350 10.54 22.10 43.16
N PRO A 351 10.66 23.40 43.41
CA PRO A 351 9.54 24.31 43.27
C PRO A 351 9.20 24.41 41.78
N PHE A 352 7.92 24.59 41.51
CA PHE A 352 7.42 24.77 40.15
C PHE A 352 8.19 25.73 39.30
N GLU A 353 8.61 26.91 39.83
CA GLU A 353 9.39 27.86 39.05
C GLU A 353 10.67 27.33 38.48
N LYS A 354 11.21 26.21 38.97
CA LYS A 354 12.44 25.63 38.49
C LYS A 354 12.13 24.46 37.53
N ILE A 355 10.97 24.53 36.88
CA ILE A 355 10.61 23.49 35.88
C ILE A 355 11.67 23.25 34.84
N ASN A 356 12.34 24.27 34.31
CA ASN A 356 13.38 24.02 33.31
C ASN A 356 14.53 23.22 33.87
N GLU A 357 14.97 23.51 35.12
CA GLU A 357 15.95 22.68 35.78
C GLU A 357 15.46 21.22 35.89
N GLY A 358 14.20 21.02 36.19
CA GLY A 358 13.59 19.70 36.28
C GLY A 358 13.71 18.98 34.93
N PHE A 359 13.45 19.69 33.83
CA PHE A 359 13.59 19.01 32.51
C PHE A 359 15.05 18.77 32.20
N ASP A 360 15.97 19.61 32.66
CA ASP A 360 17.38 19.35 32.43
C ASP A 360 17.86 18.11 33.18
N LEU A 361 17.33 17.91 34.38
CA LEU A 361 17.68 16.74 35.16
C LEU A 361 17.21 15.48 34.40
N LEU A 362 15.98 15.54 33.86
CA LEU A 362 15.51 14.35 33.14
C LEU A 362 16.37 14.13 31.91
N ARG A 363 16.62 15.19 31.12
CA ARG A 363 17.38 15.03 29.89
C ARG A 363 18.83 14.62 30.05
N SER A 364 19.49 14.93 31.17
CA SER A 364 20.86 14.54 31.41
C SER A 364 20.97 13.09 31.88
N GLY A 365 19.88 12.44 32.22
CA GLY A 365 19.93 11.06 32.71
C GLY A 365 19.98 11.00 34.23
N GLU A 366 20.05 12.15 34.88
CA GLU A 366 20.24 12.17 36.32
C GLU A 366 19.02 11.77 37.12
N SER A 367 17.81 12.19 36.74
CA SER A 367 16.66 11.90 37.57
C SER A 367 15.81 10.73 37.10
N ILE A 368 14.93 10.30 37.98
CA ILE A 368 13.80 9.43 37.62
C ILE A 368 12.59 10.37 37.53
N ARG A 369 11.91 10.64 38.64
CA ARG A 369 10.86 11.65 38.68
C ARG A 369 11.25 12.83 39.56
N THR A 370 11.32 14.00 38.95
CA THR A 370 11.30 15.26 39.71
C THR A 370 9.84 15.62 39.95
N ILE A 371 9.47 15.89 41.20
CA ILE A 371 8.16 16.37 41.55
C ILE A 371 8.24 17.90 41.74
N LEU A 372 7.39 18.63 41.02
CA LEU A 372 7.38 20.10 41.17
C LEU A 372 6.26 20.49 42.10
N THR A 373 6.56 21.34 43.12
CA THR A 373 5.53 21.75 44.07
C THR A 373 5.19 23.23 43.84
N PHE A 374 3.93 23.52 44.02
CA PHE A 374 3.41 24.87 43.71
C PHE A 374 3.41 25.79 44.92
N SER B 1 -13.95 49.88 7.67
CA SER B 1 -13.11 51.09 7.50
C SER B 1 -12.79 51.33 6.02
N THR B 2 -12.25 50.32 5.34
CA THR B 2 -11.98 50.45 3.90
C THR B 2 -13.11 49.77 3.12
N ALA B 3 -14.01 49.11 3.83
CA ALA B 3 -15.07 48.35 3.20
C ALA B 3 -15.96 49.26 2.35
N GLY B 4 -16.35 48.72 1.20
CA GLY B 4 -17.13 49.49 0.24
C GLY B 4 -16.34 50.54 -0.54
N LYS B 5 -15.09 50.83 -0.26
CA LYS B 5 -14.39 51.87 -1.00
C LYS B 5 -13.19 51.31 -1.76
N VAL B 6 -12.83 52.08 -2.77
CA VAL B 6 -11.59 51.82 -3.48
C VAL B 6 -10.40 51.93 -2.53
N ILE B 7 -9.43 51.00 -2.64
CA ILE B 7 -8.22 51.08 -1.86
C ILE B 7 -7.06 51.50 -2.74
N LYS B 8 -6.30 52.54 -2.34
CA LYS B 8 -5.06 52.84 -3.02
C LYS B 8 -3.95 52.12 -2.29
N CYS B 9 -3.13 51.32 -2.98
CA CYS B 9 -2.07 50.57 -2.32
C CYS B 9 -0.96 50.23 -3.28
N LYS B 10 0.14 49.70 -2.82
CA LYS B 10 1.28 49.31 -3.62
C LYS B 10 1.09 47.92 -4.24
N ALA B 11 1.50 47.82 -5.53
CA ALA B 11 1.47 46.48 -6.16
C ALA B 11 2.67 46.41 -7.08
N ALA B 12 3.06 45.21 -7.49
CA ALA B 12 4.19 45.01 -8.39
C ALA B 12 3.63 44.73 -9.78
N VAL B 13 3.61 45.79 -10.60
CA VAL B 13 2.98 45.72 -11.93
C VAL B 13 4.05 45.37 -12.95
N LEU B 14 3.65 44.40 -13.83
CA LEU B 14 4.54 44.02 -14.92
C LEU B 14 3.97 44.57 -16.23
N TRP B 15 4.60 45.67 -16.68
CA TRP B 15 4.02 46.38 -17.83
C TRP B 15 4.38 45.75 -19.17
N GLU B 16 5.55 45.16 -19.19
CA GLU B 16 6.14 44.53 -20.36
C GLU B 16 6.85 43.23 -20.02
N GLU B 17 6.97 42.37 -21.09
CA GLU B 17 7.78 41.17 -20.87
C GLU B 17 9.25 41.49 -20.75
N LYS B 18 9.97 40.68 -20.02
CA LYS B 18 11.40 40.72 -19.86
C LYS B 18 11.92 42.00 -19.24
N LYS B 19 11.10 42.59 -18.38
CA LYS B 19 11.47 43.80 -17.64
C LYS B 19 11.20 43.52 -16.17
N PRO B 20 11.88 44.29 -15.35
CA PRO B 20 11.62 44.31 -13.92
C PRO B 20 10.19 44.73 -13.64
N PHE B 21 9.67 44.23 -12.51
CA PHE B 21 8.39 44.64 -11.97
C PHE B 21 8.55 46.12 -11.52
N SER B 22 7.44 46.78 -11.59
CA SER B 22 7.38 48.18 -11.15
C SER B 22 6.55 48.22 -9.88
N ILE B 23 7.18 48.56 -8.74
CA ILE B 23 6.41 48.73 -7.50
C ILE B 23 5.77 50.13 -7.52
N GLU B 24 4.47 50.18 -7.59
CA GLU B 24 3.85 51.53 -7.72
C GLU B 24 2.44 51.49 -7.26
N GLU B 25 1.81 52.67 -7.12
CA GLU B 25 0.44 52.70 -6.61
C GLU B 25 -0.61 52.24 -7.59
N VAL B 26 -1.52 51.38 -7.12
CA VAL B 26 -2.64 50.91 -7.92
C VAL B 26 -3.92 51.16 -7.16
N GLU B 27 -5.06 51.17 -7.82
CA GLU B 27 -6.35 51.33 -7.18
C GLU B 27 -7.02 49.96 -7.24
N VAL B 28 -7.51 49.49 -6.12
CA VAL B 28 -8.17 48.18 -6.07
C VAL B 28 -9.61 48.44 -5.75
N ALA B 29 -10.50 48.07 -6.67
CA ALA B 29 -11.94 48.28 -6.48
C ALA B 29 -12.47 47.40 -5.38
N PRO B 30 -13.53 47.77 -4.71
CA PRO B 30 -14.22 46.94 -3.73
C PRO B 30 -14.82 45.73 -4.43
N PRO B 31 -14.90 44.64 -3.67
CA PRO B 31 -15.51 43.43 -4.19
C PRO B 31 -16.96 43.59 -4.59
N LYS B 32 -17.29 43.02 -5.76
CA LYS B 32 -18.67 42.87 -6.20
C LYS B 32 -19.23 41.53 -5.67
N ALA B 33 -20.45 41.19 -6.04
CA ALA B 33 -21.16 40.02 -5.54
C ALA B 33 -20.29 38.77 -5.71
N HIS B 34 -20.26 37.93 -4.70
CA HIS B 34 -19.41 36.73 -4.71
C HIS B 34 -17.95 36.96 -4.91
N GLU B 35 -17.41 38.12 -4.53
CA GLU B 35 -15.99 38.42 -4.66
C GLU B 35 -15.45 38.74 -3.28
N VAL B 36 -14.15 38.57 -3.09
CA VAL B 36 -13.50 38.69 -1.80
C VAL B 36 -12.27 39.57 -1.93
N ARG B 37 -12.18 40.63 -1.07
CA ARG B 37 -10.97 41.44 -1.11
C ARG B 37 -10.11 41.08 0.08
N ILE B 38 -8.88 40.70 -0.26
CA ILE B 38 -7.87 40.25 0.62
C ILE B 38 -6.70 41.16 0.82
N LYS B 39 -6.30 41.36 2.12
CA LYS B 39 -5.06 42.02 2.46
C LYS B 39 -3.94 41.00 2.49
N MET B 40 -3.01 41.06 1.54
CA MET B 40 -1.94 40.07 1.49
C MET B 40 -0.98 40.19 2.67
N VAL B 41 -0.52 39.00 3.12
CA VAL B 41 0.44 38.94 4.23
C VAL B 41 1.78 38.41 3.78
N ALA B 42 1.70 37.34 2.92
CA ALA B 42 2.93 36.80 2.41
C ALA B 42 2.71 36.12 1.01
N THR B 43 3.75 36.29 0.21
CA THR B 43 3.60 35.61 -1.12
C THR B 43 4.99 35.12 -1.45
N GLY B 44 5.02 33.89 -2.09
CA GLY B 44 6.28 33.27 -2.51
C GLY B 44 6.54 33.53 -4.01
N ILE B 45 7.80 33.45 -4.38
CA ILE B 45 8.21 33.63 -5.78
C ILE B 45 8.37 32.23 -6.40
N CYS B 46 7.40 31.90 -7.24
CA CYS B 46 7.38 30.57 -7.89
C CYS B 46 8.07 30.81 -9.24
N ARG B 47 8.65 29.70 -9.79
CA ARG B 47 9.18 29.86 -11.17
C ARG B 47 8.08 30.22 -12.15
N SER B 48 6.83 29.86 -11.95
CA SER B 48 5.76 30.18 -12.89
C SER B 48 5.59 31.73 -12.98
N ASP B 49 5.75 32.40 -11.83
CA ASP B 49 5.69 33.87 -11.97
C ASP B 49 6.81 34.43 -12.84
N ASP B 50 8.00 33.86 -12.77
CA ASP B 50 9.10 34.18 -13.62
C ASP B 50 8.80 33.83 -15.10
N HIS B 51 8.10 32.74 -15.31
CA HIS B 51 7.68 32.42 -16.70
C HIS B 51 6.81 33.52 -17.28
N VAL B 52 5.94 34.17 -16.48
CA VAL B 52 5.14 35.27 -17.01
C VAL B 52 6.08 36.38 -17.49
N VAL B 53 7.13 36.71 -16.77
CA VAL B 53 8.13 37.69 -17.14
C VAL B 53 8.88 37.30 -18.42
N SER B 54 9.24 36.01 -18.52
CA SER B 54 10.09 35.63 -19.66
C SER B 54 9.25 35.39 -20.90
N GLY B 55 7.94 35.30 -20.79
CA GLY B 55 7.09 35.01 -21.93
C GLY B 55 6.88 33.50 -22.07
N THR B 56 7.49 32.68 -21.24
CA THR B 56 7.25 31.23 -21.25
C THR B 56 5.81 30.87 -21.00
N LEU B 57 5.19 31.51 -19.99
CA LEU B 57 3.79 31.33 -19.65
C LEU B 57 3.06 32.61 -20.11
N VAL B 58 2.18 32.42 -21.06
CA VAL B 58 1.43 33.57 -21.61
C VAL B 58 0.22 33.93 -20.84
N THR B 59 0.09 35.27 -20.53
CA THR B 59 -1.12 35.81 -19.95
C THR B 59 -1.15 37.33 -20.35
N PRO B 60 -2.30 37.87 -20.49
CA PRO B 60 -2.41 39.29 -20.97
C PRO B 60 -1.63 40.26 -20.11
N LEU B 61 -0.83 41.13 -20.72
CA LEU B 61 -0.16 42.23 -19.99
C LEU B 61 -0.84 43.56 -20.34
N PRO B 62 -0.74 44.57 -19.46
CA PRO B 62 0.05 44.53 -18.24
C PRO B 62 -0.71 43.72 -17.20
N VAL B 63 0.03 43.25 -16.18
CA VAL B 63 -0.57 42.35 -15.19
C VAL B 63 0.05 42.53 -13.78
N ILE B 64 -0.78 42.15 -12.82
CA ILE B 64 -0.24 41.92 -11.44
C ILE B 64 -0.16 40.35 -11.28
N ALA B 65 1.08 39.94 -11.30
CA ALA B 65 1.26 38.45 -11.21
C ALA B 65 1.30 38.06 -9.74
N GLY B 66 1.81 36.84 -9.47
CA GLY B 66 1.75 36.31 -8.09
C GLY B 66 0.53 35.39 -7.97
N HIS B 67 0.80 34.15 -7.45
CA HIS B 67 -0.27 33.19 -7.29
C HIS B 67 -0.10 32.26 -6.05
N GLU B 68 1.01 32.36 -5.38
CA GLU B 68 1.37 31.53 -4.23
C GLU B 68 1.40 32.46 -2.97
N ALA B 69 0.35 32.47 -2.26
CA ALA B 69 0.31 33.50 -1.14
C ALA B 69 -0.72 33.09 -0.11
N ALA B 70 -0.75 34.00 0.93
CA ALA B 70 -1.77 33.93 1.95
C ALA B 70 -2.07 35.35 2.54
N GLY B 71 -3.29 35.50 2.95
CA GLY B 71 -3.60 36.86 3.50
C GLY B 71 -4.81 36.75 4.40
N ILE B 72 -5.36 37.94 4.70
CA ILE B 72 -6.52 38.04 5.58
C ILE B 72 -7.66 38.76 4.86
N VAL B 73 -8.89 38.29 4.95
CA VAL B 73 -9.97 38.92 4.22
C VAL B 73 -10.28 40.35 4.77
N GLU B 74 -10.23 41.32 3.87
CA GLU B 74 -10.52 42.73 4.29
C GLU B 74 -12.01 42.96 4.19
N SER B 75 -12.68 42.45 3.16
CA SER B 75 -14.10 42.58 2.97
C SER B 75 -14.62 41.54 1.98
N ILE B 76 -15.91 41.27 2.07
CA ILE B 76 -16.60 40.36 1.16
C ILE B 76 -17.74 41.09 0.48
N GLY B 77 -18.02 40.69 -0.75
CA GLY B 77 -19.12 41.15 -1.55
C GLY B 77 -20.41 40.44 -1.16
N GLU B 78 -21.51 40.89 -1.77
CA GLU B 78 -22.81 40.31 -1.45
C GLU B 78 -22.81 38.83 -1.76
N GLY B 79 -23.38 38.00 -0.88
CA GLY B 79 -23.60 36.60 -1.28
C GLY B 79 -22.46 35.65 -0.91
N VAL B 80 -21.30 36.17 -0.48
CA VAL B 80 -20.20 35.32 -0.08
C VAL B 80 -20.56 34.58 1.21
N THR B 81 -20.37 33.27 1.20
CA THR B 81 -20.70 32.44 2.36
C THR B 81 -19.54 31.67 2.93
N THR B 82 -18.41 31.56 2.20
CA THR B 82 -17.37 30.65 2.66
C THR B 82 -16.26 31.29 3.43
N VAL B 83 -16.19 32.64 3.41
CA VAL B 83 -15.15 33.34 4.13
C VAL B 83 -15.81 34.63 4.70
N ARG B 84 -15.16 35.15 5.72
CA ARG B 84 -15.68 36.41 6.33
C ARG B 84 -14.50 37.30 6.59
N PRO B 85 -14.73 38.61 6.79
CA PRO B 85 -13.67 39.53 7.11
C PRO B 85 -12.90 39.06 8.33
N GLY B 86 -11.60 39.12 8.29
CA GLY B 86 -10.67 38.74 9.35
C GLY B 86 -10.20 37.29 9.21
N ASP B 87 -10.81 36.52 8.35
CA ASP B 87 -10.35 35.15 8.12
C ASP B 87 -9.01 35.10 7.40
N LYS B 88 -8.25 34.05 7.76
CA LYS B 88 -6.98 33.78 7.05
C LYS B 88 -7.37 32.95 5.81
N VAL B 89 -6.77 33.32 4.67
CA VAL B 89 -7.22 32.68 3.40
C VAL B 89 -6.01 32.51 2.49
N ILE B 90 -6.14 31.51 1.58
CA ILE B 90 -5.08 31.33 0.56
C ILE B 90 -5.85 31.38 -0.76
N PRO B 91 -5.49 32.32 -1.61
CA PRO B 91 -6.09 32.36 -2.95
C PRO B 91 -5.74 31.07 -3.75
N LEU B 92 -6.64 30.69 -4.59
CA LEU B 92 -6.54 29.46 -5.41
C LEU B 92 -6.37 29.73 -6.93
N PHE B 93 -5.17 29.45 -7.42
CA PHE B 93 -4.96 29.76 -8.85
C PHE B 93 -5.70 28.83 -9.75
N THR B 94 -6.05 27.62 -9.24
CA THR B 94 -7.03 26.79 -9.91
C THR B 94 -8.29 26.86 -9.06
N PRO B 95 -9.37 27.32 -9.62
CA PRO B 95 -10.63 27.47 -8.90
C PRO B 95 -11.27 26.12 -8.60
N GLN B 96 -12.20 26.14 -7.67
CA GLN B 96 -13.10 24.99 -7.47
C GLN B 96 -14.52 25.45 -7.44
N CYS B 97 -15.16 25.60 -8.60
CA CYS B 97 -16.56 26.02 -8.65
C CYS B 97 -17.51 25.06 -7.97
N GLY B 98 -17.19 23.78 -7.88
CA GLY B 98 -18.01 22.73 -7.33
C GLY B 98 -19.18 22.32 -8.18
N LYS B 99 -19.39 22.89 -9.36
CA LYS B 99 -20.56 22.63 -10.17
C LYS B 99 -20.28 21.99 -11.52
N CYS B 100 -19.10 22.20 -12.08
CA CYS B 100 -18.79 21.75 -13.45
C CYS B 100 -18.55 20.24 -13.43
N ARG B 101 -18.34 19.73 -14.65
CA ARG B 101 -18.17 18.25 -14.75
C ARG B 101 -16.87 17.80 -14.13
N VAL B 102 -15.83 18.61 -14.20
CA VAL B 102 -14.54 18.32 -13.59
C VAL B 102 -14.63 18.39 -12.06
N CYS B 103 -15.32 19.44 -11.55
CA CYS B 103 -15.40 19.53 -10.07
C CYS B 103 -16.21 18.36 -9.49
N LYS B 104 -17.23 17.92 -10.21
CA LYS B 104 -17.99 16.75 -9.78
C LYS B 104 -17.28 15.41 -9.98
N HIS B 105 -16.22 15.30 -10.76
CA HIS B 105 -15.59 13.99 -11.01
C HIS B 105 -14.61 13.78 -9.87
N PRO B 106 -14.51 12.56 -9.34
CA PRO B 106 -13.64 12.28 -8.22
C PRO B 106 -12.18 12.54 -8.44
N GLU B 107 -11.64 12.37 -9.65
CA GLU B 107 -10.23 12.55 -9.93
C GLU B 107 -9.91 13.87 -10.66
N GLY B 108 -10.87 14.67 -11.03
CA GLY B 108 -10.48 15.91 -11.76
C GLY B 108 -10.22 17.06 -10.77
N ASN B 109 -9.34 17.99 -11.18
CA ASN B 109 -9.24 19.23 -10.38
C ASN B 109 -9.13 20.44 -11.28
N PHE B 110 -9.13 20.28 -12.63
CA PHE B 110 -8.84 21.43 -13.50
C PHE B 110 -10.16 22.04 -13.91
N CYS B 111 -10.76 22.71 -12.89
CA CYS B 111 -12.09 23.29 -12.94
C CYS B 111 -12.25 24.09 -14.24
N LEU B 112 -13.40 23.95 -14.86
CA LEU B 112 -13.70 24.63 -16.10
C LEU B 112 -13.80 26.15 -16.00
N LYS B 113 -13.82 26.68 -14.77
CA LYS B 113 -13.77 28.15 -14.62
C LYS B 113 -12.37 28.69 -14.58
N ASN B 114 -11.34 27.82 -14.76
CA ASN B 114 -9.96 28.28 -14.75
C ASN B 114 -9.61 29.35 -15.81
N ASP B 115 -8.59 30.12 -15.52
CA ASP B 115 -8.05 31.12 -16.43
C ASP B 115 -6.70 30.68 -16.97
N LEU B 116 -6.50 29.36 -17.00
CA LEU B 116 -5.17 28.84 -17.37
C LEU B 116 -5.12 28.40 -18.84
N SER B 117 -6.19 27.80 -19.35
CA SER B 117 -6.20 27.25 -20.70
C SER B 117 -6.14 28.31 -21.78
N MET B 118 -6.97 29.34 -21.64
CA MET B 118 -7.03 30.47 -22.59
C MET B 118 -7.13 31.78 -21.75
N PRO B 119 -5.99 32.18 -21.29
CA PRO B 119 -5.89 33.24 -20.28
C PRO B 119 -6.50 34.56 -20.72
N ARG B 120 -7.48 35.07 -19.96
CA ARG B 120 -8.10 36.37 -20.21
C ARG B 120 -7.55 37.42 -19.20
N GLY B 121 -7.05 36.96 -18.04
CA GLY B 121 -6.50 37.94 -17.05
C GLY B 121 -7.56 38.81 -16.44
N THR B 122 -8.77 38.39 -16.24
CA THR B 122 -9.86 39.09 -15.66
C THR B 122 -10.41 38.40 -14.42
N MET B 123 -11.38 39.01 -13.74
CA MET B 123 -12.24 38.33 -12.80
C MET B 123 -13.19 37.40 -13.53
N GLN B 124 -14.02 36.60 -12.85
CA GLN B 124 -14.93 35.71 -13.57
C GLN B 124 -15.89 36.51 -14.44
N ASP B 125 -16.25 37.75 -14.02
CA ASP B 125 -17.22 38.51 -14.80
C ASP B 125 -16.62 39.19 -15.99
N GLY B 126 -15.36 39.00 -16.34
CA GLY B 126 -14.78 39.58 -17.54
C GLY B 126 -14.16 40.97 -17.38
N THR B 127 -14.15 41.50 -16.16
CA THR B 127 -13.59 42.83 -15.88
C THR B 127 -12.43 42.78 -14.88
N SER B 128 -11.76 43.92 -14.70
CA SER B 128 -10.63 44.00 -13.80
C SER B 128 -10.96 44.88 -12.57
N ARG B 129 -10.42 44.45 -11.46
CA ARG B 129 -10.60 45.31 -10.25
C ARG B 129 -9.42 46.22 -10.08
N PHE B 130 -8.43 46.23 -10.93
CA PHE B 130 -7.21 46.97 -10.76
C PHE B 130 -7.09 48.10 -11.80
N THR B 131 -6.63 49.24 -11.28
CA THR B 131 -6.29 50.35 -12.15
C THR B 131 -4.93 50.88 -11.77
N CYS B 132 -4.14 51.30 -12.76
CA CYS B 132 -2.82 51.83 -12.50
C CYS B 132 -2.48 52.86 -13.57
N ARG B 133 -2.09 54.05 -13.11
CA ARG B 133 -1.87 55.13 -14.09
C ARG B 133 -3.08 55.36 -14.95
N GLY B 134 -4.30 55.25 -14.48
CA GLY B 134 -5.53 55.41 -15.20
C GLY B 134 -5.83 54.29 -16.20
N LYS B 135 -5.05 53.21 -16.21
CA LYS B 135 -5.33 52.10 -17.13
C LYS B 135 -5.68 50.83 -16.36
N PRO B 136 -6.61 50.07 -16.88
CA PRO B 136 -6.95 48.74 -16.33
C PRO B 136 -5.72 47.84 -16.41
N ILE B 137 -5.54 47.06 -15.32
CA ILE B 137 -4.43 46.14 -15.21
C ILE B 137 -5.00 44.71 -15.05
N HIS B 138 -4.43 43.78 -15.83
CA HIS B 138 -4.98 42.42 -15.77
C HIS B 138 -4.68 41.68 -14.42
N HIS B 139 -5.60 40.78 -14.16
CA HIS B 139 -5.34 39.82 -13.07
C HIS B 139 -4.58 38.64 -13.66
N PHE B 140 -4.14 37.76 -12.75
CA PHE B 140 -3.32 36.59 -13.17
C PHE B 140 -3.90 35.34 -12.51
N LEU B 141 -4.53 34.47 -13.29
CA LEU B 141 -5.14 33.25 -12.77
C LEU B 141 -6.12 33.50 -11.64
N GLY B 142 -6.93 34.58 -11.69
CA GLY B 142 -7.92 34.83 -10.63
C GLY B 142 -7.20 35.08 -9.32
N THR B 143 -5.95 35.40 -9.21
CA THR B 143 -5.32 35.53 -7.88
C THR B 143 -4.63 36.90 -7.83
N SER B 144 -3.50 37.12 -8.44
CA SER B 144 -2.82 38.41 -8.47
C SER B 144 -2.36 38.80 -7.05
N THR B 145 -1.42 38.08 -6.55
CA THR B 145 -0.98 38.20 -5.15
C THR B 145 0.21 39.10 -4.96
N PHE B 146 0.78 39.73 -5.99
CA PHE B 146 1.88 40.68 -5.87
C PHE B 146 1.28 42.09 -5.70
N SER B 147 0.48 42.22 -4.64
CA SER B 147 -0.20 43.50 -4.40
C SER B 147 -0.51 43.48 -2.89
N GLN B 148 -0.42 44.66 -2.23
CA GLN B 148 -0.88 44.66 -0.83
C GLN B 148 -2.33 44.26 -0.72
N TYR B 149 -3.23 44.46 -1.66
CA TYR B 149 -4.59 44.04 -1.67
C TYR B 149 -4.98 43.43 -3.05
N THR B 150 -5.76 42.37 -3.00
CA THR B 150 -6.24 41.84 -4.31
C THR B 150 -7.70 41.51 -4.15
N VAL B 151 -8.42 41.30 -5.24
CA VAL B 151 -9.81 40.88 -5.23
C VAL B 151 -9.94 39.56 -6.05
N VAL B 152 -10.58 38.60 -5.41
CA VAL B 152 -10.70 37.30 -6.11
C VAL B 152 -12.12 36.84 -6.06
N ASP B 153 -12.51 36.00 -7.03
CA ASP B 153 -13.84 35.38 -6.98
C ASP B 153 -13.88 34.35 -5.84
N GLU B 154 -15.07 34.17 -5.27
CA GLU B 154 -15.22 33.26 -4.12
C GLU B 154 -14.76 31.83 -4.45
N ILE B 155 -14.95 31.40 -5.69
CA ILE B 155 -14.45 30.05 -6.02
C ILE B 155 -12.95 29.98 -6.06
N SER B 156 -12.18 31.04 -5.95
CA SER B 156 -10.75 31.10 -6.02
C SER B 156 -10.14 31.53 -4.66
N VAL B 157 -10.85 31.21 -3.57
CA VAL B 157 -10.27 31.41 -2.25
C VAL B 157 -10.74 30.35 -1.25
N ALA B 158 -9.84 29.96 -0.37
CA ALA B 158 -10.18 29.03 0.71
C ALA B 158 -9.84 29.65 2.08
N LYS B 159 -10.70 29.42 3.04
CA LYS B 159 -10.48 29.74 4.45
C LYS B 159 -9.60 28.70 5.13
N ILE B 160 -8.60 29.10 5.87
CA ILE B 160 -7.65 28.22 6.52
C ILE B 160 -7.62 28.47 8.03
N ASP B 161 -6.86 27.62 8.72
CA ASP B 161 -6.78 27.73 10.21
C ASP B 161 -6.51 29.16 10.62
N ALA B 162 -7.25 29.76 11.58
CA ALA B 162 -6.93 31.10 12.06
C ALA B 162 -5.57 31.19 12.74
N ALA B 163 -4.99 30.09 13.23
CA ALA B 163 -3.67 30.09 13.82
C ALA B 163 -2.52 29.79 12.88
N SER B 164 -2.77 29.66 11.55
CA SER B 164 -1.59 29.36 10.73
C SER B 164 -0.63 30.49 10.49
N PRO B 165 0.64 30.18 10.35
CA PRO B 165 1.75 31.07 10.13
C PRO B 165 1.71 31.43 8.62
N LEU B 166 1.18 32.61 8.29
CA LEU B 166 0.99 32.83 6.83
C LEU B 166 2.28 32.94 6.08
N GLU B 167 3.39 33.26 6.68
CA GLU B 167 4.67 33.37 6.05
C GLU B 167 5.23 31.99 5.63
N LYS B 168 4.67 30.93 6.14
CA LYS B 168 5.06 29.57 5.72
C LYS B 168 3.96 28.97 4.88
N VAL B 169 2.70 29.05 5.29
CA VAL B 169 1.64 28.34 4.62
C VAL B 169 1.18 28.87 3.24
N CYS B 170 1.73 30.01 2.87
CA CYS B 170 1.53 30.51 1.52
C CYS B 170 2.12 29.49 0.51
N LEU B 171 3.10 28.68 0.92
CA LEU B 171 3.62 27.70 -0.05
C LEU B 171 2.62 26.61 -0.28
N ILE B 172 1.54 26.47 0.46
CA ILE B 172 0.44 25.57 0.18
C ILE B 172 -0.42 26.02 -1.00
N GLY B 173 -0.33 27.31 -1.28
CA GLY B 173 -1.04 27.89 -2.43
C GLY B 173 -0.39 27.40 -3.75
N CYS B 174 0.86 26.98 -3.73
CA CYS B 174 1.34 26.45 -5.02
C CYS B 174 2.42 25.39 -4.87
N GLY B 175 3.64 25.77 -4.57
CA GLY B 175 4.82 24.92 -4.72
C GLY B 175 4.70 23.62 -3.94
N PHE B 176 4.46 23.80 -2.63
CA PHE B 176 4.47 22.56 -1.81
C PHE B 176 3.39 21.63 -2.28
N SER B 177 2.15 22.05 -2.38
CA SER B 177 1.00 21.23 -2.72
C SER B 177 1.23 20.59 -4.13
N THR B 178 1.68 21.44 -5.03
CA THR B 178 1.93 20.81 -6.38
C THR B 178 2.93 19.65 -6.24
N GLY B 179 4.10 19.86 -5.71
CA GLY B 179 5.13 18.78 -5.70
C GLY B 179 4.64 17.59 -4.90
N TYR B 180 4.08 17.84 -3.70
CA TYR B 180 3.62 16.74 -2.82
C TYR B 180 2.48 15.97 -3.41
N GLY B 181 1.46 16.61 -3.99
CA GLY B 181 0.34 15.98 -4.65
C GLY B 181 0.82 15.22 -5.94
N SER B 182 1.83 15.77 -6.62
CA SER B 182 2.25 15.08 -7.85
C SER B 182 2.74 13.67 -7.48
N ALA B 183 3.46 13.58 -6.37
CA ALA B 183 3.98 12.28 -5.88
C ALA B 183 2.89 11.42 -5.26
N VAL B 184 2.20 11.96 -4.22
CA VAL B 184 1.25 11.11 -3.53
C VAL B 184 -0.10 10.89 -4.15
N LYS B 185 -0.64 11.78 -4.95
CA LYS B 185 -1.99 11.68 -5.50
C LYS B 185 -1.90 11.37 -7.00
N VAL B 186 -1.01 12.03 -7.74
CA VAL B 186 -1.03 11.83 -9.22
C VAL B 186 -0.25 10.57 -9.55
N ALA B 187 1.00 10.50 -9.17
CA ALA B 187 1.80 9.29 -9.41
C ALA B 187 1.33 8.15 -8.54
N LYS B 188 0.87 8.44 -7.32
CA LYS B 188 0.59 7.36 -6.35
C LYS B 188 1.82 6.51 -6.11
N VAL B 189 2.90 7.12 -5.71
CA VAL B 189 4.16 6.49 -5.37
C VAL B 189 3.93 5.37 -4.33
N THR B 190 4.57 4.23 -4.63
CA THR B 190 4.37 3.09 -3.70
C THR B 190 5.59 2.88 -2.83
N GLN B 191 5.31 2.19 -1.72
CA GLN B 191 6.32 1.81 -0.71
C GLN B 191 7.37 0.89 -1.36
N GLY B 192 8.62 1.24 -1.14
CA GLY B 192 9.72 0.46 -1.66
C GLY B 192 10.14 0.74 -3.09
N SER B 193 9.47 1.71 -3.74
CA SER B 193 9.76 2.05 -5.12
C SER B 193 10.98 2.93 -5.29
N THR B 194 11.41 3.08 -6.57
CA THR B 194 12.49 3.94 -6.95
C THR B 194 11.91 5.09 -7.82
N CYS B 195 12.24 6.29 -7.33
CA CYS B 195 11.72 7.49 -8.01
C CYS B 195 12.84 8.30 -8.56
N ALA B 196 12.63 9.06 -9.67
CA ALA B 196 13.63 10.01 -10.16
C ALA B 196 12.92 11.38 -10.31
N VAL B 197 13.50 12.42 -9.70
CA VAL B 197 12.86 13.76 -9.74
C VAL B 197 13.81 14.69 -10.45
N PHE B 198 13.39 15.19 -11.61
CA PHE B 198 14.20 16.10 -12.41
C PHE B 198 13.83 17.55 -12.02
N GLY B 199 14.82 18.26 -11.50
CA GLY B 199 14.57 19.63 -11.03
C GLY B 199 14.43 19.55 -9.51
N LEU B 200 15.34 20.31 -8.87
CA LEU B 200 15.40 20.33 -7.41
C LEU B 200 15.20 21.74 -6.86
N GLY B 201 14.22 22.39 -7.46
CA GLY B 201 13.71 23.68 -6.97
C GLY B 201 12.70 23.45 -5.87
N GLY B 202 11.86 24.48 -5.58
CA GLY B 202 10.88 24.31 -4.52
C GLY B 202 9.89 23.19 -4.78
N VAL B 203 9.46 23.12 -6.06
CA VAL B 203 8.46 22.09 -6.37
C VAL B 203 9.13 20.71 -6.43
N GLY B 204 10.33 20.64 -6.97
CA GLY B 204 10.98 19.30 -7.05
C GLY B 204 11.35 18.78 -5.65
N LEU B 205 11.70 19.72 -4.75
CA LEU B 205 11.91 19.26 -3.37
C LEU B 205 10.63 18.79 -2.75
N SER B 206 9.50 19.42 -3.07
CA SER B 206 8.21 18.98 -2.58
C SER B 206 7.83 17.59 -3.09
N VAL B 207 8.10 17.38 -4.37
CA VAL B 207 7.96 15.99 -4.92
C VAL B 207 8.79 15.02 -4.08
N ILE B 208 10.04 15.33 -3.83
CA ILE B 208 10.91 14.45 -3.00
C ILE B 208 10.27 14.20 -1.63
N MET B 209 9.75 15.30 -0.99
CA MET B 209 9.00 15.09 0.24
C MET B 209 7.85 14.13 0.11
N GLY B 210 7.04 14.17 -0.98
CA GLY B 210 5.87 13.29 -1.10
C GLY B 210 6.40 11.84 -1.42
N CYS B 211 7.46 11.74 -2.20
CA CYS B 211 7.98 10.39 -2.50
C CYS B 211 8.43 9.72 -1.18
N LYS B 212 9.12 10.46 -0.34
CA LYS B 212 9.59 9.91 0.96
C LYS B 212 8.41 9.60 1.85
N ALA B 213 7.38 10.46 1.90
CA ALA B 213 6.19 10.21 2.66
C ALA B 213 5.45 8.96 2.23
N ALA B 214 5.49 8.69 0.91
CA ALA B 214 4.85 7.52 0.35
C ALA B 214 5.71 6.26 0.62
N GLY B 215 6.94 6.40 1.07
CA GLY B 215 7.76 5.22 1.42
C GLY B 215 8.64 4.73 0.30
N ALA B 216 8.98 5.61 -0.65
CA ALA B 216 9.91 5.17 -1.72
C ALA B 216 11.24 4.78 -1.09
N ALA B 217 11.86 3.69 -1.58
CA ALA B 217 13.13 3.25 -1.05
C ALA B 217 14.28 4.05 -1.60
N ARG B 218 14.15 4.53 -2.87
CA ARG B 218 15.21 5.29 -3.48
C ARG B 218 14.59 6.51 -4.21
N ILE B 219 15.25 7.66 -4.04
CA ILE B 219 14.69 8.90 -4.62
C ILE B 219 15.89 9.62 -5.18
N ILE B 220 15.99 9.58 -6.53
CA ILE B 220 17.16 10.08 -7.19
C ILE B 220 16.86 11.51 -7.70
N GLY B 221 17.62 12.45 -7.17
CA GLY B 221 17.32 13.83 -7.63
C GLY B 221 18.26 14.09 -8.78
N VAL B 222 17.76 14.83 -9.78
CA VAL B 222 18.55 15.15 -10.95
C VAL B 222 18.54 16.68 -11.15
N ASP B 223 19.72 17.26 -11.18
CA ASP B 223 19.75 18.72 -11.51
C ASP B 223 21.07 19.05 -12.11
N ILE B 224 21.15 20.07 -13.01
CA ILE B 224 22.44 20.48 -13.51
C ILE B 224 23.18 21.39 -12.53
N ASN B 225 22.46 21.87 -11.49
CA ASN B 225 23.10 22.73 -10.49
C ASN B 225 23.39 21.86 -9.27
N LYS B 226 24.66 21.46 -9.12
CA LYS B 226 24.98 20.60 -7.97
C LYS B 226 24.88 21.30 -6.62
N ASP B 227 24.69 22.65 -6.61
CA ASP B 227 24.43 23.31 -5.32
C ASP B 227 23.07 22.97 -4.74
N LYS B 228 22.15 22.38 -5.52
CA LYS B 228 20.84 22.00 -5.08
C LYS B 228 20.81 20.65 -4.36
N PHE B 229 21.92 19.92 -4.50
CA PHE B 229 21.89 18.53 -3.98
C PHE B 229 21.79 18.38 -2.48
N ALA B 230 22.49 19.26 -1.73
CA ALA B 230 22.48 19.09 -0.28
C ALA B 230 21.09 19.19 0.29
N LYS B 231 20.31 20.20 -0.14
CA LYS B 231 18.94 20.32 0.35
C LYS B 231 18.11 19.13 -0.06
N ALA B 232 18.30 18.65 -1.34
CA ALA B 232 17.47 17.52 -1.76
C ALA B 232 17.71 16.29 -0.86
N LYS B 233 19.00 16.09 -0.54
CA LYS B 233 19.27 14.95 0.37
C LYS B 233 18.65 15.16 1.74
N GLU B 234 18.69 16.43 2.21
CA GLU B 234 18.03 16.72 3.48
C GLU B 234 16.56 16.36 3.51
N VAL B 235 15.80 16.57 2.44
CA VAL B 235 14.37 16.28 2.49
C VAL B 235 14.02 14.88 1.98
N GLY B 236 15.08 14.09 1.64
CA GLY B 236 14.73 12.71 1.32
C GLY B 236 15.40 12.07 0.10
N ALA B 237 16.17 12.84 -0.65
CA ALA B 237 16.83 12.21 -1.80
C ALA B 237 17.94 11.25 -1.31
N THR B 238 17.93 10.04 -1.87
CA THR B 238 18.98 9.07 -1.47
C THR B 238 20.26 9.26 -2.25
N GLU B 239 20.08 9.76 -3.49
CA GLU B 239 21.16 9.99 -4.44
C GLU B 239 20.85 11.22 -5.32
N CYS B 240 21.91 11.88 -5.70
CA CYS B 240 21.72 13.02 -6.61
C CYS B 240 22.67 12.87 -7.78
N VAL B 241 22.18 13.15 -9.01
CA VAL B 241 23.05 13.05 -10.17
C VAL B 241 22.96 14.32 -11.03
N ASN B 242 24.09 14.80 -11.49
CA ASN B 242 24.16 15.91 -12.44
C ASN B 242 24.48 15.34 -13.81
N PRO B 243 23.58 15.50 -14.76
CA PRO B 243 23.74 15.05 -16.13
C PRO B 243 25.02 15.51 -16.79
N GLN B 244 25.61 16.66 -16.41
CA GLN B 244 26.83 17.19 -16.95
C GLN B 244 28.05 16.38 -16.53
N ASP B 245 27.92 15.53 -15.52
CA ASP B 245 29.03 14.72 -15.02
C ASP B 245 29.27 13.49 -15.89
N TYR B 246 28.32 13.16 -16.77
CA TYR B 246 28.38 11.92 -17.53
C TYR B 246 28.64 12.07 -19.02
N LYS B 247 29.25 11.04 -19.61
CA LYS B 247 29.48 11.03 -21.06
C LYS B 247 28.31 10.45 -21.81
N LYS B 248 27.33 9.85 -21.15
CA LYS B 248 26.16 9.33 -21.86
C LYS B 248 24.92 10.07 -21.41
N PRO B 249 23.83 9.93 -22.13
CA PRO B 249 22.56 10.54 -21.81
C PRO B 249 22.06 10.16 -20.43
N ILE B 250 21.43 11.14 -19.73
CA ILE B 250 21.01 10.77 -18.36
C ILE B 250 19.95 9.71 -18.32
N GLN B 251 19.05 9.55 -19.32
CA GLN B 251 18.10 8.44 -19.19
C GLN B 251 18.83 7.09 -19.19
N GLU B 252 19.94 6.94 -19.91
CA GLU B 252 20.70 5.68 -19.82
C GLU B 252 21.30 5.49 -18.43
N VAL B 253 21.94 6.56 -17.95
CA VAL B 253 22.47 6.57 -16.57
C VAL B 253 21.44 6.14 -15.54
N LEU B 254 20.25 6.74 -15.53
CA LEU B 254 19.19 6.39 -14.60
C LEU B 254 18.63 4.99 -14.78
N THR B 255 18.53 4.51 -16.03
CA THR B 255 18.05 3.15 -16.28
C THR B 255 19.06 2.15 -15.71
N GLU B 256 20.36 2.44 -15.86
CA GLU B 256 21.41 1.58 -15.31
C GLU B 256 21.35 1.60 -13.78
N MET B 257 21.25 2.84 -13.23
CA MET B 257 21.12 2.93 -11.76
C MET B 257 19.95 2.23 -11.15
N SER B 258 18.81 2.07 -11.83
CA SER B 258 17.61 1.49 -11.28
C SER B 258 17.39 0.05 -11.78
N ASN B 259 18.46 -0.47 -12.35
CA ASN B 259 18.46 -1.85 -12.86
C ASN B 259 17.35 -2.09 -13.86
N GLY B 260 17.18 -1.10 -14.74
CA GLY B 260 16.21 -1.31 -15.82
C GLY B 260 15.12 -0.26 -15.94
N GLY B 261 15.28 0.83 -15.16
CA GLY B 261 14.25 1.86 -15.26
C GLY B 261 13.53 2.10 -13.94
N VAL B 262 13.18 3.40 -13.72
CA VAL B 262 12.61 3.70 -12.39
C VAL B 262 11.14 3.37 -12.34
N ASP B 263 10.55 3.33 -11.13
CA ASP B 263 9.14 3.11 -10.96
C ASP B 263 8.32 4.36 -11.36
N PHE B 264 8.80 5.48 -10.79
CA PHE B 264 8.09 6.77 -11.01
C PHE B 264 9.11 7.85 -11.35
N SER B 265 8.80 8.67 -12.38
CA SER B 265 9.70 9.77 -12.69
C SER B 265 8.79 11.01 -12.82
N PHE B 266 9.47 12.12 -12.45
CA PHE B 266 8.83 13.44 -12.42
C PHE B 266 9.61 14.51 -13.14
N GLU B 267 8.97 15.27 -14.08
CA GLU B 267 9.69 16.38 -14.70
C GLU B 267 9.17 17.65 -13.94
N VAL B 268 10.13 18.28 -13.29
CA VAL B 268 9.76 19.44 -12.42
C VAL B 268 10.65 20.62 -12.75
N ILE B 269 10.87 20.78 -14.08
CA ILE B 269 11.73 21.84 -14.62
C ILE B 269 10.91 22.73 -15.53
N GLY B 270 10.45 22.15 -16.65
CA GLY B 270 9.71 22.88 -17.66
C GLY B 270 10.43 22.90 -19.02
N ARG B 271 11.01 21.76 -19.39
CA ARG B 271 11.77 21.68 -20.63
C ARG B 271 11.26 20.48 -21.46
N LEU B 272 11.04 20.77 -22.76
CA LEU B 272 10.53 19.63 -23.57
C LEU B 272 11.46 18.42 -23.53
N ASP B 273 12.75 18.64 -23.63
CA ASP B 273 13.70 17.52 -23.68
C ASP B 273 13.73 16.73 -22.39
N THR B 274 13.67 17.40 -21.22
CA THR B 274 13.61 16.63 -19.95
C THR B 274 12.27 15.97 -19.77
N MET B 275 11.16 16.39 -20.38
CA MET B 275 9.90 15.70 -20.30
C MET B 275 10.09 14.30 -20.99
N VAL B 276 10.70 14.36 -22.16
CA VAL B 276 10.89 13.06 -22.89
C VAL B 276 11.89 12.20 -22.14
N THR B 277 13.02 12.72 -21.72
CA THR B 277 14.02 12.05 -20.91
C THR B 277 13.40 11.41 -19.68
N ALA B 278 12.55 12.17 -18.94
CA ALA B 278 11.97 11.59 -17.72
C ALA B 278 11.02 10.45 -18.06
N LEU B 279 10.27 10.53 -19.16
CA LEU B 279 9.43 9.39 -19.54
C LEU B 279 10.32 8.17 -19.91
N SER B 280 11.39 8.46 -20.61
CA SER B 280 12.25 7.33 -21.06
C SER B 280 12.93 6.61 -19.89
N CYS B 281 13.26 7.38 -18.85
CA CYS B 281 13.95 6.72 -17.73
C CYS B 281 13.02 5.90 -16.87
N CYS B 282 11.71 5.93 -16.95
CA CYS B 282 10.86 5.06 -16.16
C CYS B 282 10.75 3.68 -16.87
N GLN B 283 10.62 2.64 -16.07
CA GLN B 283 10.66 1.25 -16.59
C GLN B 283 9.63 1.13 -17.73
N GLU B 284 10.08 0.50 -18.82
CA GLU B 284 9.26 0.50 -20.04
C GLU B 284 7.95 -0.22 -19.95
N ALA B 285 7.78 -1.23 -19.07
CA ALA B 285 6.57 -1.96 -18.98
C ALA B 285 5.56 -1.48 -17.94
N TYR B 286 6.07 -0.86 -16.85
CA TYR B 286 5.08 -0.45 -15.84
C TYR B 286 5.42 0.91 -15.25
N GLY B 287 6.47 1.54 -15.75
CA GLY B 287 6.89 2.85 -15.21
C GLY B 287 5.75 3.86 -15.45
N VAL B 288 5.83 4.92 -14.58
CA VAL B 288 4.88 6.04 -14.62
C VAL B 288 5.67 7.35 -14.60
N SER B 289 5.34 8.30 -15.50
CA SER B 289 6.12 9.55 -15.50
C SER B 289 5.08 10.68 -15.41
N VAL B 290 5.36 11.64 -14.48
CA VAL B 290 4.41 12.76 -14.32
C VAL B 290 5.08 14.07 -14.73
N ILE B 291 4.40 14.80 -15.62
CA ILE B 291 4.91 16.13 -16.03
C ILE B 291 4.28 17.17 -15.04
N VAL B 292 5.24 17.86 -14.45
CA VAL B 292 4.87 18.95 -13.51
C VAL B 292 5.39 20.28 -14.08
N GLY B 293 6.56 20.33 -14.65
CA GLY B 293 7.13 21.57 -15.22
C GLY B 293 6.27 22.17 -16.33
N VAL B 294 6.26 23.54 -16.31
CA VAL B 294 5.53 24.28 -17.35
C VAL B 294 6.51 24.62 -18.49
N PRO B 295 6.20 24.15 -19.70
CA PRO B 295 7.06 24.36 -20.85
C PRO B 295 6.67 25.64 -21.60
N PRO B 296 7.57 26.10 -22.43
CA PRO B 296 7.41 27.30 -23.24
C PRO B 296 6.14 27.19 -24.06
N ASP B 297 5.35 28.24 -24.02
CA ASP B 297 4.07 28.35 -24.65
C ASP B 297 4.11 27.92 -26.15
N SER B 298 3.11 27.14 -26.48
CA SER B 298 2.86 26.81 -27.89
C SER B 298 3.90 25.88 -28.49
N GLN B 299 4.89 25.37 -27.77
CA GLN B 299 5.90 24.53 -28.37
C GLN B 299 5.56 23.05 -28.15
N ASN B 300 5.79 22.31 -29.23
CA ASN B 300 5.51 20.85 -29.15
C ASN B 300 6.80 20.09 -28.91
N LEU B 301 6.67 18.98 -28.17
CA LEU B 301 7.78 18.03 -28.03
C LEU B 301 7.60 16.94 -29.12
N SER B 302 8.67 16.23 -29.31
CA SER B 302 8.71 15.10 -30.27
C SER B 302 9.14 13.82 -29.54
N MET B 303 8.31 12.78 -29.70
CA MET B 303 8.68 11.55 -28.99
C MET B 303 8.25 10.36 -29.86
N ASN B 304 8.89 9.22 -29.53
CA ASN B 304 8.52 7.95 -30.17
C ASN B 304 7.48 7.23 -29.34
N PRO B 305 6.33 6.93 -29.86
CA PRO B 305 5.20 6.38 -29.16
C PRO B 305 5.47 4.91 -28.73
N MET B 306 6.54 4.29 -29.25
CA MET B 306 6.95 3.01 -28.68
C MET B 306 7.28 3.11 -27.20
N LEU B 307 7.66 4.31 -26.70
CA LEU B 307 7.90 4.43 -25.25
C LEU B 307 6.63 4.13 -24.51
N LEU B 308 5.45 4.44 -25.04
CA LEU B 308 4.20 4.18 -24.42
C LEU B 308 3.68 2.76 -24.72
N LEU B 309 3.82 2.32 -25.98
CA LEU B 309 3.25 1.00 -26.32
C LEU B 309 3.82 -0.11 -25.45
N SER B 310 5.05 -0.01 -25.01
CA SER B 310 5.61 -1.07 -24.14
C SER B 310 4.87 -1.18 -22.81
N GLY B 311 4.26 -0.07 -22.32
CA GLY B 311 3.48 -0.15 -21.08
C GLY B 311 3.59 1.14 -20.23
N ARG B 312 4.50 1.99 -20.60
CA ARG B 312 4.62 3.23 -19.75
C ARG B 312 3.31 4.00 -19.70
N THR B 313 3.17 4.73 -18.56
CA THR B 313 2.05 5.66 -18.36
C THR B 313 2.65 7.08 -18.24
N TRP B 314 2.01 8.01 -18.96
CA TRP B 314 2.53 9.40 -18.96
C TRP B 314 1.34 10.27 -18.57
N LYS B 315 1.60 11.12 -17.55
CA LYS B 315 0.46 11.99 -17.20
C LYS B 315 1.04 13.34 -16.73
N GLY B 316 0.08 14.25 -16.60
CA GLY B 316 0.54 15.55 -16.04
C GLY B 316 -0.55 15.98 -15.06
N ALA B 317 -0.25 17.15 -14.39
CA ALA B 317 -1.29 17.69 -13.51
C ALA B 317 -0.92 19.16 -13.20
N ILE B 318 -1.96 19.83 -12.84
CA ILE B 318 -1.83 21.20 -12.23
C ILE B 318 -2.13 21.06 -10.74
N PHE B 319 -1.33 21.72 -9.94
CA PHE B 319 -1.56 21.83 -8.48
C PHE B 319 -1.60 20.44 -7.81
N GLY B 320 -0.71 19.58 -8.28
CA GLY B 320 -0.62 18.25 -7.61
C GLY B 320 -1.93 17.52 -7.69
N GLY B 321 -2.87 17.74 -8.64
CA GLY B 321 -4.14 17.10 -8.77
C GLY B 321 -5.17 17.36 -7.68
N PHE B 322 -4.81 18.26 -6.74
CA PHE B 322 -5.79 18.53 -5.66
C PHE B 322 -6.94 19.42 -6.08
N LYS B 323 -8.15 19.05 -5.72
CA LYS B 323 -9.33 19.90 -5.86
C LYS B 323 -9.12 21.03 -4.86
N SER B 324 -8.96 22.27 -5.36
CA SER B 324 -8.21 23.27 -4.58
C SER B 324 -8.93 23.77 -3.30
N LYS B 325 -10.22 23.99 -3.38
CA LYS B 325 -10.88 24.60 -2.20
C LYS B 325 -11.15 23.52 -1.14
N ASP B 326 -11.39 22.28 -1.58
CA ASP B 326 -11.43 21.17 -0.61
C ASP B 326 -10.08 20.92 0.03
N SER B 327 -9.02 20.92 -0.77
CA SER B 327 -7.73 20.46 -0.29
C SER B 327 -6.94 21.46 0.52
N VAL B 328 -6.95 22.76 0.10
CA VAL B 328 -6.03 23.67 0.77
C VAL B 328 -6.24 23.73 2.29
N PRO B 329 -7.45 23.79 2.72
CA PRO B 329 -7.65 23.86 4.20
C PRO B 329 -7.12 22.61 4.89
N LYS B 330 -7.29 21.45 4.23
CA LYS B 330 -6.83 20.19 4.85
C LYS B 330 -5.33 20.14 4.88
N LEU B 331 -4.68 20.62 3.81
CA LEU B 331 -3.25 20.67 3.78
C LEU B 331 -2.73 21.59 4.92
N VAL B 332 -3.38 22.76 5.07
CA VAL B 332 -2.92 23.63 6.17
C VAL B 332 -3.12 22.89 7.51
N ALA B 333 -4.26 22.30 7.72
CA ALA B 333 -4.49 21.49 8.94
C ALA B 333 -3.41 20.43 9.15
N ASP B 334 -3.03 19.71 8.06
CA ASP B 334 -1.95 18.77 8.18
C ASP B 334 -0.63 19.37 8.54
N PHE B 335 -0.32 20.59 8.03
CA PHE B 335 0.90 21.28 8.36
C PHE B 335 0.89 21.63 9.88
N MET B 336 -0.26 22.08 10.32
CA MET B 336 -0.42 22.50 11.74
C MET B 336 -0.25 21.26 12.63
N ALA B 337 -0.67 20.11 12.15
CA ALA B 337 -0.40 18.84 12.82
C ALA B 337 0.92 18.21 12.50
N LYS B 338 1.93 18.88 11.99
CA LYS B 338 3.27 18.47 11.72
C LYS B 338 3.39 17.26 10.76
N LYS B 339 2.44 17.16 9.84
CA LYS B 339 2.50 16.04 8.89
C LYS B 339 3.57 16.21 7.83
N PHE B 340 3.90 17.47 7.49
CA PHE B 340 5.04 17.78 6.67
C PHE B 340 5.66 19.12 7.04
N ALA B 341 6.83 19.42 6.57
CA ALA B 341 7.64 20.59 6.85
C ALA B 341 7.71 21.55 5.65
N LEU B 342 7.60 22.85 5.86
CA LEU B 342 7.67 23.85 4.79
C LEU B 342 8.93 24.67 4.91
N ASP B 343 9.55 24.76 6.14
CA ASP B 343 10.82 25.43 6.29
C ASP B 343 11.95 25.04 5.40
N PRO B 344 12.20 23.78 4.99
CA PRO B 344 13.28 23.46 4.07
C PRO B 344 13.13 24.11 2.70
N LEU B 345 11.96 24.57 2.35
CA LEU B 345 11.77 25.27 1.07
C LEU B 345 12.16 26.73 1.15
N ILE B 346 12.10 27.28 2.37
CA ILE B 346 12.24 28.75 2.46
C ILE B 346 13.69 29.06 2.66
N THR B 347 14.35 29.71 1.73
CA THR B 347 15.76 30.00 1.79
C THR B 347 16.01 31.50 2.03
N HIS B 348 15.03 32.30 1.60
CA HIS B 348 15.23 33.74 1.68
C HIS B 348 13.93 34.44 2.06
N VAL B 349 14.09 35.56 2.83
CA VAL B 349 12.89 36.33 3.20
C VAL B 349 13.22 37.80 2.95
N LEU B 350 12.28 38.46 2.27
CA LEU B 350 12.48 39.86 1.90
C LEU B 350 11.16 40.59 2.00
N PRO B 351 11.22 41.91 2.14
CA PRO B 351 9.98 42.68 2.13
C PRO B 351 9.46 42.68 0.68
N PHE B 352 8.19 42.87 0.50
CA PHE B 352 7.56 42.94 -0.82
C PHE B 352 8.22 43.94 -1.75
N GLU B 353 8.67 45.10 -1.21
CA GLU B 353 9.30 46.09 -2.08
C GLU B 353 10.58 45.60 -2.75
N LYS B 354 11.21 44.54 -2.21
CA LYS B 354 12.39 43.97 -2.84
C LYS B 354 11.99 42.76 -3.75
N ILE B 355 10.79 42.75 -4.27
CA ILE B 355 10.40 41.69 -5.22
C ILE B 355 11.44 41.47 -6.32
N ASN B 356 11.95 42.51 -6.99
CA ASN B 356 12.92 42.30 -8.08
C ASN B 356 14.14 41.57 -7.59
N GLU B 357 14.67 41.94 -6.42
CA GLU B 357 15.79 41.23 -5.83
C GLU B 357 15.42 39.74 -5.57
N GLY B 358 14.21 39.44 -5.19
CA GLY B 358 13.77 38.06 -4.96
C GLY B 358 13.76 37.28 -6.30
N PHE B 359 13.35 37.94 -7.39
CA PHE B 359 13.38 37.26 -8.69
C PHE B 359 14.82 37.08 -9.15
N ASP B 360 15.72 38.05 -8.90
CA ASP B 360 17.13 37.88 -9.21
C ASP B 360 17.72 36.68 -8.48
N LEU B 361 17.36 36.44 -7.21
CA LEU B 361 17.86 35.31 -6.46
C LEU B 361 17.38 33.99 -7.13
N LEU B 362 16.12 34.03 -7.58
CA LEU B 362 15.62 32.79 -8.23
C LEU B 362 16.40 32.56 -9.51
N ARG B 363 16.53 33.59 -10.34
CA ARG B 363 17.21 33.44 -11.63
C ARG B 363 18.67 33.07 -11.55
N SER B 364 19.39 33.48 -10.50
CA SER B 364 20.78 33.21 -10.32
C SER B 364 21.06 31.76 -9.88
N GLY B 365 20.00 31.10 -9.41
CA GLY B 365 20.15 29.73 -8.94
C GLY B 365 20.36 29.66 -7.43
N GLU B 366 20.42 30.82 -6.79
CA GLU B 366 20.74 30.89 -5.38
C GLU B 366 19.63 30.46 -4.46
N SER B 367 18.38 30.76 -4.78
CA SER B 367 17.29 30.46 -3.88
C SER B 367 16.46 29.24 -4.24
N ILE B 368 15.68 28.80 -3.25
CA ILE B 368 14.59 27.87 -3.44
C ILE B 368 13.30 28.72 -3.42
N ARG B 369 12.67 28.94 -2.27
CA ARG B 369 11.64 29.95 -2.19
C ARG B 369 12.08 31.19 -1.36
N THR B 370 11.87 32.33 -2.03
CA THR B 370 11.92 33.63 -1.34
C THR B 370 10.48 33.95 -1.00
N ILE B 371 10.22 34.26 0.28
CA ILE B 371 8.89 34.66 0.76
C ILE B 371 8.93 36.18 1.00
N LEU B 372 7.99 36.86 0.35
CA LEU B 372 7.92 38.32 0.47
C LEU B 372 6.92 38.68 1.54
N THR B 373 7.29 39.67 2.39
CA THR B 373 6.39 40.07 3.46
C THR B 373 5.85 41.48 3.15
N PHE B 374 4.58 41.59 3.24
CA PHE B 374 3.92 42.90 3.00
C PHE B 374 3.98 43.81 4.22
N SER C 1 6.89 -40.33 -34.23
CA SER C 1 7.69 -40.81 -35.40
C SER C 1 8.49 -39.66 -36.01
N THR C 2 8.05 -38.39 -35.91
CA THR C 2 8.86 -37.26 -36.35
C THR C 2 9.70 -36.66 -35.21
N ALA C 3 9.48 -37.21 -34.00
CA ALA C 3 10.24 -36.69 -32.85
C ALA C 3 11.71 -36.95 -33.00
N GLY C 4 12.49 -35.89 -32.82
CA GLY C 4 13.94 -35.91 -32.94
C GLY C 4 14.42 -35.75 -34.38
N LYS C 5 13.49 -35.70 -35.32
CA LYS C 5 13.84 -35.53 -36.72
C LYS C 5 13.57 -34.08 -37.21
N VAL C 6 14.31 -33.77 -38.25
CA VAL C 6 13.97 -32.58 -39.07
C VAL C 6 12.66 -32.86 -39.77
N ILE C 7 11.74 -31.88 -39.77
CA ILE C 7 10.46 -31.99 -40.44
C ILE C 7 10.53 -31.12 -41.70
N LYS C 8 10.08 -31.69 -42.84
CA LYS C 8 10.02 -30.88 -44.07
C LYS C 8 8.57 -30.50 -44.24
N CYS C 9 8.20 -29.24 -44.44
CA CYS C 9 6.80 -28.87 -44.50
C CYS C 9 6.66 -27.56 -45.31
N LYS C 10 5.49 -27.05 -45.48
CA LYS C 10 5.34 -25.77 -46.16
C LYS C 10 5.26 -24.64 -45.12
N ALA C 11 5.81 -23.52 -45.53
CA ALA C 11 5.65 -22.31 -44.70
C ALA C 11 5.49 -21.14 -45.70
N ALA C 12 5.01 -20.02 -45.13
CA ALA C 12 4.95 -18.81 -45.98
C ALA C 12 6.10 -17.90 -45.63
N VAL C 13 7.10 -17.81 -46.48
CA VAL C 13 8.31 -17.07 -46.35
C VAL C 13 8.20 -15.67 -46.99
N LEU C 14 8.60 -14.69 -46.16
CA LEU C 14 8.64 -13.32 -46.68
C LEU C 14 10.07 -12.99 -46.90
N TRP C 15 10.52 -12.97 -48.19
CA TRP C 15 11.93 -12.79 -48.47
C TRP C 15 12.38 -11.33 -48.47
N GLU C 16 11.42 -10.45 -48.77
CA GLU C 16 11.79 -9.02 -48.74
C GLU C 16 10.53 -8.22 -48.55
N GLU C 17 10.72 -6.94 -48.15
CA GLU C 17 9.50 -6.14 -47.95
C GLU C 17 8.74 -5.96 -49.27
N LYS C 18 7.46 -5.72 -49.16
CA LYS C 18 6.53 -5.33 -50.19
C LYS C 18 6.32 -6.35 -51.29
N LYS C 19 6.44 -7.62 -50.93
CA LYS C 19 6.21 -8.73 -51.84
C LYS C 19 5.20 -9.65 -51.20
N PRO C 20 4.53 -10.44 -51.98
CA PRO C 20 3.70 -11.53 -51.52
C PRO C 20 4.54 -12.54 -50.73
N PHE C 21 3.83 -13.23 -49.85
CA PHE C 21 4.50 -14.35 -49.13
C PHE C 21 4.73 -15.43 -50.20
N SER C 22 5.78 -16.17 -49.98
CA SER C 22 6.09 -17.28 -50.92
C SER C 22 5.91 -18.60 -50.18
N ILE C 23 4.98 -19.43 -50.65
CA ILE C 23 4.74 -20.72 -50.02
C ILE C 23 5.89 -21.62 -50.49
N GLU C 24 6.74 -22.00 -49.56
CA GLU C 24 7.97 -22.72 -49.87
C GLU C 24 8.07 -23.98 -49.01
N GLU C 25 8.88 -24.95 -49.50
CA GLU C 25 9.22 -26.05 -48.57
C GLU C 25 10.33 -25.57 -47.67
N VAL C 26 10.17 -25.68 -46.33
CA VAL C 26 11.22 -25.44 -45.39
C VAL C 26 11.55 -26.69 -44.56
N GLU C 27 12.67 -26.61 -43.88
CA GLU C 27 13.10 -27.66 -42.95
C GLU C 27 12.96 -27.06 -41.51
N VAL C 28 12.20 -27.75 -40.69
CA VAL C 28 12.02 -27.31 -39.28
C VAL C 28 12.81 -28.25 -38.37
N ALA C 29 13.86 -27.76 -37.75
CA ALA C 29 14.69 -28.54 -36.81
C ALA C 29 13.94 -28.99 -35.60
N PRO C 30 14.33 -30.13 -35.02
CA PRO C 30 13.70 -30.62 -33.80
C PRO C 30 14.01 -29.59 -32.70
N PRO C 31 13.15 -29.56 -31.72
CA PRO C 31 13.32 -28.67 -30.54
C PRO C 31 14.53 -29.02 -29.72
N LYS C 32 15.26 -28.01 -29.28
CA LYS C 32 16.40 -28.17 -28.39
C LYS C 32 15.84 -28.04 -26.95
N ALA C 33 16.82 -28.06 -26.03
CA ALA C 33 16.39 -28.00 -24.61
C ALA C 33 15.42 -26.85 -24.36
N HIS C 34 14.33 -27.13 -23.66
CA HIS C 34 13.36 -26.10 -23.30
C HIS C 34 12.66 -25.47 -24.50
N GLU C 35 12.57 -26.22 -25.60
CA GLU C 35 11.87 -25.73 -26.79
C GLU C 35 10.77 -26.71 -27.11
N VAL C 36 9.80 -26.25 -27.90
CA VAL C 36 8.56 -26.93 -28.18
C VAL C 36 8.28 -26.84 -29.70
N ARG C 37 8.07 -27.98 -30.36
CA ARG C 37 7.70 -27.99 -31.77
C ARG C 37 6.22 -28.25 -31.87
N ILE C 38 5.51 -27.35 -32.58
CA ILE C 38 4.08 -27.34 -32.68
C ILE C 38 3.56 -27.54 -34.10
N LYS C 39 2.57 -28.38 -34.29
CA LYS C 39 1.88 -28.50 -35.56
C LYS C 39 0.75 -27.49 -35.56
N MET C 40 0.85 -26.53 -36.48
CA MET C 40 -0.17 -25.48 -36.52
C MET C 40 -1.51 -25.99 -36.98
N VAL C 41 -2.59 -25.49 -36.36
CA VAL C 41 -3.94 -25.86 -36.72
C VAL C 41 -4.72 -24.68 -37.28
N ALA C 42 -4.49 -23.49 -36.69
CA ALA C 42 -5.19 -22.29 -37.19
C ALA C 42 -4.33 -21.03 -36.91
N THR C 43 -4.35 -20.09 -37.82
CA THR C 43 -3.57 -18.83 -37.55
C THR C 43 -4.37 -17.70 -38.20
N GLY C 44 -4.46 -16.56 -37.45
CA GLY C 44 -5.25 -15.46 -38.05
C GLY C 44 -4.30 -14.49 -38.73
N ILE C 45 -4.87 -13.64 -39.57
CA ILE C 45 -4.03 -12.60 -40.22
C ILE C 45 -4.24 -11.25 -39.53
N CYS C 46 -3.25 -10.82 -38.78
CA CYS C 46 -3.31 -9.57 -37.97
C CYS C 46 -2.64 -8.48 -38.79
N ARG C 47 -3.16 -7.24 -38.63
CA ARG C 47 -2.43 -6.13 -39.32
C ARG C 47 -0.99 -6.03 -38.93
N SER C 48 -0.45 -6.47 -37.75
CA SER C 48 0.96 -6.43 -37.50
C SER C 48 1.75 -7.38 -38.45
N ASP C 49 1.11 -8.47 -38.87
CA ASP C 49 1.88 -9.28 -39.86
C ASP C 49 2.04 -8.52 -41.19
N ASP C 50 1.03 -7.78 -41.59
CA ASP C 50 1.04 -6.89 -42.73
C ASP C 50 2.03 -5.76 -42.57
N HIS C 51 2.24 -5.23 -41.35
CA HIS C 51 3.27 -4.24 -41.14
C HIS C 51 4.66 -4.70 -41.48
N VAL C 52 4.92 -6.04 -41.35
CA VAL C 52 6.25 -6.53 -41.70
C VAL C 52 6.38 -6.44 -43.26
N VAL C 53 5.32 -6.74 -43.95
CA VAL C 53 5.40 -6.65 -45.42
C VAL C 53 5.57 -5.19 -45.89
N SER C 54 4.85 -4.30 -45.22
CA SER C 54 4.91 -2.89 -45.65
C SER C 54 6.18 -2.20 -45.22
N GLY C 55 6.97 -2.69 -44.27
CA GLY C 55 8.16 -2.09 -43.72
C GLY C 55 7.78 -1.14 -42.52
N THR C 56 6.53 -1.13 -42.15
CA THR C 56 6.07 -0.35 -40.97
C THR C 56 6.75 -0.93 -39.72
N LEU C 57 6.72 -2.27 -39.62
CA LEU C 57 7.35 -2.96 -38.47
C LEU C 57 8.62 -3.64 -38.97
N VAL C 58 9.77 -3.25 -38.49
CA VAL C 58 11.06 -3.76 -38.87
C VAL C 58 11.47 -4.96 -38.05
N THR C 59 11.85 -6.05 -38.78
CA THR C 59 12.31 -7.29 -38.15
C THR C 59 13.19 -7.99 -39.19
N PRO C 60 14.21 -8.67 -38.77
CA PRO C 60 15.16 -9.27 -39.73
C PRO C 60 14.45 -10.21 -40.70
N LEU C 61 14.79 -10.02 -41.99
CA LEU C 61 14.26 -10.82 -43.10
C LEU C 61 15.44 -11.64 -43.63
N PRO C 62 15.12 -12.69 -44.37
CA PRO C 62 13.82 -13.26 -44.57
C PRO C 62 13.20 -13.86 -43.31
N VAL C 63 11.89 -13.95 -43.31
CA VAL C 63 11.17 -14.34 -42.08
C VAL C 63 9.94 -15.15 -42.35
N ILE C 64 9.58 -16.00 -41.37
CA ILE C 64 8.29 -16.60 -41.29
C ILE C 64 7.52 -15.75 -40.27
N ALA C 65 6.55 -15.03 -40.79
CA ALA C 65 5.72 -14.18 -39.86
C ALA C 65 4.62 -15.01 -39.30
N GLY C 66 3.58 -14.34 -38.74
CA GLY C 66 2.49 -15.05 -38.09
C GLY C 66 2.76 -15.05 -36.57
N HIS C 67 1.71 -14.62 -35.85
CA HIS C 67 1.88 -14.59 -34.36
C HIS C 67 0.57 -14.84 -33.66
N GLU C 68 -0.56 -14.94 -34.32
CA GLU C 68 -1.86 -15.18 -33.72
C GLU C 68 -2.29 -16.60 -34.16
N ALA C 69 -2.16 -17.57 -33.27
CA ALA C 69 -2.45 -18.95 -33.77
C ALA C 69 -2.73 -19.90 -32.64
N ALA C 70 -2.98 -21.17 -33.00
CA ALA C 70 -3.13 -22.24 -32.03
C ALA C 70 -2.83 -23.58 -32.76
N GLY C 71 -2.29 -24.52 -31.99
CA GLY C 71 -1.76 -25.74 -32.65
C GLY C 71 -1.63 -26.82 -31.56
N ILE C 72 -1.11 -27.96 -32.00
CA ILE C 72 -0.98 -29.13 -31.11
C ILE C 72 0.48 -29.47 -31.04
N VAL C 73 1.00 -29.70 -29.83
CA VAL C 73 2.40 -30.02 -29.64
C VAL C 73 2.77 -31.34 -30.34
N GLU C 74 3.79 -31.24 -31.18
CA GLU C 74 4.22 -32.53 -31.84
C GLU C 74 5.32 -33.16 -31.01
N SER C 75 6.25 -32.37 -30.47
CA SER C 75 7.31 -32.87 -29.63
C SER C 75 7.92 -31.81 -28.73
N ILE C 76 8.59 -32.25 -27.66
CA ILE C 76 9.19 -31.26 -26.75
C ILE C 76 10.66 -31.53 -26.55
N GLY C 77 11.47 -30.52 -26.28
CA GLY C 77 12.87 -30.71 -26.01
C GLY C 77 13.10 -31.10 -24.52
N GLU C 78 14.36 -31.42 -24.29
CA GLU C 78 14.80 -31.85 -22.97
C GLU C 78 14.49 -30.73 -21.97
N GLY C 79 13.85 -31.10 -20.88
CA GLY C 79 13.70 -30.12 -19.79
C GLY C 79 12.34 -29.43 -19.84
N VAL C 80 11.58 -29.50 -20.94
CA VAL C 80 10.24 -28.92 -20.98
C VAL C 80 9.32 -29.55 -19.99
N THR C 81 8.62 -28.74 -19.15
CA THR C 81 7.72 -29.32 -18.16
C THR C 81 6.28 -28.87 -18.24
N THR C 82 6.01 -27.77 -18.98
CA THR C 82 4.68 -27.20 -18.96
C THR C 82 3.71 -27.59 -20.04
N VAL C 83 4.24 -28.28 -21.10
CA VAL C 83 3.34 -28.79 -22.13
C VAL C 83 3.87 -30.22 -22.52
N ARG C 84 3.00 -30.98 -23.13
CA ARG C 84 3.44 -32.32 -23.58
C ARG C 84 2.88 -32.54 -24.98
N PRO C 85 3.46 -33.51 -25.71
CA PRO C 85 2.94 -33.88 -27.02
C PRO C 85 1.46 -34.13 -26.98
N GLY C 86 0.68 -33.62 -27.93
CA GLY C 86 -0.74 -33.77 -28.02
C GLY C 86 -1.56 -32.66 -27.32
N ASP C 87 -0.85 -31.82 -26.55
CA ASP C 87 -1.57 -30.71 -25.91
C ASP C 87 -1.92 -29.67 -26.99
N LYS C 88 -3.04 -29.03 -26.79
CA LYS C 88 -3.41 -27.85 -27.59
C LYS C 88 -2.74 -26.64 -26.95
N VAL C 89 -2.17 -25.76 -27.80
CA VAL C 89 -1.27 -24.72 -27.30
C VAL C 89 -1.54 -23.45 -28.12
N ILE C 90 -1.31 -22.28 -27.50
CA ILE C 90 -1.30 -21.00 -28.22
C ILE C 90 0.07 -20.42 -28.01
N PRO C 91 0.84 -20.12 -29.04
CA PRO C 91 2.14 -19.48 -28.98
C PRO C 91 1.94 -18.04 -28.41
N LEU C 92 2.93 -17.65 -27.62
CA LEU C 92 2.84 -16.31 -26.96
C LEU C 92 3.83 -15.37 -27.59
N PHE C 93 3.37 -14.33 -28.33
CA PHE C 93 4.36 -13.46 -28.97
C PHE C 93 5.02 -12.51 -27.95
N THR C 94 4.38 -12.34 -26.80
CA THR C 94 5.08 -11.75 -25.64
C THR C 94 5.29 -12.95 -24.66
N PRO C 95 6.49 -13.26 -24.37
CA PRO C 95 6.79 -14.42 -23.51
C PRO C 95 6.41 -14.10 -22.05
N GLN C 96 6.45 -15.16 -21.23
CA GLN C 96 6.35 -14.92 -19.75
C GLN C 96 7.37 -15.85 -19.08
N CYS C 97 8.60 -15.39 -18.87
CA CYS C 97 9.66 -16.16 -18.25
C CYS C 97 9.42 -16.44 -16.77
N GLY C 98 8.57 -15.63 -16.13
CA GLY C 98 8.23 -15.69 -14.72
C GLY C 98 9.34 -15.33 -13.79
N LYS C 99 10.52 -14.88 -14.19
CA LYS C 99 11.66 -14.67 -13.32
C LYS C 99 12.22 -13.26 -13.39
N CYS C 100 11.84 -12.48 -14.43
CA CYS C 100 12.46 -11.17 -14.62
C CYS C 100 11.74 -10.12 -13.75
N ARG C 101 12.32 -8.92 -13.68
CA ARG C 101 11.61 -7.90 -12.85
C ARG C 101 10.20 -7.61 -13.31
N VAL C 102 9.95 -7.58 -14.65
CA VAL C 102 8.64 -7.30 -15.17
C VAL C 102 7.65 -8.41 -14.88
N CYS C 103 8.13 -9.69 -15.08
CA CYS C 103 7.19 -10.80 -14.85
C CYS C 103 6.80 -10.92 -13.36
N LYS C 104 7.66 -10.41 -12.49
CA LYS C 104 7.33 -10.43 -11.06
C LYS C 104 6.53 -9.20 -10.59
N HIS C 105 6.48 -8.15 -11.38
CA HIS C 105 5.67 -6.96 -11.04
C HIS C 105 4.21 -7.24 -11.25
N PRO C 106 3.33 -6.76 -10.40
CA PRO C 106 1.90 -6.95 -10.52
C PRO C 106 1.27 -6.51 -11.82
N GLU C 107 1.72 -5.40 -12.41
CA GLU C 107 1.05 -4.85 -13.58
C GLU C 107 1.83 -5.06 -14.89
N GLY C 108 3.04 -5.54 -14.80
CA GLY C 108 3.88 -5.58 -16.01
C GLY C 108 3.65 -6.88 -16.81
N ASN C 109 3.67 -6.72 -18.14
CA ASN C 109 3.54 -7.94 -18.97
C ASN C 109 4.66 -8.01 -19.99
N PHE C 110 5.40 -6.93 -20.23
CA PHE C 110 6.41 -6.94 -21.27
C PHE C 110 7.70 -7.52 -20.79
N CYS C 111 7.65 -8.88 -20.76
CA CYS C 111 8.72 -9.72 -20.23
C CYS C 111 10.01 -9.35 -20.87
N LEU C 112 11.10 -9.25 -20.18
CA LEU C 112 12.39 -8.87 -20.71
C LEU C 112 13.00 -9.85 -21.72
N LYS C 113 12.45 -11.06 -21.83
CA LYS C 113 12.95 -12.00 -22.84
C LYS C 113 12.24 -11.79 -24.17
N ASN C 114 11.35 -10.80 -24.26
CA ASN C 114 10.69 -10.55 -25.56
C ASN C 114 11.70 -10.23 -26.67
N ASP C 115 11.21 -10.52 -27.90
CA ASP C 115 11.96 -10.20 -29.11
C ASP C 115 11.31 -9.05 -29.89
N LEU C 116 10.62 -8.18 -29.17
CA LEU C 116 9.83 -7.08 -29.79
C LEU C 116 10.70 -5.81 -29.81
N SER C 117 11.34 -5.44 -28.71
CA SER C 117 12.10 -4.21 -28.65
C SER C 117 13.32 -4.13 -29.55
N MET C 118 14.14 -5.17 -29.58
CA MET C 118 15.36 -5.16 -30.41
C MET C 118 15.34 -6.52 -31.17
N PRO C 119 14.46 -6.62 -32.12
CA PRO C 119 14.13 -7.89 -32.80
C PRO C 119 15.34 -8.54 -33.39
N ARG C 120 15.60 -9.78 -32.98
CA ARG C 120 16.72 -10.58 -33.45
C ARG C 120 16.14 -11.59 -34.47
N GLY C 121 14.88 -11.93 -34.30
CA GLY C 121 14.23 -12.90 -35.19
C GLY C 121 14.85 -14.29 -35.01
N THR C 122 15.18 -14.65 -33.77
CA THR C 122 15.71 -15.98 -33.49
C THR C 122 14.97 -16.60 -32.29
N MET C 123 15.35 -17.85 -32.00
CA MET C 123 14.95 -18.48 -30.73
C MET C 123 15.66 -17.72 -29.61
N GLN C 124 15.43 -18.12 -28.34
CA GLN C 124 16.15 -17.48 -27.22
C GLN C 124 17.64 -17.70 -27.28
N ASP C 125 18.12 -18.81 -27.88
CA ASP C 125 19.54 -19.09 -28.01
C ASP C 125 20.24 -18.40 -29.16
N GLY C 126 19.57 -17.49 -29.87
CA GLY C 126 20.29 -16.71 -30.88
C GLY C 126 20.39 -17.43 -32.23
N THR C 127 19.71 -18.55 -32.36
CA THR C 127 19.78 -19.33 -33.61
C THR C 127 18.38 -19.56 -34.15
N SER C 128 18.28 -20.02 -35.42
CA SER C 128 17.00 -20.29 -36.02
C SER C 128 16.71 -21.78 -36.25
N ARG C 129 15.49 -22.20 -36.16
CA ARG C 129 15.18 -23.63 -36.40
C ARG C 129 14.74 -23.90 -37.84
N PHE C 130 14.62 -22.84 -38.63
CA PHE C 130 14.04 -22.91 -39.97
C PHE C 130 15.11 -22.73 -41.05
N THR C 131 15.00 -23.56 -42.13
CA THR C 131 15.88 -23.26 -43.26
C THR C 131 15.04 -23.47 -44.54
N CYS C 132 15.42 -22.70 -45.55
CA CYS C 132 14.68 -22.76 -46.82
C CYS C 132 15.76 -22.70 -47.90
N ARG C 133 15.83 -23.80 -48.66
CA ARG C 133 16.92 -23.97 -49.62
C ARG C 133 18.31 -23.69 -49.09
N GLY C 134 18.63 -24.29 -47.97
CA GLY C 134 19.87 -24.17 -47.25
C GLY C 134 20.08 -22.82 -46.56
N LYS C 135 19.11 -21.92 -46.60
CA LYS C 135 19.27 -20.58 -46.05
C LYS C 135 18.47 -20.48 -44.75
N PRO C 136 19.13 -19.94 -43.74
CA PRO C 136 18.44 -19.75 -42.44
C PRO C 136 17.32 -18.74 -42.67
N ILE C 137 16.20 -18.97 -42.02
CA ILE C 137 15.05 -18.10 -42.11
C ILE C 137 14.74 -17.59 -40.67
N HIS C 138 14.54 -16.26 -40.60
CA HIS C 138 14.28 -15.79 -39.22
C HIS C 138 12.92 -16.20 -38.72
N HIS C 139 12.89 -16.20 -37.35
CA HIS C 139 11.63 -16.32 -36.62
C HIS C 139 11.03 -14.90 -36.39
N PHE C 140 9.77 -14.91 -35.99
CA PHE C 140 9.11 -13.60 -35.75
C PHE C 140 8.48 -13.65 -34.36
N LEU C 141 9.02 -12.79 -33.50
CA LEU C 141 8.48 -12.68 -32.13
C LEU C 141 8.46 -14.01 -31.38
N GLY C 142 9.42 -14.88 -31.66
CA GLY C 142 9.43 -16.20 -30.96
C GLY C 142 8.19 -16.99 -31.29
N THR C 143 7.47 -16.78 -32.38
CA THR C 143 6.28 -17.49 -32.71
C THR C 143 6.38 -18.09 -34.14
N SER C 144 6.28 -17.28 -35.16
CA SER C 144 6.38 -17.77 -36.57
C SER C 144 5.32 -18.78 -36.90
N THR C 145 4.06 -18.38 -36.99
CA THR C 145 2.92 -19.23 -37.09
C THR C 145 2.44 -19.44 -38.53
N PHE C 146 3.10 -18.80 -39.49
CA PHE C 146 2.70 -19.00 -40.90
C PHE C 146 3.49 -20.19 -41.45
N SER C 147 3.28 -21.33 -40.80
CA SER C 147 4.09 -22.52 -41.16
C SER C 147 3.34 -23.72 -40.62
N GLN C 148 3.44 -24.87 -41.34
CA GLN C 148 2.68 -26.02 -40.80
C GLN C 148 3.25 -26.44 -39.45
N TYR C 149 4.51 -26.28 -39.20
CA TYR C 149 5.22 -26.57 -37.99
C TYR C 149 6.08 -25.37 -37.60
N THR C 150 6.11 -25.05 -36.28
CA THR C 150 7.05 -24.04 -35.82
C THR C 150 7.67 -24.51 -34.51
N VAL C 151 8.82 -23.97 -34.14
CA VAL C 151 9.47 -24.32 -32.88
C VAL C 151 9.51 -23.01 -32.06
N VAL C 152 9.07 -23.18 -30.82
CA VAL C 152 9.06 -21.98 -29.92
C VAL C 152 9.74 -22.32 -28.61
N ASP C 153 10.19 -21.26 -27.93
CA ASP C 153 10.69 -21.49 -26.56
C ASP C 153 9.51 -21.72 -25.62
N GLU C 154 9.86 -22.45 -24.50
CA GLU C 154 8.80 -22.84 -23.55
C GLU C 154 8.12 -21.61 -22.90
N ILE C 155 8.93 -20.58 -22.74
CA ILE C 155 8.34 -19.34 -22.14
C ILE C 155 7.41 -18.63 -23.11
N SER C 156 7.32 -19.09 -24.37
CA SER C 156 6.43 -18.55 -25.38
C SER C 156 5.33 -19.46 -25.82
N VAL C 157 4.88 -20.35 -24.94
CA VAL C 157 3.73 -21.17 -25.30
C VAL C 157 2.90 -21.51 -24.06
N ALA C 158 1.61 -21.50 -24.21
CA ALA C 158 0.74 -21.89 -23.12
C ALA C 158 -0.15 -23.04 -23.57
N LYS C 159 -0.27 -24.01 -22.66
CA LYS C 159 -1.25 -25.10 -22.85
C LYS C 159 -2.63 -24.58 -22.57
N ILE C 160 -3.59 -24.92 -23.40
CA ILE C 160 -4.97 -24.51 -23.31
C ILE C 160 -5.90 -25.74 -23.25
N ASP C 161 -7.15 -25.46 -22.92
CA ASP C 161 -8.15 -26.53 -22.73
C ASP C 161 -8.13 -27.52 -23.89
N ALA C 162 -8.12 -28.82 -23.57
CA ALA C 162 -8.07 -29.87 -24.59
C ALA C 162 -9.28 -29.90 -25.50
N ALA C 163 -10.41 -29.33 -25.12
CA ALA C 163 -11.62 -29.34 -25.93
C ALA C 163 -11.83 -28.05 -26.73
N SER C 164 -10.89 -27.11 -26.64
CA SER C 164 -11.21 -25.83 -27.29
C SER C 164 -11.05 -25.90 -28.79
N PRO C 165 -11.87 -25.13 -29.48
CA PRO C 165 -11.94 -25.05 -30.92
C PRO C 165 -10.84 -24.12 -31.43
N LEU C 166 -9.79 -24.72 -31.99
CA LEU C 166 -8.59 -23.95 -32.32
C LEU C 166 -8.82 -22.93 -33.39
N GLU C 167 -9.82 -23.13 -34.27
CA GLU C 167 -10.08 -22.19 -35.34
C GLU C 167 -10.68 -20.88 -34.84
N LYS C 168 -11.19 -20.92 -33.61
CA LYS C 168 -11.65 -19.68 -32.96
C LYS C 168 -10.70 -19.19 -31.90
N VAL C 169 -10.18 -20.04 -31.00
CA VAL C 169 -9.37 -19.51 -29.92
C VAL C 169 -7.99 -19.02 -30.33
N CYS C 170 -7.50 -19.28 -31.57
CA CYS C 170 -6.31 -18.64 -32.06
C CYS C 170 -6.38 -17.09 -31.88
N LEU C 171 -7.55 -16.49 -31.92
CA LEU C 171 -7.66 -15.05 -31.71
C LEU C 171 -7.30 -14.59 -30.31
N ILE C 172 -7.28 -15.46 -29.32
CA ILE C 172 -6.78 -15.10 -28.00
C ILE C 172 -5.28 -14.94 -27.98
N GLY C 173 -4.57 -15.48 -29.00
CA GLY C 173 -3.16 -15.30 -29.22
C GLY C 173 -2.78 -13.84 -29.56
N CYS C 174 -3.73 -13.09 -30.10
CA CYS C 174 -3.37 -11.68 -30.30
C CYS C 174 -4.58 -10.74 -30.24
N GLY C 175 -5.35 -10.71 -31.31
CA GLY C 175 -6.31 -9.64 -31.56
C GLY C 175 -7.29 -9.49 -30.43
N PHE C 176 -8.02 -10.57 -30.08
CA PHE C 176 -9.06 -10.42 -29.08
C PHE C 176 -8.44 -9.97 -27.75
N SER C 177 -7.44 -10.67 -27.24
CA SER C 177 -6.88 -10.38 -25.94
C SER C 177 -6.33 -8.95 -25.88
N THR C 178 -5.71 -8.53 -26.97
CA THR C 178 -5.11 -7.18 -27.01
C THR C 178 -6.23 -6.15 -26.82
N GLY C 179 -7.24 -6.22 -27.69
CA GLY C 179 -8.32 -5.21 -27.63
C GLY C 179 -9.01 -5.24 -26.29
N TYR C 180 -9.46 -6.42 -25.86
CA TYR C 180 -10.28 -6.58 -24.66
C TYR C 180 -9.51 -6.14 -23.43
N GLY C 181 -8.26 -6.58 -23.32
CA GLY C 181 -7.45 -6.21 -22.14
C GLY C 181 -7.13 -4.71 -22.21
N SER C 182 -6.97 -4.17 -23.42
CA SER C 182 -6.69 -2.69 -23.47
C SER C 182 -7.83 -1.93 -22.82
N ALA C 183 -9.08 -2.40 -22.93
CA ALA C 183 -10.20 -1.71 -22.29
C ALA C 183 -10.34 -2.06 -20.83
N VAL C 184 -10.27 -3.36 -20.50
CA VAL C 184 -10.65 -3.75 -19.14
C VAL C 184 -9.49 -3.67 -18.18
N LYS C 185 -8.28 -3.94 -18.62
CA LYS C 185 -7.13 -3.97 -17.76
C LYS C 185 -6.30 -2.70 -17.83
N VAL C 186 -6.00 -2.23 -19.04
CA VAL C 186 -5.05 -1.13 -19.21
C VAL C 186 -5.79 0.20 -18.97
N ALA C 187 -6.85 0.45 -19.74
CA ALA C 187 -7.63 1.66 -19.47
C ALA C 187 -8.41 1.56 -18.17
N LYS C 188 -8.91 0.38 -17.82
CA LYS C 188 -9.77 0.17 -16.68
C LYS C 188 -11.03 1.01 -16.86
N VAL C 189 -11.65 0.83 -18.03
CA VAL C 189 -12.93 1.49 -18.32
C VAL C 189 -13.94 1.24 -17.20
N THR C 190 -14.64 2.32 -16.83
CA THR C 190 -15.58 2.31 -15.72
C THR C 190 -17.04 2.26 -16.17
N GLN C 191 -17.89 1.74 -15.27
CA GLN C 191 -19.31 1.69 -15.57
C GLN C 191 -19.89 3.09 -15.81
N GLY C 192 -20.68 3.22 -16.87
CA GLY C 192 -21.32 4.49 -17.16
C GLY C 192 -20.51 5.47 -17.95
N SER C 193 -19.25 5.14 -18.28
CA SER C 193 -18.38 6.08 -18.97
C SER C 193 -18.64 6.19 -20.47
N THR C 194 -18.03 7.21 -21.05
CA THR C 194 -18.02 7.34 -22.51
C THR C 194 -16.65 7.00 -23.07
N CYS C 195 -16.68 6.11 -24.08
CA CYS C 195 -15.41 5.71 -24.72
C CYS C 195 -15.38 6.09 -26.20
N ALA C 196 -14.20 6.30 -26.72
CA ALA C 196 -14.03 6.50 -28.15
C ALA C 196 -12.96 5.51 -28.65
N VAL C 197 -13.30 4.77 -29.69
CA VAL C 197 -12.36 3.78 -30.26
C VAL C 197 -12.03 4.16 -31.70
N PHE C 198 -10.78 4.42 -32.00
CA PHE C 198 -10.25 4.80 -33.29
C PHE C 198 -9.71 3.52 -33.97
N GLY C 199 -10.39 3.11 -35.04
CA GLY C 199 -9.99 1.88 -35.74
C GLY C 199 -10.91 0.75 -35.37
N LEU C 200 -11.67 0.21 -36.34
CA LEU C 200 -12.69 -0.78 -36.09
C LEU C 200 -12.37 -2.10 -36.79
N GLY C 201 -11.10 -2.49 -36.81
CA GLY C 201 -10.73 -3.81 -37.32
C GLY C 201 -10.82 -4.80 -36.16
N GLY C 202 -10.17 -5.97 -36.33
CA GLY C 202 -10.32 -6.98 -35.24
C GLY C 202 -10.05 -6.47 -33.83
N VAL C 203 -8.92 -5.76 -33.72
CA VAL C 203 -8.47 -5.28 -32.39
C VAL C 203 -9.38 -4.19 -31.84
N GLY C 204 -9.83 -3.30 -32.69
CA GLY C 204 -10.73 -2.23 -32.27
C GLY C 204 -12.07 -2.79 -31.88
N LEU C 205 -12.58 -3.84 -32.56
CA LEU C 205 -13.87 -4.42 -32.17
C LEU C 205 -13.71 -5.13 -30.82
N SER C 206 -12.54 -5.71 -30.56
CA SER C 206 -12.25 -6.33 -29.27
C SER C 206 -12.16 -5.26 -28.16
N VAL C 207 -11.63 -4.09 -28.47
CA VAL C 207 -11.69 -2.96 -27.51
C VAL C 207 -13.14 -2.61 -27.20
N ILE C 208 -14.00 -2.49 -28.21
CA ILE C 208 -15.43 -2.27 -27.99
C ILE C 208 -16.04 -3.36 -27.13
N MET C 209 -15.75 -4.64 -27.45
CA MET C 209 -16.25 -5.70 -26.59
C MET C 209 -15.88 -5.44 -25.13
N GLY C 210 -14.63 -5.03 -24.90
CA GLY C 210 -14.15 -4.84 -23.53
C GLY C 210 -14.81 -3.59 -22.90
N CYS C 211 -15.03 -2.56 -23.68
CA CYS C 211 -15.67 -1.36 -23.09
C CYS C 211 -17.09 -1.70 -22.70
N LYS C 212 -17.75 -2.48 -23.56
CA LYS C 212 -19.13 -2.89 -23.27
C LYS C 212 -19.19 -3.79 -22.05
N ALA C 213 -18.23 -4.70 -21.94
CA ALA C 213 -18.20 -5.62 -20.80
C ALA C 213 -17.93 -4.88 -19.51
N ALA C 214 -17.24 -3.73 -19.58
CA ALA C 214 -16.88 -2.96 -18.40
C ALA C 214 -18.05 -2.03 -18.02
N GLY C 215 -19.10 -1.97 -18.81
CA GLY C 215 -20.28 -1.18 -18.47
C GLY C 215 -20.29 0.21 -19.07
N ALA C 216 -19.46 0.47 -20.07
CA ALA C 216 -19.53 1.81 -20.71
C ALA C 216 -20.96 2.13 -21.15
N ALA C 217 -21.36 3.41 -20.93
CA ALA C 217 -22.70 3.81 -21.37
C ALA C 217 -22.68 4.21 -22.86
N ARG C 218 -21.64 4.84 -23.32
CA ARG C 218 -21.49 5.27 -24.70
C ARG C 218 -20.14 4.77 -25.23
N ILE C 219 -20.19 4.24 -26.45
CA ILE C 219 -18.97 3.76 -27.11
C ILE C 219 -18.98 4.25 -28.55
N ILE C 220 -18.18 5.27 -28.84
CA ILE C 220 -18.16 5.87 -30.17
C ILE C 220 -17.05 5.27 -31.01
N GLY C 221 -17.43 4.56 -32.09
CA GLY C 221 -16.35 4.04 -32.95
C GLY C 221 -15.98 5.04 -34.04
N VAL C 222 -14.72 5.13 -34.44
CA VAL C 222 -14.23 6.05 -35.46
C VAL C 222 -13.45 5.27 -36.51
N ASP C 223 -13.90 5.37 -37.77
CA ASP C 223 -13.13 4.68 -38.84
C ASP C 223 -13.39 5.47 -40.12
N ILE C 224 -12.44 5.55 -41.02
CA ILE C 224 -12.61 6.15 -42.33
C ILE C 224 -13.27 5.18 -43.32
N ASN C 225 -13.45 3.95 -42.89
CA ASN C 225 -14.21 2.97 -43.71
C ASN C 225 -15.53 2.67 -43.07
N LYS C 226 -16.60 3.29 -43.59
CA LYS C 226 -17.94 3.14 -43.08
C LYS C 226 -18.56 1.76 -43.16
N ASP C 227 -17.90 0.85 -43.91
CA ASP C 227 -18.37 -0.53 -43.97
C ASP C 227 -18.07 -1.28 -42.68
N LYS C 228 -17.19 -0.69 -41.84
CA LYS C 228 -16.87 -1.29 -40.56
C LYS C 228 -17.86 -0.91 -39.47
N PHE C 229 -18.79 0.03 -39.73
CA PHE C 229 -19.71 0.45 -38.68
C PHE C 229 -20.74 -0.55 -38.23
N ALA C 230 -21.33 -1.32 -39.17
CA ALA C 230 -22.39 -2.21 -38.74
C ALA C 230 -21.90 -3.23 -37.71
N LYS C 231 -20.75 -3.85 -37.90
CA LYS C 231 -20.25 -4.87 -36.97
C LYS C 231 -19.81 -4.22 -35.64
N ALA C 232 -19.30 -3.01 -35.73
CA ALA C 232 -18.93 -2.27 -34.50
C ALA C 232 -20.15 -2.06 -33.62
N LYS C 233 -21.29 -1.69 -34.22
CA LYS C 233 -22.50 -1.55 -33.42
C LYS C 233 -22.98 -2.90 -32.92
N GLU C 234 -22.81 -3.97 -33.74
CA GLU C 234 -23.26 -5.27 -33.27
C GLU C 234 -22.59 -5.68 -31.97
N VAL C 235 -21.33 -5.32 -31.74
CA VAL C 235 -20.60 -5.73 -30.55
C VAL C 235 -20.55 -4.62 -29.50
N GLY C 236 -21.30 -3.53 -29.69
CA GLY C 236 -21.44 -2.59 -28.57
C GLY C 236 -21.32 -1.12 -28.92
N ALA C 237 -20.91 -0.77 -30.13
CA ALA C 237 -20.77 0.66 -30.43
C ALA C 237 -22.15 1.32 -30.39
N THR C 238 -22.22 2.48 -29.75
CA THR C 238 -23.54 3.14 -29.68
C THR C 238 -23.65 4.15 -30.82
N GLU C 239 -22.57 4.61 -31.39
CA GLU C 239 -22.51 5.55 -32.48
C GLU C 239 -21.20 5.30 -33.26
N CYS C 240 -21.21 5.58 -34.56
CA CYS C 240 -19.96 5.55 -35.30
C CYS C 240 -19.85 6.81 -36.14
N VAL C 241 -18.61 7.31 -36.25
CA VAL C 241 -18.35 8.50 -37.02
C VAL C 241 -17.18 8.27 -37.97
N ASN C 242 -17.32 8.84 -39.17
CA ASN C 242 -16.24 8.79 -40.15
C ASN C 242 -15.61 10.16 -40.26
N PRO C 243 -14.34 10.29 -39.98
CA PRO C 243 -13.60 11.54 -40.08
C PRO C 243 -13.72 12.23 -41.43
N GLN C 244 -13.79 11.46 -42.52
CA GLN C 244 -13.88 12.00 -43.87
C GLN C 244 -15.19 12.72 -44.13
N ASP C 245 -16.22 12.50 -43.30
CA ASP C 245 -17.49 13.17 -43.50
C ASP C 245 -17.48 14.61 -43.01
N TYR C 246 -16.48 15.01 -42.22
CA TYR C 246 -16.48 16.33 -41.62
C TYR C 246 -15.49 17.31 -42.21
N LYS C 247 -15.81 18.60 -42.07
CA LYS C 247 -14.89 19.65 -42.51
C LYS C 247 -14.06 20.17 -41.35
N LYS C 248 -14.32 19.74 -40.12
CA LYS C 248 -13.48 20.08 -38.97
C LYS C 248 -12.85 18.80 -38.42
N PRO C 249 -11.74 18.95 -37.71
CA PRO C 249 -10.98 17.86 -37.13
C PRO C 249 -11.83 17.00 -36.23
N ILE C 250 -11.68 15.68 -36.30
CA ILE C 250 -12.58 14.78 -35.56
C ILE C 250 -12.41 14.93 -34.05
N GLN C 251 -11.28 15.41 -33.53
CA GLN C 251 -11.14 15.61 -32.08
C GLN C 251 -12.14 16.67 -31.61
N GLU C 252 -12.42 17.67 -32.45
CA GLU C 252 -13.49 18.61 -32.15
C GLU C 252 -14.88 18.03 -32.15
N VAL C 253 -15.17 17.26 -33.21
CA VAL C 253 -16.44 16.57 -33.30
C VAL C 253 -16.64 15.73 -32.06
N LEU C 254 -15.60 14.96 -31.67
CA LEU C 254 -15.79 14.04 -30.55
C LEU C 254 -15.94 14.79 -29.22
N THR C 255 -15.15 15.83 -29.05
CA THR C 255 -15.22 16.66 -27.83
C THR C 255 -16.62 17.26 -27.69
N GLU C 256 -17.22 17.75 -28.78
CA GLU C 256 -18.61 18.20 -28.68
C GLU C 256 -19.62 17.13 -28.40
N MET C 257 -19.53 15.96 -29.05
CA MET C 257 -20.46 14.87 -28.90
C MET C 257 -20.50 14.35 -27.45
N SER C 258 -19.35 14.42 -26.81
CA SER C 258 -19.16 13.94 -25.45
C SER C 258 -19.27 15.07 -24.42
N ASN C 259 -19.69 16.25 -24.85
CA ASN C 259 -19.91 17.35 -23.87
C ASN C 259 -18.61 17.67 -23.14
N GLY C 260 -17.54 17.78 -23.92
CA GLY C 260 -16.27 18.24 -23.48
C GLY C 260 -15.15 17.23 -23.31
N GLY C 261 -15.31 16.03 -23.92
CA GLY C 261 -14.19 15.07 -23.85
C GLY C 261 -14.65 13.70 -23.36
N VAL C 262 -14.03 12.62 -23.91
CA VAL C 262 -14.55 11.28 -23.50
C VAL C 262 -13.77 10.84 -22.26
N ASP C 263 -14.28 9.85 -21.56
CA ASP C 263 -13.55 9.36 -20.39
C ASP C 263 -12.33 8.56 -20.85
N PHE C 264 -12.56 7.67 -21.85
CA PHE C 264 -11.49 6.82 -22.33
C PHE C 264 -11.37 6.82 -23.85
N SER C 265 -10.18 6.94 -24.42
CA SER C 265 -10.08 6.87 -25.88
C SER C 265 -8.94 5.91 -26.21
N PHE C 266 -9.14 5.21 -27.34
CA PHE C 266 -8.16 4.18 -27.72
C PHE C 266 -7.68 4.43 -29.16
N GLU C 267 -6.41 4.35 -29.43
CA GLU C 267 -5.92 4.40 -30.81
C GLU C 267 -5.56 2.95 -31.23
N VAL C 268 -6.36 2.52 -32.20
CA VAL C 268 -6.23 1.08 -32.61
C VAL C 268 -6.09 1.06 -34.14
N ILE C 269 -5.23 1.94 -34.61
CA ILE C 269 -4.91 2.02 -36.05
C ILE C 269 -3.44 1.84 -36.37
N GLY C 270 -2.64 2.74 -35.78
CA GLY C 270 -1.22 2.78 -35.99
C GLY C 270 -0.76 4.01 -36.74
N ARG C 271 -1.39 5.16 -36.44
CA ARG C 271 -0.90 6.38 -37.09
C ARG C 271 -0.51 7.44 -36.02
N LEU C 272 0.54 8.15 -36.30
CA LEU C 272 1.00 9.21 -35.40
C LEU C 272 -0.11 10.26 -35.21
N ASP C 273 -0.75 10.68 -36.29
CA ASP C 273 -1.75 11.73 -36.17
C ASP C 273 -2.99 11.30 -35.44
N THR C 274 -3.44 10.04 -35.52
CA THR C 274 -4.60 9.59 -34.77
C THR C 274 -4.22 9.34 -33.29
N MET C 275 -2.98 9.07 -33.01
CA MET C 275 -2.52 8.91 -31.62
C MET C 275 -2.69 10.31 -30.96
N VAL C 276 -2.33 11.35 -31.71
CA VAL C 276 -2.46 12.70 -31.04
C VAL C 276 -3.92 13.09 -30.92
N THR C 277 -4.71 12.80 -31.96
CA THR C 277 -6.15 13.06 -31.96
C THR C 277 -6.89 12.33 -30.86
N ALA C 278 -6.51 11.03 -30.66
CA ALA C 278 -7.20 10.25 -29.64
C ALA C 278 -6.91 10.83 -28.25
N LEU C 279 -5.68 11.24 -28.02
CA LEU C 279 -5.27 11.88 -26.75
C LEU C 279 -6.09 13.18 -26.54
N SER C 280 -6.09 13.97 -27.60
CA SER C 280 -6.83 15.25 -27.52
C SER C 280 -8.29 15.07 -27.18
N CYS C 281 -9.01 14.05 -27.69
CA CYS C 281 -10.44 13.94 -27.50
C CYS C 281 -10.85 13.41 -26.14
N CYS C 282 -9.92 12.99 -25.30
CA CYS C 282 -10.30 12.57 -23.94
C CYS C 282 -10.33 13.86 -23.08
N GLN C 283 -11.23 13.83 -22.13
CA GLN C 283 -11.42 15.08 -21.29
C GLN C 283 -10.11 15.51 -20.70
N GLU C 284 -9.85 16.84 -20.76
CA GLU C 284 -8.55 17.40 -20.43
C GLU C 284 -8.09 17.25 -18.98
N ALA C 285 -9.00 17.08 -18.05
CA ALA C 285 -8.63 16.99 -16.63
C ALA C 285 -8.57 15.56 -16.11
N TYR C 286 -9.40 14.66 -16.68
CA TYR C 286 -9.32 13.29 -16.15
C TYR C 286 -9.44 12.19 -17.21
N GLY C 287 -9.30 12.56 -18.48
CA GLY C 287 -9.42 11.55 -19.56
C GLY C 287 -8.20 10.64 -19.58
N VAL C 288 -8.42 9.47 -20.20
CA VAL C 288 -7.32 8.49 -20.36
C VAL C 288 -7.32 8.08 -21.84
N SER C 289 -6.11 8.03 -22.37
CA SER C 289 -6.02 7.55 -23.79
C SER C 289 -5.00 6.41 -23.82
N VAL C 290 -5.37 5.35 -24.56
CA VAL C 290 -4.45 4.20 -24.67
C VAL C 290 -4.05 3.99 -26.15
N ILE C 291 -2.74 3.93 -26.32
CA ILE C 291 -2.19 3.61 -27.66
C ILE C 291 -2.18 2.07 -27.77
N VAL C 292 -2.81 1.59 -28.82
CA VAL C 292 -2.80 0.13 -29.13
C VAL C 292 -2.21 -0.07 -30.54
N GLY C 293 -2.49 0.84 -31.49
CA GLY C 293 -1.87 0.72 -32.82
C GLY C 293 -0.36 0.85 -32.86
N VAL C 294 0.24 0.09 -33.83
CA VAL C 294 1.68 0.16 -34.10
C VAL C 294 1.99 1.15 -35.21
N PRO C 295 2.75 2.19 -34.88
CA PRO C 295 3.16 3.23 -35.80
C PRO C 295 4.40 2.83 -36.61
N PRO C 296 4.63 3.52 -37.71
CA PRO C 296 5.74 3.33 -38.60
C PRO C 296 7.05 3.44 -37.86
N ASP C 297 7.92 2.47 -38.06
CA ASP C 297 9.22 2.37 -37.44
C ASP C 297 10.02 3.68 -37.43
N SER C 298 10.49 3.97 -36.22
CA SER C 298 11.43 5.03 -35.92
C SER C 298 10.82 6.42 -36.10
N GLN C 299 9.53 6.58 -36.29
CA GLN C 299 8.99 7.93 -36.53
C GLN C 299 8.44 8.52 -35.23
N ASN C 300 8.78 9.79 -35.02
CA ASN C 300 8.27 10.43 -33.78
C ASN C 300 7.01 11.21 -34.06
N LEU C 301 6.16 11.30 -33.04
CA LEU C 301 4.98 12.16 -33.12
C LEU C 301 5.40 13.50 -32.47
N SER C 302 4.55 14.45 -32.77
CA SER C 302 4.68 15.81 -32.23
C SER C 302 3.41 16.15 -31.49
N MET C 303 3.57 16.64 -30.21
CA MET C 303 2.41 16.94 -29.41
C MET C 303 2.76 18.01 -28.33
N ASN C 304 1.70 18.71 -27.95
CA ASN C 304 1.83 19.78 -26.92
C ASN C 304 1.64 19.16 -25.55
N PRO C 305 2.63 19.22 -24.69
CA PRO C 305 2.58 18.65 -23.34
C PRO C 305 1.56 19.32 -22.46
N MET C 306 0.96 20.46 -22.83
CA MET C 306 -0.22 20.97 -22.12
C MET C 306 -1.38 20.00 -22.16
N LEU C 307 -1.42 19.07 -23.19
CA LEU C 307 -2.53 18.13 -23.17
C LEU C 307 -2.42 17.21 -21.94
N LEU C 308 -1.18 17.00 -21.49
CA LEU C 308 -1.00 16.16 -20.31
C LEU C 308 -1.02 16.99 -19.02
N LEU C 309 -0.39 18.18 -19.04
CA LEU C 309 -0.38 18.96 -17.77
C LEU C 309 -1.75 19.22 -17.22
N SER C 310 -2.78 19.43 -18.01
CA SER C 310 -4.13 19.67 -17.51
C SER C 310 -4.70 18.50 -16.72
N GLY C 311 -4.16 17.28 -16.94
CA GLY C 311 -4.58 16.12 -16.17
C GLY C 311 -4.68 14.83 -16.99
N ARG C 312 -4.69 14.91 -18.31
CA ARG C 312 -4.85 13.60 -19.03
C ARG C 312 -3.79 12.58 -18.66
N THR C 313 -4.11 11.30 -18.98
CA THR C 313 -3.20 10.17 -18.79
C THR C 313 -3.09 9.50 -20.18
N TRP C 314 -1.87 9.24 -20.56
CA TRP C 314 -1.65 8.59 -21.88
C TRP C 314 -0.82 7.34 -21.56
N LYS C 315 -1.26 6.23 -22.18
CA LYS C 315 -0.47 5.03 -21.92
C LYS C 315 -0.57 4.15 -23.18
N GLY C 316 0.29 3.13 -23.16
CA GLY C 316 0.06 2.14 -24.28
C GLY C 316 0.31 0.75 -23.68
N ALA C 317 0.11 -0.29 -24.55
CA ALA C 317 0.32 -1.64 -23.99
C ALA C 317 0.57 -2.59 -25.18
N ILE C 318 1.24 -3.69 -24.85
CA ILE C 318 1.31 -4.80 -25.79
C ILE C 318 0.40 -5.90 -25.26
N PHE C 319 -0.40 -6.54 -26.13
CA PHE C 319 -1.22 -7.70 -25.74
C PHE C 319 -2.21 -7.40 -24.64
N GLY C 320 -2.82 -6.19 -24.64
CA GLY C 320 -3.84 -5.83 -23.64
C GLY C 320 -3.33 -5.79 -22.21
N GLY C 321 -2.04 -5.75 -21.98
CA GLY C 321 -1.46 -5.77 -20.65
C GLY C 321 -1.57 -7.11 -19.92
N PHE C 322 -1.95 -8.16 -20.64
CA PHE C 322 -2.00 -9.49 -19.98
C PHE C 322 -0.66 -10.17 -19.86
N LYS C 323 -0.34 -10.72 -18.68
CA LYS C 323 0.83 -11.60 -18.55
C LYS C 323 0.40 -12.84 -19.36
N SER C 324 1.26 -13.18 -20.34
CA SER C 324 0.74 -14.05 -21.38
C SER C 324 0.46 -15.51 -20.95
N LYS C 325 1.45 -16.11 -20.28
CA LYS C 325 1.25 -17.55 -19.96
C LYS C 325 0.27 -17.80 -18.84
N ASP C 326 0.15 -16.81 -17.94
CA ASP C 326 -0.92 -16.89 -16.96
C ASP C 326 -2.25 -16.67 -17.64
N SER C 327 -2.33 -15.66 -18.55
CA SER C 327 -3.66 -15.26 -18.97
C SER C 327 -4.32 -15.99 -20.11
N VAL C 328 -3.50 -16.54 -21.03
CA VAL C 328 -4.08 -17.18 -22.21
C VAL C 328 -4.96 -18.39 -21.87
N PRO C 329 -4.49 -19.25 -20.98
CA PRO C 329 -5.28 -20.44 -20.61
C PRO C 329 -6.57 -20.03 -19.93
N LYS C 330 -6.48 -18.93 -19.12
CA LYS C 330 -7.71 -18.44 -18.48
C LYS C 330 -8.68 -17.85 -19.48
N LEU C 331 -8.15 -17.04 -20.41
CA LEU C 331 -9.02 -16.48 -21.45
C LEU C 331 -9.71 -17.58 -22.24
N VAL C 332 -8.97 -18.67 -22.54
CA VAL C 332 -9.64 -19.76 -23.27
C VAL C 332 -10.73 -20.38 -22.38
N ALA C 333 -10.40 -20.64 -21.12
CA ALA C 333 -11.42 -21.18 -20.21
C ALA C 333 -12.65 -20.29 -20.19
N ASP C 334 -12.50 -18.97 -20.13
CA ASP C 334 -13.65 -18.07 -20.10
C ASP C 334 -14.42 -18.07 -21.41
N PHE C 335 -13.73 -18.28 -22.55
CA PHE C 335 -14.39 -18.43 -23.82
C PHE C 335 -15.26 -19.70 -23.80
N MET C 336 -14.68 -20.75 -23.21
CA MET C 336 -15.44 -22.01 -23.13
C MET C 336 -16.63 -21.91 -22.20
N ALA C 337 -16.55 -21.06 -21.17
CA ALA C 337 -17.67 -20.79 -20.27
C ALA C 337 -18.58 -19.69 -20.81
N LYS C 338 -18.47 -19.28 -22.06
CA LYS C 338 -19.28 -18.33 -22.77
C LYS C 338 -19.28 -16.91 -22.17
N LYS C 339 -18.14 -16.48 -21.67
CA LYS C 339 -18.05 -15.12 -21.10
C LYS C 339 -17.88 -14.04 -22.14
N PHE C 340 -17.37 -14.43 -23.30
CA PHE C 340 -17.21 -13.49 -24.43
C PHE C 340 -17.32 -14.29 -25.73
N ALA C 341 -17.55 -13.60 -26.82
CA ALA C 341 -17.66 -14.28 -28.14
C ALA C 341 -16.47 -13.96 -29.01
N LEU C 342 -16.09 -14.83 -29.94
CA LEU C 342 -15.04 -14.60 -30.92
C LEU C 342 -15.53 -14.62 -32.36
N ASP C 343 -16.73 -15.21 -32.60
CA ASP C 343 -17.31 -15.26 -33.93
C ASP C 343 -17.55 -13.95 -34.65
N PRO C 344 -17.86 -12.86 -33.96
CA PRO C 344 -18.01 -11.56 -34.61
C PRO C 344 -16.75 -11.05 -35.27
N LEU C 345 -15.57 -11.53 -34.84
CA LEU C 345 -14.32 -11.08 -35.43
C LEU C 345 -13.97 -11.85 -36.71
N ILE C 346 -14.54 -13.06 -36.86
CA ILE C 346 -14.11 -13.96 -37.95
C ILE C 346 -15.03 -13.75 -39.16
N THR C 347 -14.51 -13.13 -40.18
CA THR C 347 -15.32 -12.81 -41.36
C THR C 347 -15.02 -13.77 -42.52
N HIS C 348 -13.79 -14.28 -42.61
CA HIS C 348 -13.34 -15.13 -43.70
C HIS C 348 -12.53 -16.31 -43.17
N VAL C 349 -12.55 -17.40 -43.92
CA VAL C 349 -11.80 -18.61 -43.59
C VAL C 349 -11.17 -19.09 -44.91
N LEU C 350 -9.89 -19.33 -44.93
CA LEU C 350 -9.19 -19.83 -46.12
C LEU C 350 -8.21 -20.90 -45.67
N PRO C 351 -7.89 -21.82 -46.58
CA PRO C 351 -6.77 -22.72 -46.37
C PRO C 351 -5.49 -21.90 -46.32
N PHE C 352 -4.48 -22.36 -45.59
CA PHE C 352 -3.19 -21.69 -45.43
C PHE C 352 -2.49 -21.32 -46.71
N GLU C 353 -2.64 -22.18 -47.77
CA GLU C 353 -1.96 -21.90 -49.03
C GLU C 353 -2.49 -20.66 -49.73
N LYS C 354 -3.64 -20.15 -49.33
CA LYS C 354 -4.30 -18.96 -49.83
C LYS C 354 -4.01 -17.74 -48.94
N ILE C 355 -2.92 -17.87 -48.20
CA ILE C 355 -2.50 -16.77 -47.32
C ILE C 355 -2.47 -15.42 -48.02
N ASN C 356 -1.98 -15.30 -49.25
CA ASN C 356 -1.93 -14.01 -49.95
C ASN C 356 -3.29 -13.43 -50.22
N GLU C 357 -4.28 -14.27 -50.50
CA GLU C 357 -5.65 -13.79 -50.66
C GLU C 357 -6.17 -13.23 -49.34
N GLY C 358 -5.77 -13.87 -48.23
CA GLY C 358 -6.14 -13.39 -46.90
C GLY C 358 -5.53 -12.00 -46.72
N PHE C 359 -4.29 -11.79 -47.08
CA PHE C 359 -3.71 -10.44 -46.91
C PHE C 359 -4.36 -9.44 -47.86
N ASP C 360 -4.73 -9.87 -49.06
CA ASP C 360 -5.47 -8.96 -49.95
C ASP C 360 -6.84 -8.57 -49.41
N LEU C 361 -7.55 -9.45 -48.71
CA LEU C 361 -8.82 -9.16 -48.11
C LEU C 361 -8.63 -8.09 -47.01
N LEU C 362 -7.56 -8.28 -46.23
CA LEU C 362 -7.30 -7.33 -45.15
C LEU C 362 -7.01 -5.96 -45.76
N ARG C 363 -6.14 -5.93 -46.77
CA ARG C 363 -5.69 -4.69 -47.36
C ARG C 363 -6.77 -3.91 -48.11
N SER C 364 -7.76 -4.61 -48.65
CA SER C 364 -8.78 -3.91 -49.41
C SER C 364 -9.86 -3.36 -48.49
N GLY C 365 -9.85 -3.73 -47.22
CA GLY C 365 -10.80 -3.26 -46.23
C GLY C 365 -11.96 -4.22 -46.05
N GLU C 366 -11.95 -5.36 -46.77
CA GLU C 366 -13.09 -6.25 -46.75
C GLU C 366 -13.19 -7.17 -45.55
N SER C 367 -12.06 -7.52 -44.92
CA SER C 367 -12.16 -8.46 -43.82
C SER C 367 -11.93 -7.84 -42.44
N ILE C 368 -12.35 -8.61 -41.44
CA ILE C 368 -11.87 -8.32 -40.06
C ILE C 368 -10.71 -9.31 -39.85
N ARG C 369 -11.02 -10.53 -39.40
CA ARG C 369 -10.04 -11.58 -39.27
C ARG C 369 -10.33 -12.72 -40.27
N THR C 370 -9.30 -12.98 -41.06
CA THR C 370 -9.35 -14.25 -41.84
C THR C 370 -8.56 -15.25 -40.99
N ILE C 371 -9.15 -16.44 -40.79
CA ILE C 371 -8.46 -17.51 -40.07
C ILE C 371 -8.00 -18.52 -41.14
N LEU C 372 -6.74 -18.83 -41.12
CA LEU C 372 -6.14 -19.75 -42.09
C LEU C 372 -6.12 -21.10 -41.42
N THR C 373 -6.54 -22.13 -42.16
CA THR C 373 -6.53 -23.50 -41.61
C THR C 373 -5.45 -24.29 -42.33
N PHE C 374 -4.83 -25.24 -41.65
CA PHE C 374 -3.71 -26.01 -42.17
C PHE C 374 -4.11 -27.40 -42.62
N SER D 1 4.17 -57.18 5.45
CA SER D 1 5.13 -57.89 4.54
C SER D 1 6.18 -56.97 3.96
N THR D 2 5.88 -55.64 3.93
CA THR D 2 6.90 -54.71 3.46
C THR D 2 7.68 -54.13 4.64
N ALA D 3 7.26 -54.51 5.83
CA ALA D 3 7.96 -54.07 7.04
C ALA D 3 9.44 -54.39 6.94
N GLY D 4 10.28 -53.43 7.24
CA GLY D 4 11.71 -53.52 7.25
C GLY D 4 12.37 -53.59 5.88
N LYS D 5 11.60 -53.28 4.84
CA LYS D 5 12.11 -53.28 3.48
C LYS D 5 11.87 -51.89 2.84
N VAL D 6 12.70 -51.65 1.85
CA VAL D 6 12.51 -50.50 0.96
C VAL D 6 11.22 -50.67 0.18
N ILE D 7 10.42 -49.60 0.09
CA ILE D 7 9.21 -49.60 -0.69
C ILE D 7 9.51 -48.71 -1.91
N LYS D 8 9.20 -49.24 -3.09
CA LYS D 8 9.24 -48.47 -4.33
C LYS D 8 7.83 -48.01 -4.60
N CYS D 9 7.60 -46.67 -4.74
CA CYS D 9 6.26 -46.18 -4.94
C CYS D 9 6.29 -44.85 -5.71
N LYS D 10 5.13 -44.29 -5.97
CA LYS D 10 5.06 -43.04 -6.71
C LYS D 10 4.99 -41.87 -5.69
N ALA D 11 5.69 -40.80 -6.01
CA ALA D 11 5.52 -39.58 -5.18
C ALA D 11 5.50 -38.41 -6.18
N ALA D 12 4.99 -37.27 -5.68
CA ALA D 12 5.07 -36.05 -6.49
C ALA D 12 6.28 -35.28 -6.01
N VAL D 13 7.30 -35.09 -6.81
CA VAL D 13 8.55 -34.47 -6.52
C VAL D 13 8.58 -33.06 -7.16
N LEU D 14 8.87 -32.08 -6.31
CA LEU D 14 9.06 -30.73 -6.85
C LEU D 14 10.54 -30.49 -6.98
N TRP D 15 11.07 -30.44 -8.23
CA TRP D 15 12.49 -30.39 -8.47
C TRP D 15 13.06 -28.97 -8.42
N GLU D 16 12.19 -28.04 -8.77
CA GLU D 16 12.63 -26.65 -8.64
C GLU D 16 11.40 -25.77 -8.60
N GLU D 17 11.65 -24.52 -8.15
CA GLU D 17 10.53 -23.58 -8.07
C GLU D 17 9.78 -23.35 -9.36
N LYS D 18 8.50 -23.07 -9.26
CA LYS D 18 7.66 -22.62 -10.36
C LYS D 18 7.58 -23.62 -11.52
N LYS D 19 7.65 -24.89 -11.20
CA LYS D 19 7.40 -25.98 -12.16
C LYS D 19 6.30 -26.86 -11.62
N PRO D 20 5.58 -27.57 -12.47
CA PRO D 20 4.63 -28.59 -12.10
C PRO D 20 5.33 -29.63 -11.21
N PHE D 21 4.52 -30.29 -10.42
CA PHE D 21 5.05 -31.45 -9.66
C PHE D 21 5.33 -32.54 -10.72
N SER D 22 6.24 -33.41 -10.35
CA SER D 22 6.65 -34.49 -11.25
C SER D 22 6.38 -35.83 -10.55
N ILE D 23 5.49 -36.62 -11.14
CA ILE D 23 5.17 -37.93 -10.56
C ILE D 23 6.33 -38.87 -10.87
N GLU D 24 7.07 -39.25 -9.85
CA GLU D 24 8.27 -40.07 -9.97
C GLU D 24 8.21 -41.38 -9.18
N GLU D 25 8.98 -42.35 -9.68
CA GLU D 25 9.19 -43.55 -8.85
C GLU D 25 10.25 -43.20 -7.86
N VAL D 26 9.92 -43.30 -6.53
CA VAL D 26 10.89 -43.11 -5.50
C VAL D 26 11.06 -44.41 -4.66
N GLU D 27 12.11 -44.44 -3.90
CA GLU D 27 12.37 -45.48 -2.93
C GLU D 27 12.17 -44.85 -1.52
N VAL D 28 11.36 -45.51 -0.73
CA VAL D 28 11.18 -45.00 0.65
C VAL D 28 11.81 -46.05 1.60
N ALA D 29 12.82 -45.64 2.30
CA ALA D 29 13.45 -46.49 3.33
C ALA D 29 12.49 -46.83 4.41
N PRO D 30 12.72 -47.99 5.06
CA PRO D 30 11.97 -48.42 6.22
C PRO D 30 12.28 -47.44 7.39
N PRO D 31 11.33 -47.38 8.28
CA PRO D 31 11.48 -46.51 9.47
C PRO D 31 12.58 -46.95 10.39
N LYS D 32 13.39 -46.00 10.83
CA LYS D 32 14.39 -46.21 11.85
C LYS D 32 13.74 -45.99 13.24
N ALA D 33 14.61 -46.11 14.26
CA ALA D 33 14.09 -46.05 15.63
C ALA D 33 13.15 -44.84 15.74
N HIS D 34 11.99 -45.03 16.34
CA HIS D 34 11.06 -43.95 16.65
C HIS D 34 10.53 -43.25 15.41
N GLU D 35 10.40 -44.03 14.33
CA GLU D 35 9.90 -43.52 13.04
C GLU D 35 8.76 -44.41 12.62
N VAL D 36 7.82 -43.87 11.85
CA VAL D 36 6.58 -44.50 11.47
C VAL D 36 6.39 -44.37 9.94
N ARG D 37 6.30 -45.50 9.24
CA ARG D 37 6.01 -45.39 7.79
C ARG D 37 4.55 -45.61 7.57
N ILE D 38 3.97 -44.65 6.79
CA ILE D 38 2.58 -44.51 6.58
C ILE D 38 2.19 -44.73 5.10
N LYS D 39 1.14 -45.48 4.89
CA LYS D 39 0.47 -45.60 3.61
C LYS D 39 -0.56 -44.47 3.50
N MET D 40 -0.33 -43.54 2.56
CA MET D 40 -1.31 -42.46 2.46
C MET D 40 -2.65 -42.90 1.95
N VAL D 41 -3.73 -42.31 2.46
CA VAL D 41 -5.07 -42.53 2.03
C VAL D 41 -5.66 -41.27 1.36
N ALA D 42 -5.40 -40.10 2.01
CA ALA D 42 -5.98 -38.89 1.41
C ALA D 42 -5.08 -37.71 1.82
N THR D 43 -4.93 -36.76 0.89
CA THR D 43 -4.08 -35.59 1.25
C THR D 43 -4.75 -34.38 0.58
N GLY D 44 -4.81 -33.28 1.36
CA GLY D 44 -5.51 -32.11 0.80
C GLY D 44 -4.51 -31.17 0.15
N ILE D 45 -4.96 -30.28 -0.76
CA ILE D 45 -3.99 -29.36 -1.37
C ILE D 45 -4.16 -27.99 -0.65
N CYS D 46 -3.15 -27.67 0.14
CA CYS D 46 -3.24 -26.45 0.97
C CYS D 46 -2.53 -25.35 0.21
N ARG D 47 -2.98 -24.07 0.38
CA ARG D 47 -2.13 -23.02 -0.20
C ARG D 47 -0.72 -23.01 0.25
N SER D 48 -0.28 -23.49 1.46
CA SER D 48 1.11 -23.50 1.79
C SER D 48 1.91 -24.49 0.90
N ASP D 49 1.28 -25.55 0.44
CA ASP D 49 2.06 -26.38 -0.52
C ASP D 49 2.34 -25.63 -1.81
N ASP D 50 1.37 -24.84 -2.28
CA ASP D 50 1.60 -23.94 -3.42
C ASP D 50 2.61 -22.85 -3.12
N HIS D 51 2.77 -22.37 -1.85
CA HIS D 51 3.85 -21.45 -1.55
C HIS D 51 5.24 -21.99 -1.76
N VAL D 52 5.41 -23.38 -1.62
CA VAL D 52 6.72 -23.93 -1.94
C VAL D 52 6.98 -23.82 -3.46
N VAL D 53 5.96 -24.07 -4.24
CA VAL D 53 6.13 -23.96 -5.69
C VAL D 53 6.44 -22.52 -6.11
N SER D 54 5.73 -21.57 -5.50
CA SER D 54 5.95 -20.16 -5.91
C SER D 54 7.17 -19.51 -5.33
N GLY D 55 7.84 -20.04 -4.33
CA GLY D 55 8.99 -19.44 -3.68
C GLY D 55 8.53 -18.53 -2.51
N THR D 56 7.25 -18.51 -2.24
CA THR D 56 6.80 -17.71 -1.06
C THR D 56 7.37 -18.35 0.20
N LEU D 57 7.33 -19.68 0.26
CA LEU D 57 7.81 -20.45 1.40
C LEU D 57 9.10 -21.15 0.99
N VAL D 58 10.23 -20.81 1.55
CA VAL D 58 11.52 -21.37 1.20
C VAL D 58 11.81 -22.62 2.02
N THR D 59 12.16 -23.70 1.29
CA THR D 59 12.53 -24.97 1.96
C THR D 59 13.43 -25.68 0.96
N PRO D 60 14.39 -26.45 1.41
CA PRO D 60 15.34 -27.14 0.50
C PRO D 60 14.63 -28.00 -0.52
N LEU D 61 15.09 -27.85 -1.77
CA LEU D 61 14.59 -28.61 -2.93
C LEU D 61 15.74 -29.50 -3.40
N PRO D 62 15.43 -30.55 -4.13
CA PRO D 62 14.12 -31.03 -4.44
C PRO D 62 13.39 -31.59 -3.21
N VAL D 63 12.08 -31.59 -3.23
CA VAL D 63 11.23 -31.95 -2.11
C VAL D 63 10.00 -32.69 -2.47
N ILE D 64 9.48 -33.53 -1.54
CA ILE D 64 8.16 -34.07 -1.58
C ILE D 64 7.37 -33.19 -0.58
N ALA D 65 6.49 -32.39 -1.15
CA ALA D 65 5.67 -31.52 -0.29
C ALA D 65 4.45 -32.25 0.15
N GLY D 66 3.43 -31.54 0.68
CA GLY D 66 2.21 -32.16 1.22
C GLY D 66 2.39 -32.21 2.78
N HIS D 67 1.35 -31.74 3.46
CA HIS D 67 1.43 -31.73 4.93
C HIS D 67 0.06 -31.91 5.52
N GLU D 68 -1.04 -31.91 4.81
CA GLU D 68 -2.40 -32.04 5.25
C GLU D 68 -2.89 -33.44 4.77
N ALA D 69 -2.85 -34.41 5.68
CA ALA D 69 -3.16 -35.77 5.13
C ALA D 69 -3.66 -36.72 6.19
N ALA D 70 -4.12 -37.90 5.72
CA ALA D 70 -4.37 -38.97 6.71
C ALA D 70 -3.93 -40.27 6.01
N GLY D 71 -3.64 -41.26 6.81
CA GLY D 71 -3.34 -42.57 6.19
C GLY D 71 -3.27 -43.64 7.28
N ILE D 72 -2.72 -44.79 6.83
CA ILE D 72 -2.71 -45.98 7.70
C ILE D 72 -1.29 -46.41 7.93
N VAL D 73 -0.91 -46.73 9.18
CA VAL D 73 0.47 -47.08 9.46
C VAL D 73 0.81 -48.43 8.80
N GLU D 74 1.84 -48.36 7.98
CA GLU D 74 2.26 -49.64 7.31
C GLU D 74 3.22 -50.35 8.24
N SER D 75 4.11 -49.64 8.90
CA SER D 75 5.05 -50.25 9.84
C SER D 75 5.62 -49.25 10.83
N ILE D 76 6.28 -49.76 11.88
CA ILE D 76 6.87 -48.87 12.89
C ILE D 76 8.31 -49.27 13.19
N GLY D 77 9.14 -48.30 13.50
CA GLY D 77 10.53 -48.44 13.84
C GLY D 77 10.58 -48.91 15.33
N GLU D 78 11.78 -49.25 15.75
CA GLU D 78 11.93 -49.80 17.09
C GLU D 78 11.70 -48.65 18.09
N GLY D 79 10.97 -48.99 19.13
CA GLY D 79 10.82 -48.01 20.22
C GLY D 79 9.55 -47.21 20.06
N VAL D 80 8.81 -47.36 18.97
CA VAL D 80 7.57 -46.60 18.82
C VAL D 80 6.51 -47.16 19.73
N THR D 81 5.88 -46.28 20.53
CA THR D 81 4.83 -46.73 21.42
C THR D 81 3.50 -46.06 21.21
N THR D 82 3.40 -45.05 20.31
CA THR D 82 2.10 -44.39 20.22
C THR D 82 1.18 -44.73 19.08
N VAL D 83 1.67 -45.55 18.14
CA VAL D 83 0.89 -46.02 17.02
C VAL D 83 1.38 -47.47 16.73
N ARG D 84 0.49 -48.18 16.05
CA ARG D 84 0.85 -49.54 15.60
C ARG D 84 0.43 -49.70 14.12
N PRO D 85 0.97 -50.74 13.51
CA PRO D 85 0.58 -51.07 12.12
C PRO D 85 -0.89 -51.20 12.00
N GLY D 86 -1.57 -50.64 10.99
CA GLY D 86 -3.01 -50.72 10.82
C GLY D 86 -3.79 -49.53 11.36
N ASP D 87 -3.18 -48.78 12.26
CA ASP D 87 -3.85 -47.64 12.87
C ASP D 87 -4.07 -46.51 11.83
N LYS D 88 -5.22 -45.87 11.93
CA LYS D 88 -5.38 -44.64 11.14
C LYS D 88 -4.59 -43.54 11.81
N VAL D 89 -3.93 -42.67 11.04
CA VAL D 89 -3.05 -41.64 11.60
C VAL D 89 -3.16 -40.37 10.74
N ILE D 90 -2.87 -39.27 11.43
CA ILE D 90 -2.74 -37.97 10.72
C ILE D 90 -1.34 -37.48 11.00
N PRO D 91 -0.47 -37.16 10.04
CA PRO D 91 0.85 -36.62 10.17
C PRO D 91 0.78 -35.16 10.69
N LEU D 92 1.72 -34.84 11.56
CA LEU D 92 1.63 -33.50 12.23
C LEU D 92 2.76 -32.62 11.76
N PHE D 93 2.49 -31.58 10.94
CA PHE D 93 3.55 -30.74 10.40
C PHE D 93 4.23 -29.88 11.48
N THR D 94 3.54 -29.63 12.60
CA THR D 94 4.10 -29.15 13.84
C THR D 94 4.10 -30.36 14.85
N PRO D 95 5.26 -30.71 15.23
CA PRO D 95 5.40 -31.91 16.09
C PRO D 95 4.86 -31.62 17.51
N GLN D 96 4.79 -32.67 18.31
CA GLN D 96 4.66 -32.40 19.77
C GLN D 96 5.59 -33.37 20.52
N CYS D 97 6.82 -32.95 20.80
CA CYS D 97 7.77 -33.84 21.48
C CYS D 97 7.43 -34.10 22.95
N GLY D 98 6.58 -33.23 23.51
CA GLY D 98 6.19 -33.31 24.90
C GLY D 98 7.28 -33.00 25.90
N LYS D 99 8.50 -32.66 25.58
CA LYS D 99 9.59 -32.47 26.50
C LYS D 99 10.18 -31.07 26.50
N CYS D 100 9.93 -30.28 25.44
CA CYS D 100 10.56 -28.98 25.31
C CYS D 100 9.79 -27.96 26.15
N ARG D 101 10.41 -26.80 26.30
CA ARG D 101 9.74 -25.73 27.08
C ARG D 101 8.40 -25.32 26.51
N VAL D 102 8.25 -25.31 25.16
CA VAL D 102 6.95 -25.04 24.58
C VAL D 102 5.94 -26.11 24.81
N CYS D 103 6.34 -27.42 24.63
CA CYS D 103 5.33 -28.46 24.81
C CYS D 103 4.84 -28.50 26.26
N LYS D 104 5.72 -28.16 27.20
CA LYS D 104 5.26 -28.09 28.59
C LYS D 104 4.48 -26.85 28.96
N HIS D 105 4.53 -25.78 28.15
CA HIS D 105 3.79 -24.56 28.51
C HIS D 105 2.35 -24.81 28.22
N PRO D 106 1.42 -24.25 28.97
CA PRO D 106 0.01 -24.48 28.84
C PRO D 106 -0.58 -24.05 27.50
N GLU D 107 -0.01 -22.96 26.97
CA GLU D 107 -0.56 -22.35 25.76
C GLU D 107 0.30 -22.62 24.52
N GLY D 108 1.57 -22.90 24.64
CA GLY D 108 2.45 -23.00 23.47
C GLY D 108 2.12 -24.21 22.62
N ASN D 109 2.25 -24.06 21.27
CA ASN D 109 2.19 -25.28 20.45
C ASN D 109 3.35 -25.37 19.47
N PHE D 110 4.23 -24.40 19.33
CA PHE D 110 5.30 -24.39 18.32
C PHE D 110 6.53 -25.08 18.90
N CYS D 111 6.37 -26.43 18.95
CA CYS D 111 7.37 -27.33 19.50
C CYS D 111 8.73 -26.98 18.92
N LEU D 112 9.73 -27.04 19.75
CA LEU D 112 11.09 -26.71 19.34
C LEU D 112 11.76 -27.74 18.41
N LYS D 113 11.10 -28.86 18.19
CA LYS D 113 11.64 -29.84 17.22
C LYS D 113 11.11 -29.55 15.83
N ASN D 114 10.31 -28.49 15.68
CA ASN D 114 9.76 -28.21 14.34
C ASN D 114 10.84 -27.95 13.29
N ASP D 115 10.39 -28.17 12.02
CA ASP D 115 11.30 -27.96 10.89
C ASP D 115 10.80 -26.76 10.06
N LEU D 116 10.15 -25.83 10.75
CA LEU D 116 9.54 -24.67 10.11
C LEU D 116 10.49 -23.48 10.13
N SER D 117 11.01 -23.15 11.33
CA SER D 117 11.83 -21.95 11.46
C SER D 117 13.09 -21.93 10.62
N MET D 118 13.89 -22.96 10.62
CA MET D 118 15.14 -23.01 9.83
C MET D 118 15.09 -24.34 9.06
N PRO D 119 14.25 -24.44 8.07
CA PRO D 119 13.93 -25.72 7.43
C PRO D 119 15.15 -26.43 6.91
N ARG D 120 15.26 -27.70 7.29
CA ARG D 120 16.33 -28.58 6.86
C ARG D 120 15.72 -29.55 5.81
N GLY D 121 14.43 -29.81 5.89
CA GLY D 121 13.82 -30.77 4.96
C GLY D 121 14.33 -32.16 5.15
N THR D 122 14.53 -32.58 6.42
CA THR D 122 14.95 -33.92 6.75
C THR D 122 14.09 -34.55 7.84
N MET D 123 14.44 -35.82 8.15
CA MET D 123 13.90 -36.41 9.39
C MET D 123 14.53 -35.73 10.59
N GLN D 124 14.14 -36.11 11.82
CA GLN D 124 14.81 -35.50 12.99
C GLN D 124 16.29 -35.79 13.06
N ASP D 125 16.72 -36.93 12.51
CA ASP D 125 18.13 -37.33 12.51
C ASP D 125 18.98 -36.66 11.47
N GLY D 126 18.43 -35.76 10.63
CA GLY D 126 19.24 -35.00 9.70
C GLY D 126 19.39 -35.75 8.36
N THR D 127 18.69 -36.88 8.20
CA THR D 127 18.79 -37.57 6.90
C THR D 127 17.44 -37.73 6.24
N SER D 128 17.42 -38.16 4.95
CA SER D 128 16.18 -38.33 4.22
C SER D 128 15.82 -39.79 4.02
N ARG D 129 14.55 -40.18 4.07
CA ARG D 129 14.15 -41.55 3.79
C ARG D 129 13.82 -41.74 2.29
N PHE D 130 13.89 -40.66 1.53
CA PHE D 130 13.45 -40.66 0.13
C PHE D 130 14.57 -40.57 -0.89
N THR D 131 14.55 -41.49 -1.88
CA THR D 131 15.58 -41.33 -2.93
C THR D 131 14.90 -41.37 -4.29
N CYS D 132 15.41 -40.58 -5.23
CA CYS D 132 14.85 -40.61 -6.58
C CYS D 132 16.02 -40.75 -7.55
N ARG D 133 16.06 -41.92 -8.20
CA ARG D 133 17.22 -42.28 -9.04
C ARG D 133 18.55 -42.04 -8.36
N GLY D 134 18.73 -42.62 -7.17
CA GLY D 134 19.94 -42.38 -6.40
C GLY D 134 20.08 -41.00 -5.81
N LYS D 135 19.16 -40.05 -5.97
CA LYS D 135 19.37 -38.72 -5.39
C LYS D 135 18.43 -38.57 -4.17
N PRO D 136 18.99 -38.14 -3.07
CA PRO D 136 18.20 -37.86 -1.87
C PRO D 136 17.19 -36.75 -2.14
N ILE D 137 15.97 -36.93 -1.66
CA ILE D 137 14.91 -35.94 -1.90
C ILE D 137 14.54 -35.45 -0.46
N HIS D 138 14.46 -34.12 -0.35
CA HIS D 138 14.06 -33.60 0.97
C HIS D 138 12.64 -33.92 1.32
N HIS D 139 12.45 -33.93 2.67
CA HIS D 139 11.18 -34.00 3.35
C HIS D 139 10.66 -32.54 3.53
N PHE D 140 9.37 -32.47 3.82
CA PHE D 140 8.80 -31.12 4.05
C PHE D 140 8.07 -31.18 5.38
N LEU D 141 8.57 -30.35 6.31
CA LEU D 141 7.94 -30.19 7.63
C LEU D 141 7.80 -31.49 8.42
N GLY D 142 8.68 -32.44 8.08
CA GLY D 142 8.55 -33.78 8.68
C GLY D 142 7.29 -34.51 8.31
N THR D 143 6.58 -34.28 7.21
CA THR D 143 5.37 -34.93 6.84
C THR D 143 5.53 -35.52 5.42
N SER D 144 5.60 -34.65 4.44
CA SER D 144 5.75 -35.10 3.02
C SER D 144 4.68 -36.06 2.66
N THR D 145 3.44 -35.65 2.45
CA THR D 145 2.29 -36.46 2.21
C THR D 145 1.94 -36.68 0.75
N PHE D 146 2.67 -36.02 -0.15
CA PHE D 146 2.36 -36.17 -1.60
C PHE D 146 3.15 -37.38 -2.13
N SER D 147 2.82 -38.51 -1.53
CA SER D 147 3.63 -39.72 -1.78
C SER D 147 2.73 -40.88 -1.36
N GLN D 148 2.83 -42.01 -2.11
CA GLN D 148 1.96 -43.12 -1.70
C GLN D 148 2.34 -43.59 -0.30
N TYR D 149 3.56 -43.53 0.10
CA TYR D 149 4.13 -43.83 1.37
C TYR D 149 5.08 -42.73 1.80
N THR D 150 5.04 -42.44 3.13
CA THR D 150 6.01 -41.53 3.70
C THR D 150 6.54 -42.08 5.03
N VAL D 151 7.62 -41.50 5.49
CA VAL D 151 8.12 -41.83 6.84
C VAL D 151 8.15 -40.54 7.66
N VAL D 152 7.78 -40.70 8.93
CA VAL D 152 7.67 -39.50 9.81
C VAL D 152 8.24 -39.91 11.18
N ASP D 153 8.79 -38.94 11.88
CA ASP D 153 9.17 -39.18 13.29
C ASP D 153 7.92 -39.36 14.13
N GLU D 154 8.04 -40.14 15.24
CA GLU D 154 6.87 -40.43 16.07
C GLU D 154 6.26 -39.15 16.72
N ILE D 155 7.11 -38.19 16.92
CA ILE D 155 6.54 -36.91 17.43
C ILE D 155 5.80 -36.10 16.35
N SER D 156 5.78 -36.60 15.12
CA SER D 156 5.00 -35.97 14.07
C SER D 156 3.89 -36.87 13.53
N VAL D 157 3.28 -37.70 14.39
CA VAL D 157 2.13 -38.48 13.98
C VAL D 157 1.18 -38.71 15.14
N ALA D 158 -0.09 -38.64 14.89
CA ALA D 158 -1.11 -38.95 15.89
C ALA D 158 -2.02 -40.08 15.40
N LYS D 159 -2.36 -40.98 16.34
CA LYS D 159 -3.38 -41.98 16.12
C LYS D 159 -4.78 -41.46 16.23
N ILE D 160 -5.66 -41.72 15.30
CA ILE D 160 -7.03 -41.27 15.30
C ILE D 160 -8.01 -42.43 15.28
N ASP D 161 -9.26 -42.08 15.44
CA ASP D 161 -10.36 -43.02 15.50
C ASP D 161 -10.30 -43.99 14.30
N ALA D 162 -10.33 -45.28 14.63
CA ALA D 162 -10.29 -46.31 13.59
C ALA D 162 -11.48 -46.26 12.65
N ALA D 163 -12.60 -45.67 12.95
CA ALA D 163 -13.76 -45.57 12.13
C ALA D 163 -13.84 -44.25 11.35
N SER D 164 -12.81 -43.42 11.45
CA SER D 164 -12.94 -42.10 10.79
C SER D 164 -12.75 -42.22 9.28
N PRO D 165 -13.47 -41.37 8.57
CA PRO D 165 -13.36 -41.26 7.11
C PRO D 165 -12.13 -40.44 6.74
N LEU D 166 -11.07 -41.09 6.29
CA LEU D 166 -9.80 -40.44 6.01
C LEU D 166 -9.85 -39.41 4.91
N GLU D 167 -10.77 -39.55 3.96
CA GLU D 167 -10.88 -38.58 2.88
C GLU D 167 -11.53 -37.28 3.35
N LYS D 168 -12.06 -37.23 4.55
CA LYS D 168 -12.56 -36.00 5.15
C LYS D 168 -11.63 -35.51 6.25
N VAL D 169 -11.24 -36.41 7.15
CA VAL D 169 -10.52 -35.94 8.34
C VAL D 169 -9.08 -35.57 8.10
N CYS D 170 -8.51 -35.78 6.91
CA CYS D 170 -7.22 -35.26 6.51
C CYS D 170 -7.22 -33.72 6.68
N LEU D 171 -8.36 -33.09 6.54
CA LEU D 171 -8.44 -31.63 6.69
C LEU D 171 -8.11 -31.19 8.10
N ILE D 172 -8.28 -32.11 9.05
CA ILE D 172 -7.85 -31.82 10.44
C ILE D 172 -6.36 -31.76 10.55
N GLY D 173 -5.56 -32.26 9.59
CA GLY D 173 -4.12 -32.16 9.62
C GLY D 173 -3.64 -30.69 9.28
N CYS D 174 -4.56 -29.89 8.73
CA CYS D 174 -4.05 -28.50 8.58
C CYS D 174 -5.22 -27.55 8.53
N GLY D 175 -5.88 -27.41 7.40
CA GLY D 175 -6.72 -26.27 7.12
C GLY D 175 -7.80 -26.10 8.16
N PHE D 176 -8.59 -27.13 8.45
CA PHE D 176 -9.73 -26.91 9.33
C PHE D 176 -9.19 -26.51 10.71
N SER D 177 -8.27 -27.28 11.29
CA SER D 177 -7.78 -27.04 12.63
C SER D 177 -7.13 -25.65 12.79
N THR D 178 -6.40 -25.27 11.76
CA THR D 178 -5.76 -23.95 11.77
C THR D 178 -6.84 -22.89 11.81
N GLY D 179 -7.80 -22.93 10.91
CA GLY D 179 -8.79 -21.81 10.91
C GLY D 179 -9.59 -21.86 12.19
N TYR D 180 -10.14 -23.03 12.55
CA TYR D 180 -11.09 -23.13 13.66
C TYR D 180 -10.37 -22.75 14.94
N GLY D 181 -9.18 -23.30 15.17
CA GLY D 181 -8.39 -22.98 16.38
C GLY D 181 -7.97 -21.50 16.42
N SER D 182 -7.69 -20.92 15.24
CA SER D 182 -7.33 -19.48 15.25
C SER D 182 -8.46 -18.66 15.86
N ALA D 183 -9.70 -18.97 15.60
CA ALA D 183 -10.86 -18.29 16.11
C ALA D 183 -11.15 -18.68 17.56
N VAL D 184 -11.16 -19.99 17.85
CA VAL D 184 -11.68 -20.42 19.16
C VAL D 184 -10.60 -20.49 20.19
N LYS D 185 -9.34 -20.71 19.83
CA LYS D 185 -8.28 -20.81 20.82
C LYS D 185 -7.31 -19.64 20.86
N VAL D 186 -6.94 -19.11 19.70
CA VAL D 186 -5.93 -18.04 19.66
C VAL D 186 -6.65 -16.71 19.89
N ALA D 187 -7.61 -16.38 19.06
CA ALA D 187 -8.31 -15.10 19.28
C ALA D 187 -9.17 -15.19 20.52
N LYS D 188 -9.78 -16.34 20.80
CA LYS D 188 -10.80 -16.54 21.81
C LYS D 188 -12.00 -15.65 21.54
N VAL D 189 -12.52 -15.78 20.30
CA VAL D 189 -13.71 -15.04 19.91
C VAL D 189 -14.81 -15.16 20.92
N THR D 190 -15.47 -14.03 21.25
CA THR D 190 -16.54 -14.06 22.23
C THR D 190 -17.95 -14.01 21.69
N GLN D 191 -18.90 -14.41 22.53
CA GLN D 191 -20.31 -14.42 22.17
C GLN D 191 -20.80 -12.99 21.89
N GLY D 192 -21.48 -12.82 20.78
CA GLY D 192 -22.02 -11.53 20.37
C GLY D 192 -21.02 -10.61 19.71
N SER D 193 -19.75 -11.00 19.55
CA SER D 193 -18.77 -10.11 18.95
C SER D 193 -18.95 -9.99 17.42
N THR D 194 -18.26 -8.99 16.90
CA THR D 194 -18.10 -8.79 15.45
C THR D 194 -16.71 -9.19 15.03
N CYS D 195 -16.65 -10.06 13.98
CA CYS D 195 -15.38 -10.54 13.44
C CYS D 195 -15.24 -10.18 11.96
N ALA D 196 -14.04 -9.97 11.52
CA ALA D 196 -13.76 -9.76 10.09
C ALA D 196 -12.71 -10.80 9.67
N VAL D 197 -13.01 -11.53 8.60
CA VAL D 197 -12.09 -12.59 8.11
C VAL D 197 -11.62 -12.27 6.69
N PHE D 198 -10.34 -12.05 6.53
CA PHE D 198 -9.70 -11.68 5.30
C PHE D 198 -9.17 -12.99 4.65
N GLY D 199 -9.80 -13.31 3.51
CA GLY D 199 -9.36 -14.57 2.82
C GLY D 199 -10.39 -15.65 3.10
N LEU D 200 -11.10 -16.14 2.05
CA LEU D 200 -12.20 -17.05 2.22
C LEU D 200 -11.90 -18.37 1.47
N GLY D 201 -10.66 -18.81 1.62
CA GLY D 201 -10.24 -20.13 1.10
C GLY D 201 -10.60 -21.13 2.21
N GLY D 202 -10.00 -22.32 2.18
CA GLY D 202 -10.31 -23.36 3.16
C GLY D 202 -10.03 -22.88 4.61
N VAL D 203 -8.90 -22.19 4.77
CA VAL D 203 -8.54 -21.81 6.16
C VAL D 203 -9.45 -20.68 6.64
N GLY D 204 -9.75 -19.72 5.74
CA GLY D 204 -10.68 -18.64 6.14
C GLY D 204 -12.07 -19.11 6.42
N LEU D 205 -12.55 -20.14 5.63
CA LEU D 205 -13.86 -20.70 5.96
C LEU D 205 -13.86 -21.38 7.32
N SER D 206 -12.78 -22.06 7.65
CA SER D 206 -12.61 -22.68 8.97
C SER D 206 -12.58 -21.59 10.07
N VAL D 207 -11.92 -20.48 9.82
CA VAL D 207 -12.03 -19.34 10.78
C VAL D 207 -13.47 -18.95 10.98
N ILE D 208 -14.25 -18.76 9.91
CA ILE D 208 -15.66 -18.46 10.02
C ILE D 208 -16.42 -19.49 10.81
N MET D 209 -16.14 -20.79 10.53
CA MET D 209 -16.80 -21.82 11.35
C MET D 209 -16.50 -21.60 12.84
N GLY D 210 -15.27 -21.34 13.21
CA GLY D 210 -14.88 -21.15 14.59
C GLY D 210 -15.52 -19.89 15.19
N CYS D 211 -15.55 -18.82 14.38
CA CYS D 211 -16.24 -17.62 14.88
C CYS D 211 -17.70 -17.89 15.16
N LYS D 212 -18.42 -18.58 14.28
CA LYS D 212 -19.81 -18.93 14.48
C LYS D 212 -20.03 -19.88 15.65
N ALA D 213 -19.13 -20.84 15.83
CA ALA D 213 -19.22 -21.75 16.96
C ALA D 213 -18.95 -21.03 18.30
N ALA D 214 -18.17 -19.95 18.25
CA ALA D 214 -17.90 -19.13 19.42
C ALA D 214 -19.04 -18.13 19.70
N GLY D 215 -20.04 -18.03 18.85
CA GLY D 215 -21.21 -17.20 19.13
C GLY D 215 -21.09 -15.79 18.57
N ALA D 216 -20.17 -15.57 17.64
CA ALA D 216 -20.09 -14.21 17.08
C ALA D 216 -21.44 -13.83 16.49
N ALA D 217 -21.82 -12.56 16.66
CA ALA D 217 -23.09 -12.11 16.12
C ALA D 217 -22.93 -11.68 14.66
N ARG D 218 -21.77 -11.14 14.34
CA ARG D 218 -21.47 -10.65 12.99
C ARG D 218 -20.12 -11.20 12.55
N ILE D 219 -20.09 -11.72 11.33
CA ILE D 219 -18.85 -12.27 10.77
C ILE D 219 -18.78 -11.77 9.34
N ILE D 220 -17.86 -10.86 9.11
CA ILE D 220 -17.73 -10.17 7.84
C ILE D 220 -16.59 -10.80 7.05
N GLY D 221 -16.99 -11.43 5.93
CA GLY D 221 -15.92 -12.05 5.11
C GLY D 221 -15.38 -11.05 4.09
N VAL D 222 -14.08 -11.06 3.88
CA VAL D 222 -13.44 -10.15 2.93
C VAL D 222 -12.63 -10.94 1.88
N ASP D 223 -12.99 -10.82 0.59
CA ASP D 223 -12.17 -11.47 -0.44
C ASP D 223 -12.26 -10.66 -1.75
N ILE D 224 -11.22 -10.72 -2.55
CA ILE D 224 -11.32 -10.05 -3.87
C ILE D 224 -11.97 -10.95 -4.90
N ASN D 225 -12.27 -12.18 -4.50
CA ASN D 225 -12.96 -13.09 -5.42
C ASN D 225 -14.34 -13.30 -4.89
N LYS D 226 -15.34 -12.60 -5.48
CA LYS D 226 -16.71 -12.68 -5.01
C LYS D 226 -17.34 -14.05 -5.19
N ASP D 227 -16.75 -14.91 -6.04
CA ASP D 227 -17.26 -16.29 -6.14
C ASP D 227 -17.03 -17.05 -4.82
N LYS D 228 -16.17 -16.55 -3.93
CA LYS D 228 -16.00 -17.18 -2.63
C LYS D 228 -17.11 -16.84 -1.64
N PHE D 229 -17.99 -15.88 -1.93
CA PHE D 229 -18.92 -15.39 -0.93
C PHE D 229 -20.05 -16.33 -0.59
N ALA D 230 -20.55 -17.11 -1.58
CA ALA D 230 -21.71 -17.92 -1.25
C ALA D 230 -21.41 -18.94 -0.15
N LYS D 231 -20.28 -19.63 -0.29
CA LYS D 231 -19.84 -20.66 0.61
C LYS D 231 -19.43 -20.06 1.97
N ALA D 232 -18.87 -18.84 1.92
CA ALA D 232 -18.60 -18.18 3.21
C ALA D 232 -19.90 -17.92 3.95
N LYS D 233 -20.96 -17.51 3.24
CA LYS D 233 -22.23 -17.28 3.92
C LYS D 233 -22.86 -18.59 4.39
N GLU D 234 -22.66 -19.67 3.60
CA GLU D 234 -23.20 -20.96 4.03
C GLU D 234 -22.65 -21.41 5.38
N VAL D 235 -21.40 -21.16 5.71
CA VAL D 235 -20.76 -21.59 6.93
C VAL D 235 -20.77 -20.49 8.02
N GLY D 236 -21.45 -19.36 7.77
CA GLY D 236 -21.62 -18.44 8.93
C GLY D 236 -21.37 -16.96 8.64
N ALA D 237 -20.79 -16.60 7.51
CA ALA D 237 -20.59 -15.17 7.22
C ALA D 237 -21.95 -14.47 7.17
N THR D 238 -22.03 -13.34 7.93
CA THR D 238 -23.29 -12.61 7.86
C THR D 238 -23.27 -11.59 6.75
N GLU D 239 -22.12 -11.18 6.24
CA GLU D 239 -21.95 -10.21 5.18
C GLU D 239 -20.63 -10.54 4.48
N CYS D 240 -20.51 -10.13 3.22
CA CYS D 240 -19.20 -10.25 2.59
C CYS D 240 -18.88 -8.99 1.78
N VAL D 241 -17.62 -8.62 1.79
CA VAL D 241 -17.18 -7.44 1.08
C VAL D 241 -15.96 -7.69 0.21
N ASN D 242 -16.03 -7.11 -1.01
CA ASN D 242 -14.90 -7.16 -1.91
C ASN D 242 -14.24 -5.79 -1.96
N PRO D 243 -13.02 -5.67 -1.54
CA PRO D 243 -12.25 -4.42 -1.50
C PRO D 243 -12.16 -3.74 -2.86
N GLN D 244 -12.23 -4.52 -3.96
CA GLN D 244 -12.23 -3.94 -5.30
C GLN D 244 -13.48 -3.15 -5.63
N ASP D 245 -14.57 -3.38 -4.90
CA ASP D 245 -15.83 -2.71 -5.19
C ASP D 245 -15.80 -1.26 -4.67
N TYR D 246 -14.86 -0.93 -3.80
CA TYR D 246 -14.86 0.35 -3.12
C TYR D 246 -13.81 1.30 -3.67
N LYS D 247 -14.14 2.58 -3.58
CA LYS D 247 -13.23 3.67 -3.92
C LYS D 247 -12.47 4.17 -2.70
N LYS D 248 -12.51 3.50 -1.56
CA LYS D 248 -11.76 3.80 -0.36
C LYS D 248 -11.17 2.50 0.22
N PRO D 249 -10.18 2.62 1.06
CA PRO D 249 -9.53 1.50 1.73
C PRO D 249 -10.50 0.66 2.54
N ILE D 250 -10.41 -0.67 2.47
CA ILE D 250 -11.40 -1.50 3.19
C ILE D 250 -11.31 -1.34 4.69
N GLN D 251 -10.17 -1.04 5.30
CA GLN D 251 -10.18 -0.89 6.77
C GLN D 251 -11.12 0.23 7.19
N GLU D 252 -11.22 1.32 6.43
CA GLU D 252 -12.20 2.36 6.70
C GLU D 252 -13.63 1.86 6.58
N VAL D 253 -13.90 1.10 5.50
CA VAL D 253 -15.20 0.51 5.26
C VAL D 253 -15.57 -0.37 6.44
N LEU D 254 -14.67 -1.22 6.91
CA LEU D 254 -14.99 -2.17 7.97
C LEU D 254 -15.15 -1.43 9.32
N THR D 255 -14.36 -0.39 9.48
CA THR D 255 -14.50 0.41 10.73
C THR D 255 -15.86 1.09 10.70
N GLU D 256 -16.35 1.63 9.57
CA GLU D 256 -17.70 2.19 9.56
C GLU D 256 -18.77 1.12 9.72
N MET D 257 -18.62 -0.01 8.98
CA MET D 257 -19.62 -1.09 9.10
C MET D 257 -19.75 -1.56 10.54
N SER D 258 -18.64 -1.53 11.30
CA SER D 258 -18.57 -2.03 12.65
C SER D 258 -18.63 -0.90 13.70
N ASN D 259 -19.10 0.25 13.22
CA ASN D 259 -19.41 1.33 14.18
C ASN D 259 -18.19 1.61 15.04
N GLY D 260 -17.01 1.64 14.43
CA GLY D 260 -15.79 2.00 15.12
C GLY D 260 -14.73 0.92 15.28
N GLY D 261 -14.88 -0.21 14.55
CA GLY D 261 -13.81 -1.23 14.60
C GLY D 261 -14.36 -2.55 15.12
N VAL D 262 -13.84 -3.66 14.51
CA VAL D 262 -14.37 -4.99 14.87
C VAL D 262 -13.73 -5.50 16.15
N ASP D 263 -14.34 -6.48 16.78
CA ASP D 263 -13.73 -7.08 17.98
C ASP D 263 -12.53 -7.95 17.63
N PHE D 264 -12.68 -8.76 16.54
CA PHE D 264 -11.66 -9.71 16.16
C PHE D 264 -11.47 -9.70 14.61
N SER D 265 -10.22 -9.66 14.22
CA SER D 265 -9.95 -9.75 12.79
C SER D 265 -8.89 -10.82 12.59
N PHE D 266 -8.98 -11.42 11.38
CA PHE D 266 -8.09 -12.49 10.99
C PHE D 266 -7.50 -12.27 9.61
N GLU D 267 -6.20 -12.38 9.46
CA GLU D 267 -5.61 -12.35 8.11
C GLU D 267 -5.36 -13.83 7.73
N VAL D 268 -6.08 -14.19 6.65
CA VAL D 268 -5.97 -15.63 6.25
C VAL D 268 -5.68 -15.68 4.74
N ILE D 269 -4.73 -14.83 4.33
CA ILE D 269 -4.36 -14.73 2.92
C ILE D 269 -2.88 -14.97 2.77
N GLY D 270 -2.05 -14.12 3.41
CA GLY D 270 -0.61 -14.16 3.30
C GLY D 270 0.00 -12.96 2.58
N ARG D 271 -0.58 -11.76 2.90
CA ARG D 271 -0.04 -10.55 2.29
C ARG D 271 0.32 -9.56 3.43
N LEU D 272 1.46 -8.90 3.23
CA LEU D 272 1.82 -7.86 4.26
C LEU D 272 0.75 -6.82 4.38
N ASP D 273 0.20 -6.34 3.25
CA ASP D 273 -0.75 -5.24 3.29
C ASP D 273 -2.05 -5.59 3.96
N THR D 274 -2.52 -6.83 3.81
CA THR D 274 -3.75 -7.26 4.47
C THR D 274 -3.46 -7.56 5.96
N MET D 275 -2.26 -7.90 6.34
CA MET D 275 -1.94 -8.04 7.78
C MET D 275 -2.12 -6.65 8.43
N VAL D 276 -1.58 -5.61 7.80
CA VAL D 276 -1.74 -4.26 8.44
C VAL D 276 -3.15 -3.75 8.39
N THR D 277 -3.90 -3.97 7.30
CA THR D 277 -5.31 -3.66 7.18
C THR D 277 -6.15 -4.38 8.20
N ALA D 278 -5.84 -5.70 8.38
CA ALA D 278 -6.61 -6.45 9.37
C ALA D 278 -6.33 -5.92 10.80
N LEU D 279 -5.13 -5.56 11.10
CA LEU D 279 -4.85 -4.99 12.47
C LEU D 279 -5.60 -3.66 12.63
N SER D 280 -5.52 -2.87 11.56
CA SER D 280 -6.15 -1.54 11.63
C SER D 280 -7.62 -1.58 11.83
N CYS D 281 -8.35 -2.52 11.21
CA CYS D 281 -9.77 -2.61 11.27
C CYS D 281 -10.32 -3.15 12.58
N CYS D 282 -9.51 -3.60 13.53
CA CYS D 282 -10.05 -3.98 14.84
C CYS D 282 -10.09 -2.71 15.77
N GLN D 283 -11.03 -2.76 16.67
CA GLN D 283 -11.26 -1.55 17.54
C GLN D 283 -9.97 -1.18 18.24
N GLU D 284 -9.60 0.14 18.23
CA GLU D 284 -8.29 0.55 18.65
C GLU D 284 -7.97 0.34 20.13
N ALA D 285 -8.97 0.19 21.00
CA ALA D 285 -8.67 0.04 22.41
C ALA D 285 -8.70 -1.40 22.90
N TYR D 286 -9.55 -2.22 22.24
CA TYR D 286 -9.68 -3.60 22.75
C TYR D 286 -9.66 -4.67 21.63
N GLY D 287 -9.52 -4.24 20.41
CA GLY D 287 -9.62 -5.24 19.32
C GLY D 287 -8.43 -6.18 19.39
N VAL D 288 -8.67 -7.35 18.72
CA VAL D 288 -7.62 -8.37 18.61
C VAL D 288 -7.53 -8.81 17.12
N SER D 289 -6.32 -8.85 16.64
CA SER D 289 -6.12 -9.30 15.23
C SER D 289 -5.12 -10.47 15.23
N VAL D 290 -5.52 -11.54 14.49
CA VAL D 290 -4.64 -12.72 14.40
C VAL D 290 -4.11 -12.95 12.98
N ILE D 291 -2.82 -13.08 12.86
CA ILE D 291 -2.22 -13.39 11.55
C ILE D 291 -2.23 -14.94 11.41
N VAL D 292 -2.76 -15.35 10.27
CA VAL D 292 -2.83 -16.81 10.00
C VAL D 292 -2.15 -17.06 8.64
N GLY D 293 -2.32 -16.10 7.72
CA GLY D 293 -1.65 -16.27 6.39
C GLY D 293 -0.15 -16.21 6.46
N VAL D 294 0.50 -16.98 5.52
CA VAL D 294 1.95 -17.00 5.41
C VAL D 294 2.42 -15.98 4.40
N PRO D 295 3.22 -15.01 4.80
CA PRO D 295 3.73 -14.00 3.88
C PRO D 295 4.96 -14.48 3.12
N PRO D 296 5.34 -13.73 2.11
CA PRO D 296 6.51 -13.98 1.30
C PRO D 296 7.76 -14.00 2.13
N ASP D 297 8.61 -15.00 1.94
CA ASP D 297 9.86 -15.13 2.63
C ASP D 297 10.71 -13.88 2.76
N SER D 298 11.06 -13.60 4.02
CA SER D 298 12.05 -12.59 4.34
C SER D 298 11.53 -11.17 4.12
N GLN D 299 10.28 -10.95 3.88
CA GLN D 299 9.81 -9.59 3.68
C GLN D 299 9.20 -9.01 4.97
N ASN D 300 9.56 -7.75 5.22
CA ASN D 300 9.01 -7.06 6.41
C ASN D 300 7.82 -6.19 6.05
N LEU D 301 6.88 -6.09 6.97
CA LEU D 301 5.77 -5.16 6.86
C LEU D 301 6.20 -3.84 7.57
N SER D 302 5.47 -2.82 7.19
CA SER D 302 5.64 -1.49 7.81
C SER D 302 4.35 -1.12 8.47
N MET D 303 4.36 -0.63 9.77
CA MET D 303 3.16 -0.30 10.49
C MET D 303 3.52 0.77 11.57
N ASN D 304 2.48 1.49 11.95
CA ASN D 304 2.60 2.52 12.99
C ASN D 304 2.28 1.86 14.33
N PRO D 305 3.21 1.88 15.26
CA PRO D 305 3.08 1.26 16.57
C PRO D 305 2.02 1.94 17.40
N MET D 306 1.51 3.14 17.00
CA MET D 306 0.37 3.71 17.71
C MET D 306 -0.86 2.86 17.59
N LEU D 307 -0.91 1.96 16.52
CA LEU D 307 -2.07 1.09 16.47
C LEU D 307 -2.11 0.10 17.65
N LEU D 308 -0.97 -0.22 18.20
CA LEU D 308 -0.92 -1.11 19.36
C LEU D 308 -0.98 -0.27 20.66
N LEU D 309 -0.29 0.89 20.66
CA LEU D 309 -0.32 1.67 21.94
C LEU D 309 -1.70 2.01 22.42
N SER D 310 -2.71 2.24 21.58
CA SER D 310 -4.08 2.51 22.00
C SER D 310 -4.73 1.36 22.73
N GLY D 311 -4.20 0.13 22.48
CA GLY D 311 -4.78 -1.01 23.17
C GLY D 311 -4.86 -2.28 22.30
N ARG D 312 -4.76 -2.15 20.98
CA ARG D 312 -4.93 -3.42 20.23
C ARG D 312 -3.94 -4.50 20.69
N THR D 313 -4.35 -5.75 20.33
CA THR D 313 -3.53 -6.94 20.55
C THR D 313 -3.32 -7.62 19.16
N TRP D 314 -2.07 -7.87 18.85
CA TRP D 314 -1.85 -8.53 17.52
C TRP D 314 -1.14 -9.83 17.88
N LYS D 315 -1.54 -10.89 17.20
CA LYS D 315 -0.78 -12.13 17.48
C LYS D 315 -0.88 -12.95 16.19
N GLY D 316 -0.12 -14.04 16.18
CA GLY D 316 -0.27 -14.99 15.06
C GLY D 316 -0.21 -16.42 15.69
N ALA D 317 -0.41 -17.43 14.80
CA ALA D 317 -0.21 -18.78 15.36
C ALA D 317 0.10 -19.70 14.14
N ILE D 318 0.67 -20.84 14.50
CA ILE D 318 0.75 -21.97 13.54
C ILE D 318 -0.26 -23.04 13.97
N PHE D 319 -1.02 -23.61 13.06
CA PHE D 319 -1.93 -24.72 13.31
C PHE D 319 -2.99 -24.43 14.35
N GLY D 320 -3.50 -23.16 14.35
CA GLY D 320 -4.61 -22.81 15.21
C GLY D 320 -4.20 -22.78 16.69
N GLY D 321 -2.95 -22.83 17.02
CA GLY D 321 -2.54 -22.89 18.44
C GLY D 321 -2.77 -24.23 19.13
N PHE D 322 -3.14 -25.26 18.37
CA PHE D 322 -3.36 -26.57 19.00
C PHE D 322 -2.07 -27.34 19.18
N LYS D 323 -1.83 -27.82 20.43
CA LYS D 323 -0.78 -28.81 20.66
C LYS D 323 -1.17 -30.04 19.80
N SER D 324 -0.33 -30.35 18.84
CA SER D 324 -0.82 -31.15 17.72
C SER D 324 -1.15 -32.62 18.06
N LYS D 325 -0.26 -33.23 18.81
CA LYS D 325 -0.54 -34.68 19.04
C LYS D 325 -1.65 -34.90 20.04
N ASP D 326 -1.77 -33.96 21.02
CA ASP D 326 -2.94 -33.99 21.86
C ASP D 326 -4.21 -33.61 21.17
N SER D 327 -4.22 -32.58 20.30
CA SER D 327 -5.51 -32.13 19.79
C SER D 327 -6.09 -32.84 18.56
N VAL D 328 -5.19 -33.32 17.71
CA VAL D 328 -5.69 -33.97 16.47
C VAL D 328 -6.67 -35.09 16.75
N PRO D 329 -6.37 -36.01 17.67
CA PRO D 329 -7.32 -37.08 17.94
C PRO D 329 -8.65 -36.63 18.48
N LYS D 330 -8.62 -35.59 19.35
CA LYS D 330 -9.83 -35.03 19.93
C LYS D 330 -10.63 -34.29 18.88
N LEU D 331 -9.92 -33.60 17.95
CA LEU D 331 -10.70 -32.99 16.84
C LEU D 331 -11.41 -34.02 15.98
N VAL D 332 -10.76 -35.14 15.67
CA VAL D 332 -11.38 -36.23 14.92
C VAL D 332 -12.56 -36.79 15.70
N ALA D 333 -12.35 -37.02 17.00
CA ALA D 333 -13.46 -37.47 17.84
C ALA D 333 -14.64 -36.50 17.78
N ASP D 334 -14.36 -35.20 17.87
CA ASP D 334 -15.46 -34.22 17.73
C ASP D 334 -16.15 -34.21 16.39
N PHE D 335 -15.41 -34.42 15.29
CA PHE D 335 -15.99 -34.57 13.96
C PHE D 335 -16.90 -35.80 13.94
N MET D 336 -16.43 -36.89 14.58
CA MET D 336 -17.24 -38.11 14.58
C MET D 336 -18.55 -37.93 15.31
N ALA D 337 -18.59 -37.03 16.31
CA ALA D 337 -19.75 -36.71 17.10
C ALA D 337 -20.53 -35.53 16.56
N LYS D 338 -20.25 -35.14 15.31
CA LYS D 338 -20.96 -34.14 14.55
C LYS D 338 -20.89 -32.76 15.19
N LYS D 339 -19.74 -32.44 15.76
CA LYS D 339 -19.56 -31.14 16.41
C LYS D 339 -19.17 -30.05 15.41
N PHE D 340 -18.69 -30.48 14.24
CA PHE D 340 -18.38 -29.51 13.18
C PHE D 340 -18.43 -30.32 11.87
N ALA D 341 -18.56 -29.60 10.78
CA ALA D 341 -18.64 -30.18 9.45
C ALA D 341 -17.37 -29.91 8.68
N LEU D 342 -16.97 -30.83 7.80
CA LEU D 342 -15.81 -30.74 6.95
C LEU D 342 -16.17 -30.74 5.46
N ASP D 343 -17.35 -31.28 5.07
CA ASP D 343 -17.77 -31.22 3.68
C ASP D 343 -17.84 -29.84 3.02
N PRO D 344 -18.17 -28.78 3.76
CA PRO D 344 -18.27 -27.45 3.14
C PRO D 344 -16.94 -26.98 2.62
N LEU D 345 -15.80 -27.52 3.03
CA LEU D 345 -14.48 -27.14 2.57
C LEU D 345 -14.12 -27.90 1.28
N ILE D 346 -14.73 -29.09 1.08
CA ILE D 346 -14.22 -29.97 0.00
C ILE D 346 -14.95 -29.74 -1.30
N THR D 347 -14.29 -29.17 -2.30
CA THR D 347 -15.06 -28.87 -3.52
C THR D 347 -14.73 -29.87 -4.63
N HIS D 348 -13.54 -30.42 -4.54
CA HIS D 348 -13.09 -31.36 -5.60
C HIS D 348 -12.43 -32.57 -4.98
N VAL D 349 -12.52 -33.73 -5.66
CA VAL D 349 -11.81 -34.92 -5.17
C VAL D 349 -11.16 -35.58 -6.41
N LEU D 350 -9.88 -35.71 -6.46
CA LEU D 350 -9.14 -36.27 -7.58
C LEU D 350 -8.26 -37.40 -7.10
N PRO D 351 -7.93 -38.35 -7.97
CA PRO D 351 -6.90 -39.32 -7.65
C PRO D 351 -5.61 -38.56 -7.54
N PHE D 352 -4.68 -39.06 -6.75
CA PHE D 352 -3.36 -38.52 -6.51
C PHE D 352 -2.56 -38.17 -7.74
N GLU D 353 -2.64 -39.03 -8.80
CA GLU D 353 -1.81 -38.75 -9.97
C GLU D 353 -2.27 -37.51 -10.73
N LYS D 354 -3.41 -36.94 -10.43
CA LYS D 354 -3.93 -35.69 -10.96
C LYS D 354 -3.63 -34.47 -10.05
N ILE D 355 -2.56 -34.59 -9.28
CA ILE D 355 -2.11 -33.53 -8.39
C ILE D 355 -1.93 -32.18 -9.10
N ASN D 356 -1.35 -32.17 -10.30
CA ASN D 356 -1.18 -30.87 -10.98
C ASN D 356 -2.51 -30.24 -11.36
N GLU D 357 -3.54 -30.97 -11.74
CA GLU D 357 -4.87 -30.47 -11.97
C GLU D 357 -5.47 -29.87 -10.68
N GLY D 358 -5.23 -30.54 -9.57
CA GLY D 358 -5.66 -30.03 -8.25
C GLY D 358 -5.00 -28.68 -7.98
N PHE D 359 -3.74 -28.52 -8.27
CA PHE D 359 -3.10 -27.21 -8.06
C PHE D 359 -3.57 -26.21 -9.09
N ASP D 360 -3.90 -26.63 -10.31
CA ASP D 360 -4.45 -25.68 -11.26
C ASP D 360 -5.76 -25.15 -10.72
N LEU D 361 -6.60 -25.99 -10.14
CA LEU D 361 -7.88 -25.61 -9.61
C LEU D 361 -7.70 -24.58 -8.48
N LEU D 362 -6.72 -24.82 -7.63
CA LEU D 362 -6.48 -23.86 -6.53
C LEU D 362 -6.03 -22.52 -7.12
N ARG D 363 -5.13 -22.52 -8.07
CA ARG D 363 -4.54 -21.29 -8.59
C ARG D 363 -5.55 -20.50 -9.41
N SER D 364 -6.51 -21.15 -10.05
CA SER D 364 -7.50 -20.41 -10.84
C SER D 364 -8.57 -19.77 -9.97
N GLY D 365 -8.67 -20.16 -8.69
CA GLY D 365 -9.68 -19.60 -7.81
C GLY D 365 -10.90 -20.44 -7.69
N GLU D 366 -10.96 -21.54 -8.46
CA GLU D 366 -12.17 -22.35 -8.55
C GLU D 366 -12.39 -23.29 -7.38
N SER D 367 -11.36 -23.69 -6.67
CA SER D 367 -11.59 -24.66 -5.59
C SER D 367 -11.38 -24.06 -4.18
N ILE D 368 -11.89 -24.83 -3.22
CA ILE D 368 -11.48 -24.58 -1.83
C ILE D 368 -10.44 -25.68 -1.51
N ARG D 369 -10.92 -26.86 -1.12
CA ARG D 369 -9.96 -27.93 -0.96
C ARG D 369 -10.26 -29.03 -2.03
N THR D 370 -9.20 -29.41 -2.69
CA THR D 370 -9.24 -30.64 -3.51
C THR D 370 -8.61 -31.68 -2.56
N ILE D 371 -9.22 -32.83 -2.40
CA ILE D 371 -8.66 -33.96 -1.66
C ILE D 371 -8.13 -34.95 -2.76
N LEU D 372 -6.87 -35.29 -2.62
CA LEU D 372 -6.25 -36.28 -3.51
C LEU D 372 -6.34 -37.65 -2.82
N THR D 373 -6.85 -38.63 -3.60
CA THR D 373 -7.05 -39.94 -2.99
C THR D 373 -6.11 -40.96 -3.64
N PHE D 374 -5.69 -41.91 -2.80
CA PHE D 374 -4.62 -42.83 -3.20
C PHE D 374 -5.09 -44.22 -3.62
ZN ZN E . 3.21 10.55 31.41
ZN ZN F . -15.75 6.77 27.25
PA NAD G . 12.67 8.16 30.92
O1A NAD G . 13.30 9.01 29.91
O2A NAD G . 12.83 8.47 32.41
O5B NAD G . 13.24 6.66 30.86
C5B NAD G . 13.55 5.98 29.58
C4B NAD G . 14.74 5.11 29.87
O4B NAD G . 15.16 4.58 28.54
C3B NAD G . 16.04 5.91 30.29
O3B NAD G . 16.49 5.40 31.65
C2B NAD G . 17.10 5.72 29.25
O2B NAD G . 18.39 5.63 29.61
C1B NAD G . 16.54 4.43 28.59
N9A NAD G . 16.97 4.35 27.22
C8A NAD G . 17.13 5.24 26.20
N7A NAD G . 17.56 4.74 25.05
C5A NAD G . 17.70 3.42 25.27
C6A NAD G . 18.15 2.32 24.38
N6A NAD G . 18.48 2.48 23.12
N1A NAD G . 18.11 1.13 25.02
C2A NAD G . 17.79 0.85 26.28
N3A NAD G . 17.39 1.86 27.17
C4A NAD G . 17.34 3.12 26.60
O3 NAD G . 11.15 8.00 30.65
PN NAD G . 9.80 7.58 31.29
O1N NAD G . 9.13 8.75 31.91
O2N NAD G . 10.01 6.38 32.15
O5D NAD G . 8.80 7.18 30.09
C5D NAD G . 9.32 6.05 29.29
C4D NAD G . 8.60 6.07 27.98
O4D NAD G . 7.16 5.74 28.22
C3D NAD G . 8.51 7.44 27.23
O3D NAD G . 8.57 7.23 25.81
C2D NAD G . 7.16 8.09 27.62
O2D NAD G . 6.65 8.96 26.65
C1D NAD G . 6.27 6.81 27.69
N1N NAD G . 4.99 6.78 28.47
C2N NAD G . 3.87 6.13 28.01
C3N NAD G . 2.77 6.13 28.78
C7N NAD G . 1.53 5.40 28.30
O7N NAD G . 0.40 5.54 28.72
N7N NAD G . 1.85 4.42 27.31
C4N NAD G . 2.69 6.76 30.09
C5N NAD G . 3.90 7.34 30.47
C6N NAD G . 5.01 7.38 29.75
S1 SSB H . 1.21 9.95 29.09
C2 SSB H . 1.10 8.79 27.67
C3 SSB H . 1.31 9.71 26.40
C4 SSB H . 0.39 10.92 26.73
C5 SSB H . 0.91 11.45 28.12
O6 SSB H . 2.64 10.00 29.33
C7 SSB H . 0.67 8.97 25.18
C8 SSB H . 1.03 9.69 23.85
C9 SSB H . 0.50 8.83 22.65
C10 SSB H . 0.93 9.48 21.30
ZN ZN I . 3.44 28.25 -8.82
ZN ZN J . -15.55 23.61 -11.55
PA NAD K . 12.96 26.29 -10.03
O1A NAD K . 13.53 27.15 -11.09
O2A NAD K . 13.27 26.61 -8.56
O5B NAD K . 13.56 24.78 -10.08
C5B NAD K . 13.86 24.11 -11.35
C4B NAD K . 15.16 23.43 -11.21
O4B NAD K . 15.46 22.84 -12.56
C3B NAD K . 16.45 24.21 -10.90
O3B NAD K . 17.00 23.82 -9.59
C2B NAD K . 17.43 24.08 -12.05
O2B NAD K . 18.76 24.07 -11.79
C1B NAD K . 16.86 22.78 -12.64
N9A NAD K . 17.15 22.66 -14.04
C8A NAD K . 17.11 23.55 -15.11
N7A NAD K . 17.45 23.02 -16.29
C5A NAD K . 17.73 21.76 -16.04
C6A NAD K . 18.14 20.64 -16.93
N6A NAD K . 18.33 20.82 -18.22
N1A NAD K . 18.31 19.49 -16.26
C2A NAD K . 18.15 19.21 -14.97
N3A NAD K . 17.76 20.24 -14.08
C4A NAD K . 17.55 21.46 -14.67
O3 NAD K . 11.46 26.07 -10.14
PN NAD K . 10.12 25.60 -9.36
O1N NAD K . 9.50 26.78 -8.73
O2N NAD K . 10.47 24.43 -8.50
O5D NAD K . 9.09 25.19 -10.52
C5D NAD K . 9.55 23.96 -11.29
C4D NAD K . 8.73 23.92 -12.50
O4D NAD K . 7.32 23.57 -12.18
C3D NAD K . 8.54 25.30 -13.28
O3D NAD K . 8.48 25.05 -14.69
C2D NAD K . 7.19 25.88 -12.87
O2D NAD K . 6.54 26.70 -13.80
C1D NAD K . 6.41 24.56 -12.69
N1N NAD K . 5.17 24.48 -11.84
C2N NAD K . 4.06 23.77 -12.17
C3N NAD K . 3.05 23.75 -11.32
C7N NAD K . 1.78 22.95 -11.67
O7N NAD K . 0.64 23.05 -11.22
N7N NAD K . 2.05 21.92 -12.63
C4N NAD K . 3.01 24.42 -10.03
C5N NAD K . 4.23 25.05 -9.76
C6N NAD K . 5.29 25.12 -10.58
S1 SSB L . 1.29 27.48 -10.98
C2 SSB L . 1.19 26.28 -12.36
C3 SSB L . 1.18 27.13 -13.69
C4 SSB L . 0.27 28.33 -13.30
C5 SSB L . 0.79 28.92 -11.95
O6 SSB L . 2.70 27.62 -10.78
C7 SSB L . 0.43 26.32 -14.81
C8 SSB L . 0.59 27.11 -16.17
C9 SSB L . -0.06 26.21 -17.29
C10 SSB L . -0.08 26.93 -18.67
ZN ZN M . -1.29 -9.15 -33.74
ZN ZN N . 9.98 -12.26 -17.81
PA NAD O . -7.03 -3.45 -39.11
O1A NAD O . -6.24 -2.87 -40.22
O2A NAD O . -8.03 -4.53 -39.20
O5B NAD O . -7.91 -2.26 -38.43
C5B NAD O . -7.40 -0.87 -38.64
C4B NAD O . -8.64 -0.04 -38.83
O4B NAD O . -8.09 1.35 -38.95
C3B NAD O . -9.32 -0.28 -40.23
O3B NAD O . -10.72 -0.66 -40.06
C2B NAD O . -9.13 0.99 -41.06
O2B NAD O . -10.20 1.30 -41.85
C1B NAD O . -9.00 1.98 -39.86
N9A NAD O . -8.28 3.16 -40.25
C8A NAD O . -7.16 3.38 -41.01
N7A NAD O . -6.76 4.62 -41.10
C5A NAD O . -7.64 5.34 -40.40
C6A NAD O . -7.70 6.80 -40.14
N6A NAD O . -6.87 7.69 -40.62
N1A NAD O . -8.75 7.11 -39.35
C2A NAD O . -9.67 6.32 -38.81
N3A NAD O . -9.64 4.92 -39.01
C4A NAD O . -8.59 4.49 -39.82
O3 NAD O . -5.97 -3.72 -37.96
PN NAD O . -6.02 -4.61 -36.56
O1N NAD O . -5.50 -5.98 -36.82
O2N NAD O . -7.32 -4.40 -35.95
O5D NAD O . -4.80 -3.93 -35.78
C5D NAD O . -4.96 -2.51 -35.37
C4D NAD O . -3.65 -1.89 -35.11
O4D NAD O . -3.22 -2.53 -33.79
C3D NAD O . -2.41 -2.12 -36.02
O3D NAD O . -1.53 -1.04 -36.11
C2D NAD O . -1.68 -3.37 -35.43
O2D NAD O . -0.34 -3.47 -35.70
C1D NAD O . -1.85 -2.97 -33.90
N1N NAD O . -1.80 -4.14 -32.89
C2N NAD O . -1.17 -3.89 -31.69
C3N NAD O . -1.21 -4.91 -30.81
C7N NAD O . -0.53 -4.63 -29.43
O7N NAD O . -0.18 -5.54 -28.71
N7N NAD O . -0.38 -3.33 -29.07
C4N NAD O . -1.83 -6.18 -31.01
C5N NAD O . -2.52 -6.28 -32.25
C6N NAD O . -2.50 -5.29 -33.19
S1 SSB P . 1.10 -8.04 -32.13
C2 SSB P . 1.66 -6.43 -31.44
C3 SSB P . 2.89 -6.05 -32.35
C4 SSB P . 3.70 -7.37 -32.46
C5 SSB P . 2.65 -8.42 -32.99
O6 SSB P . 0.22 -7.65 -33.21
C7 SSB P . 3.72 -4.94 -31.65
C8 SSB P . 4.97 -4.52 -32.50
C9 SSB P . 5.45 -3.11 -32.06
C10 SSB P . 6.74 -2.70 -32.86
ZN ZN Q . -1.54 -26.12 5.36
ZN ZN R . 8.28 -29.98 21.99
PA NAD S . -6.55 -20.01 -0.42
O1A NAD S . -5.56 -19.47 -1.37
O2A NAD S . -7.61 -21.06 -0.60
O5B NAD S . -7.36 -18.75 0.19
C5B NAD S . -6.77 -17.40 0.12
C4B NAD S . -7.93 -16.50 -0.19
O4B NAD S . -7.31 -15.13 -0.24
C3B NAD S . -8.51 -16.65 -1.65
O3B NAD S . -9.91 -17.00 -1.61
C2B NAD S . -8.23 -15.37 -2.42
O2B NAD S . -9.16 -15.01 -3.37
C1B NAD S . -8.10 -14.43 -1.18
N9A NAD S . -7.26 -13.30 -1.49
C8A NAD S . -6.07 -13.15 -2.16
N7A NAD S . -5.57 -11.93 -2.23
C5A NAD S . -6.45 -11.18 -1.57
C6A NAD S . -6.44 -9.72 -1.31
N6A NAD S . -5.49 -8.90 -1.71
N1A NAD S . -7.54 -9.37 -0.60
C2A NAD S . -8.56 -10.08 -0.14
N3A NAD S . -8.58 -11.49 -0.36
C4A NAD S . -7.52 -11.96 -1.09
O3 NAD S . -5.60 -20.42 0.74
PN NAD S . -5.77 -21.20 2.19
O1N NAD S . -5.38 -22.64 1.96
O2N NAD S . -7.07 -20.88 2.73
O5D NAD S . -4.55 -20.58 2.98
C5D NAD S . -4.70 -19.17 3.46
C4D NAD S . -3.42 -18.69 3.95
O4D NAD S . -3.10 -19.41 5.26
C3D NAD S . -2.12 -18.99 3.13
O3D NAD S . -1.12 -18.03 3.15
C2D NAD S . -1.53 -20.33 3.72
O2D NAD S . -0.19 -20.45 3.51
C1D NAD S . -1.76 -19.95 5.23
N1N NAD S . -1.83 -21.13 6.21
C2N NAD S . -1.24 -20.91 7.44
C3N NAD S . -1.38 -21.91 8.32
C7N NAD S . -0.76 -21.67 9.73
O7N NAD S . -0.56 -22.61 10.48
N7N NAD S . -0.58 -20.37 10.15
C4N NAD S . -2.04 -23.17 8.12
C5N NAD S . -2.63 -23.24 6.82
C6N NAD S . -2.56 -22.23 5.87
S1 SSB T . 0.83 -25.19 7.17
C2 SSB T . 1.41 -23.61 7.92
C3 SSB T . 2.69 -23.25 7.12
C4 SSB T . 3.48 -24.58 6.96
C5 SSB T . 2.43 -25.61 6.43
O6 SSB T . 0.08 -24.70 6.00
C7 SSB T . 3.54 -22.23 7.93
C8 SSB T . 4.80 -21.81 7.12
C9 SSB T . 5.56 -20.69 7.90
C10 SSB T . 6.93 -20.35 7.28
#